data_5ZU3
#
_entry.id   5ZU3
#
_cell.length_a   155.462
_cell.length_b   156.853
_cell.length_c   184.947
_cell.angle_alpha   90.00
_cell.angle_beta   90.00
_cell.angle_gamma   90.00
#
_symmetry.space_group_name_H-M   'C 2 2 21'
#
loop_
_entity.id
_entity.type
_entity.pdbx_description
1 polymer 'Formate oxidase'
2 non-polymer '[(2R,3S,4R,5R)-5-(6-amino-9H-purin-9-yl)-3,4-dihydroxytetrahydrofuran-2-yl]methyl (2R,3S,4S)-5-(8-formyl-7-methyl-2,4-dioxo-3,4-dihydrobenzo[g]pteridin-10(2H)-yl)-2,3,4-trihydroxypentyl dihydrogen diphosphate'
3 non-polymer (4S)-2-METHYL-2,4-PENTANEDIOL
4 non-polymer 'ACETATE ION'
5 water water
#
_entity_poly.entity_id   1
_entity_poly.type   'polypeptide(L)'
_entity_poly.pdbx_seq_one_letter_code
;ATDGSHFDFVIVGGGTAGNTVAGRLAENPNVTVLIVEAGIGNPEDIPEITTPSSAMDLRNSKYDWAYKTTMVRRDDYERI
EKPNTRGKTLGGSSSLNYFTWVPGHKATFDQWEEFGGKEWTWDPLVPYLRKSATYHDDPRLYSPELEKIGGGGPIPISHA
ELIDEMAPFRENLTKAWKSMGQPLIENIYDGEMDGLTHCCDTIYRGQRSGSFLFVKNKPNITIVPEVHSKRLIINEADRT
CKGVTVVTAAGNELNFFADREVILSQGVFETPKLLMLSGIGPTRELSRHGINTIVDSRHVGQNLMDHPGVPFVLRVKDGF
GMDDVLLRHGPKRDAVVSAYNKNRSGPVGSGLLELVGFPRIDKYLEKDAEYRKAKAANGGKDPFSPLGQPHFELDFVCMF
GTAFQWHFPTPKTGDHLTVVVDLVRPISDPGEVTLNSADPFQQPNINLNFFANDLDIIAMREGIRFSYDLLFKGEGFKDL
VESEYPWEMPLDSDKEMHRAVLDRCQTAFHPTGTARLSKNIDQGVVDPKLKVHGIKKLRVADASVIPIIPDCKIQNSVYA
VGEKCADMIKAEHKDLY
;
_entity_poly.pdbx_strand_id   A,B,C
#
loop_
_chem_comp.id
_chem_comp.type
_chem_comp.name
_chem_comp.formula
ACT non-polymer 'ACETATE ION' 'C2 H3 O2 -1'
FAY non-polymer '[(2R,3S,4R,5R)-5-(6-amino-9H-purin-9-yl)-3,4-dihydroxytetrahydrofuran-2-yl]methyl (2R,3S,4S)-5-(8-formyl-7-methyl-2,4-dioxo-3,4-dihydrobenzo[g]pteridin-10(2H)-yl)-2,3,4-trihydroxypentyl dihydrogen diphosphate' 'C27 H31 N9 O16 P2'
MPD non-polymer (4S)-2-METHYL-2,4-PENTANEDIOL 'C6 H14 O2'
#
# COMPACT_ATOMS: atom_id res chain seq x y z
N ALA A 1 -14.42 -1.22 0.65
CA ALA A 1 -13.50 -2.32 0.36
C ALA A 1 -12.21 -2.12 1.14
N THR A 2 -11.76 -3.17 1.80
CA THR A 2 -10.60 -3.02 2.66
C THR A 2 -9.30 -3.13 1.87
N ASP A 3 -8.36 -2.25 2.20
CA ASP A 3 -7.05 -2.21 1.58
C ASP A 3 -6.38 -3.59 1.67
N GLY A 4 -5.76 -4.01 0.56
CA GLY A 4 -5.05 -5.26 0.52
C GLY A 4 -5.89 -6.47 0.20
N SER A 5 -7.18 -6.27 -0.13
CA SER A 5 -8.09 -7.39 -0.32
C SER A 5 -7.72 -8.23 -1.53
N HIS A 6 -8.03 -9.51 -1.42
CA HIS A 6 -7.82 -10.47 -2.48
C HIS A 6 -9.17 -10.80 -3.10
N PHE A 7 -9.18 -10.95 -4.41
CA PHE A 7 -10.35 -11.41 -5.14
C PHE A 7 -9.84 -12.45 -6.14
N ASP A 8 -10.74 -13.31 -6.63
CA ASP A 8 -10.32 -14.22 -7.69
C ASP A 8 -9.88 -13.44 -8.92
N PHE A 9 -10.69 -12.50 -9.38
CA PHE A 9 -10.39 -11.74 -10.58
C PHE A 9 -10.55 -10.24 -10.32
N VAL A 10 -9.59 -9.46 -10.82
CA VAL A 10 -9.64 -8.01 -10.68
C VAL A 10 -9.71 -7.43 -12.08
N ILE A 11 -10.78 -6.68 -12.35
CA ILE A 11 -10.97 -5.94 -13.58
C ILE A 11 -10.64 -4.48 -13.30
N VAL A 12 -9.68 -3.95 -14.06
CA VAL A 12 -9.22 -2.57 -13.92
C VAL A 12 -9.91 -1.74 -15.00
N GLY A 13 -10.94 -0.99 -14.61
CA GLY A 13 -11.72 -0.22 -15.56
C GLY A 13 -13.11 -0.83 -15.78
N GLY A 14 -14.15 -0.26 -15.18
CA GLY A 14 -15.50 -0.77 -15.33
C GLY A 14 -16.18 -0.29 -16.60
N GLY A 15 -15.55 -0.49 -17.73
CA GLY A 15 -16.07 0.02 -18.99
C GLY A 15 -16.86 -1.00 -19.76
N THR A 16 -16.79 -0.88 -21.09
CA THR A 16 -17.61 -1.69 -21.97
C THR A 16 -17.20 -3.15 -21.92
N ALA A 17 -15.92 -3.45 -22.21
CA ALA A 17 -15.45 -4.83 -22.11
C ALA A 17 -15.23 -5.27 -20.67
N GLY A 18 -14.85 -4.34 -19.80
CA GLY A 18 -14.54 -4.70 -18.42
C GLY A 18 -15.74 -5.24 -17.66
N ASN A 19 -16.87 -4.56 -17.77
CA ASN A 19 -18.07 -5.06 -17.10
C ASN A 19 -18.53 -6.35 -17.73
N THR A 20 -18.33 -6.51 -19.05
CA THR A 20 -18.69 -7.76 -19.71
C THR A 20 -17.89 -8.92 -19.11
N VAL A 21 -16.56 -8.78 -19.05
CA VAL A 21 -15.72 -9.83 -18.49
C VAL A 21 -16.11 -10.08 -17.03
N ALA A 22 -16.29 -9.00 -16.27
CA ALA A 22 -16.60 -9.12 -14.85
C ALA A 22 -17.94 -9.82 -14.61
N GLY A 23 -19.00 -9.39 -15.31
CA GLY A 23 -20.31 -10.03 -15.10
C GLY A 23 -20.32 -11.49 -15.50
N ARG A 24 -19.62 -11.84 -16.58
CA ARG A 24 -19.52 -13.21 -17.04
C ARG A 24 -18.77 -14.07 -16.03
N LEU A 25 -17.65 -13.55 -15.50
CA LEU A 25 -16.91 -14.36 -14.54
C LEU A 25 -17.69 -14.54 -13.24
N ALA A 26 -18.57 -13.60 -12.91
CA ALA A 26 -19.38 -13.74 -11.70
C ALA A 26 -20.55 -14.71 -11.86
N GLU A 27 -20.73 -15.36 -13.01
CA GLU A 27 -21.86 -16.27 -13.16
C GLU A 27 -21.68 -17.54 -12.33
N ASN A 28 -20.45 -17.85 -11.91
CA ASN A 28 -20.27 -18.74 -10.77
C ASN A 28 -20.38 -17.85 -9.55
N PRO A 29 -21.48 -17.91 -8.79
CA PRO A 29 -21.64 -16.97 -7.66
C PRO A 29 -20.60 -17.16 -6.56
N ASN A 30 -19.81 -18.22 -6.61
CA ASN A 30 -18.75 -18.43 -5.64
C ASN A 30 -17.46 -17.70 -6.00
N VAL A 31 -17.31 -17.26 -7.25
CA VAL A 31 -16.09 -16.58 -7.71
C VAL A 31 -16.17 -15.11 -7.30
N THR A 32 -15.11 -14.59 -6.67
CA THR A 32 -15.08 -13.20 -6.26
C THR A 32 -14.43 -12.35 -7.34
N VAL A 33 -15.12 -11.28 -7.72
CA VAL A 33 -14.69 -10.37 -8.79
C VAL A 33 -14.72 -8.94 -8.23
N LEU A 34 -13.64 -8.20 -8.44
CA LEU A 34 -13.57 -6.80 -8.05
C LEU A 34 -13.48 -5.96 -9.32
N ILE A 35 -14.19 -4.83 -9.34
CA ILE A 35 -14.08 -3.84 -10.39
C ILE A 35 -13.62 -2.52 -9.77
N VAL A 36 -12.49 -1.99 -10.23
CA VAL A 36 -12.06 -0.64 -9.87
C VAL A 36 -12.32 0.28 -11.06
N GLU A 37 -12.87 1.47 -10.77
CA GLU A 37 -13.35 2.37 -11.80
C GLU A 37 -13.16 3.81 -11.33
N ALA A 38 -12.71 4.68 -12.25
CA ALA A 38 -12.41 6.07 -11.88
C ALA A 38 -13.67 6.89 -11.61
N GLY A 39 -14.74 6.63 -12.35
CA GLY A 39 -15.95 7.43 -12.29
C GLY A 39 -16.98 6.88 -11.31
N ILE A 40 -18.20 7.43 -11.41
CA ILE A 40 -19.28 7.07 -10.51
C ILE A 40 -19.68 5.61 -10.69
N GLY A 41 -20.29 5.06 -9.64
CA GLY A 41 -20.74 3.67 -9.63
C GLY A 41 -22.21 3.51 -9.95
N ASN A 42 -22.97 4.60 -9.98
CA ASN A 42 -24.43 4.56 -10.11
C ASN A 42 -24.95 5.25 -11.38
N PRO A 43 -24.47 4.86 -12.57
CA PRO A 43 -24.92 5.56 -13.78
C PRO A 43 -26.42 5.41 -14.05
N GLU A 44 -27.05 4.32 -13.57
CA GLU A 44 -28.47 4.16 -13.84
C GLU A 44 -29.28 5.23 -13.15
N ASP A 45 -28.69 5.94 -12.18
CA ASP A 45 -29.33 7.03 -11.48
C ASP A 45 -29.19 8.40 -12.17
N ILE A 46 -28.44 8.49 -13.27
CA ILE A 46 -28.14 9.78 -13.91
C ILE A 46 -29.05 9.93 -15.13
N PRO A 47 -30.01 10.83 -15.11
CA PRO A 47 -30.91 10.94 -16.29
C PRO A 47 -30.17 11.19 -17.61
N GLU A 48 -29.08 11.96 -17.59
CA GLU A 48 -28.40 12.22 -18.84
C GLU A 48 -27.74 10.96 -19.38
N ILE A 49 -27.40 10.00 -18.52
CA ILE A 49 -26.84 8.74 -19.00
C ILE A 49 -27.93 7.82 -19.52
N THR A 50 -29.05 7.69 -18.79
CA THR A 50 -30.06 6.71 -19.18
C THR A 50 -30.95 7.21 -20.30
N THR A 51 -31.04 8.53 -20.51
CA THR A 51 -31.90 9.10 -21.54
C THR A 51 -31.17 9.16 -22.88
N PRO A 52 -31.60 8.41 -23.90
CA PRO A 52 -30.82 8.39 -25.16
C PRO A 52 -30.65 9.74 -25.81
N SER A 53 -31.69 10.59 -25.84
CA SER A 53 -31.55 11.88 -26.52
C SER A 53 -30.54 12.81 -25.85
N SER A 54 -30.10 12.54 -24.64
CA SER A 54 -29.12 13.39 -23.95
C SER A 54 -27.69 13.04 -24.31
N ALA A 55 -27.48 12.02 -25.14
CA ALA A 55 -26.13 11.45 -25.32
C ALA A 55 -25.10 12.51 -25.71
N MET A 56 -25.42 13.37 -26.69
CA MET A 56 -24.46 14.41 -27.09
C MET A 56 -24.20 15.42 -25.98
N ASP A 57 -25.16 15.70 -25.11
CA ASP A 57 -24.84 16.65 -24.05
C ASP A 57 -23.85 16.11 -23.04
N LEU A 58 -23.47 14.84 -23.11
CA LEU A 58 -22.48 14.29 -22.19
C LEU A 58 -21.05 14.69 -22.55
N ARG A 59 -20.80 15.12 -23.78
CA ARG A 59 -19.53 15.76 -24.14
C ARG A 59 -19.23 16.89 -23.17
N ASN A 60 -18.03 16.84 -22.58
CA ASN A 60 -17.56 17.82 -21.62
C ASN A 60 -18.29 17.78 -20.28
N SER A 61 -19.11 16.79 -20.03
CA SER A 61 -19.75 16.70 -18.71
C SER A 61 -18.77 16.07 -17.74
N LYS A 62 -19.21 15.96 -16.49
CA LYS A 62 -18.38 15.30 -15.49
C LYS A 62 -18.13 13.83 -15.83
N TYR A 63 -18.88 13.26 -16.77
CA TYR A 63 -18.71 11.88 -17.19
C TYR A 63 -17.87 11.74 -18.45
N ASP A 64 -17.14 12.79 -18.85
CA ASP A 64 -16.31 12.77 -20.04
C ASP A 64 -14.87 13.07 -19.63
N TRP A 65 -13.96 12.12 -19.88
CA TRP A 65 -12.54 12.34 -19.64
C TRP A 65 -12.08 13.61 -20.35
N ALA A 66 -12.69 13.90 -21.50
CA ALA A 66 -12.46 15.14 -22.24
C ALA A 66 -11.00 15.30 -22.62
N TYR A 67 -10.36 14.23 -23.09
CA TYR A 67 -8.94 14.29 -23.43
C TYR A 67 -8.68 15.27 -24.57
N LYS A 68 -7.53 15.94 -24.49
CA LYS A 68 -6.93 16.55 -25.66
C LYS A 68 -6.32 15.45 -26.51
N THR A 69 -6.55 15.50 -27.84
CA THR A 69 -5.84 14.58 -28.71
C THR A 69 -5.57 15.28 -30.04
N THR A 70 -4.42 14.94 -30.63
CA THR A 70 -4.07 15.42 -31.96
C THR A 70 -4.82 14.61 -33.02
N MET A 71 -5.66 15.29 -33.79
CA MET A 71 -6.49 14.66 -34.83
C MET A 71 -5.67 14.38 -36.07
N VAL A 72 -4.90 15.36 -36.50
CA VAL A 72 -4.12 15.28 -37.73
C VAL A 72 -2.73 15.79 -37.41
N ARG A 73 -1.71 15.08 -37.91
CA ARG A 73 -0.32 15.56 -37.82
C ARG A 73 0.35 15.24 -39.16
N ARG A 74 0.25 16.17 -40.10
CA ARG A 74 0.89 16.12 -41.41
C ARG A 74 1.86 17.29 -41.51
N ASP A 75 2.75 17.24 -42.50
CA ASP A 75 3.66 18.37 -42.67
C ASP A 75 2.92 19.62 -43.13
N ASP A 76 1.80 19.48 -43.82
CA ASP A 76 1.05 20.64 -44.29
C ASP A 76 -0.05 21.10 -43.34
N TYR A 77 -0.33 20.36 -42.26
CA TYR A 77 -1.49 20.65 -41.42
C TYR A 77 -1.42 19.83 -40.14
N GLU A 78 -1.77 20.46 -39.02
CA GLU A 78 -1.82 19.79 -37.74
C GLU A 78 -2.89 20.47 -36.91
N ARG A 79 -3.68 19.66 -36.18
CA ARG A 79 -4.75 20.19 -35.34
C ARG A 79 -4.92 19.31 -34.12
N ILE A 80 -5.07 19.92 -32.96
CA ILE A 80 -5.32 19.24 -31.70
C ILE A 80 -6.67 19.70 -31.15
N GLU A 81 -7.43 18.76 -30.60
CA GLU A 81 -8.78 19.10 -30.16
C GLU A 81 -8.99 18.64 -28.72
N LYS A 82 -9.99 19.26 -28.09
CA LYS A 82 -10.45 18.86 -26.78
C LYS A 82 -11.91 19.29 -26.77
N PRO A 83 -12.85 18.41 -26.36
CA PRO A 83 -12.65 17.04 -25.89
C PRO A 83 -12.68 15.93 -26.94
N ASN A 84 -11.79 14.97 -26.81
CA ASN A 84 -11.96 13.66 -27.43
C ASN A 84 -12.70 12.81 -26.40
N THR A 85 -14.01 12.70 -26.57
CA THR A 85 -14.89 12.19 -25.52
C THR A 85 -14.64 10.72 -25.22
N ARG A 86 -14.62 10.38 -23.93
CA ARG A 86 -14.46 9.01 -23.45
C ARG A 86 -15.22 8.91 -22.14
N GLY A 87 -15.92 7.81 -21.94
CA GLY A 87 -16.75 7.66 -20.75
C GLY A 87 -15.94 7.56 -19.47
N LYS A 88 -16.32 8.35 -18.47
CA LYS A 88 -15.72 8.32 -17.14
C LYS A 88 -16.89 8.12 -16.17
N THR A 89 -17.24 6.85 -15.97
CA THR A 89 -18.39 6.35 -15.25
C THR A 89 -18.35 4.84 -15.39
N LEU A 90 -19.03 4.14 -14.48
CA LEU A 90 -19.25 2.72 -14.73
C LEU A 90 -20.02 2.57 -16.04
N GLY A 91 -19.64 1.56 -16.82
CA GLY A 91 -20.08 1.47 -18.19
C GLY A 91 -19.11 2.07 -19.18
N GLY A 92 -18.15 2.86 -18.73
CA GLY A 92 -17.18 3.45 -19.63
C GLY A 92 -17.83 4.24 -20.74
N SER A 93 -17.30 4.08 -21.94
CA SER A 93 -17.85 4.84 -23.06
C SER A 93 -19.19 4.31 -23.53
N SER A 94 -19.59 3.10 -23.14
CA SER A 94 -20.95 2.65 -23.39
C SER A 94 -21.98 3.41 -22.55
N SER A 95 -21.56 4.21 -21.60
CA SER A 95 -22.51 5.07 -20.89
C SER A 95 -22.72 6.44 -21.54
N LEU A 96 -21.96 6.77 -22.61
CA LEU A 96 -22.19 8.04 -23.31
C LEU A 96 -22.08 7.92 -24.83
N ASN A 97 -22.13 6.71 -25.41
CA ASN A 97 -22.00 6.60 -26.86
C ASN A 97 -23.34 6.84 -27.53
N TYR A 98 -23.36 6.75 -28.87
CA TYR A 98 -24.57 7.05 -29.64
C TYR A 98 -25.25 5.79 -30.16
N PHE A 99 -25.10 4.70 -29.42
CA PHE A 99 -26.01 3.55 -29.36
C PHE A 99 -26.01 2.58 -30.54
N THR A 100 -25.45 2.95 -31.70
CA THR A 100 -25.59 2.09 -32.86
C THR A 100 -24.85 0.79 -32.64
N TRP A 101 -25.49 -0.30 -33.05
CA TRP A 101 -25.02 -1.67 -32.79
C TRP A 101 -24.83 -2.35 -34.14
N VAL A 102 -23.58 -2.44 -34.59
CA VAL A 102 -23.25 -3.02 -35.90
C VAL A 102 -21.92 -3.77 -35.82
N PRO A 103 -21.87 -5.04 -36.24
CA PRO A 103 -20.62 -5.82 -36.10
C PRO A 103 -19.49 -5.44 -37.05
N GLY A 104 -19.76 -5.43 -38.36
CA GLY A 104 -18.73 -5.27 -39.36
C GLY A 104 -18.70 -6.42 -40.36
N HIS A 105 -17.74 -6.32 -41.28
CA HIS A 105 -17.72 -7.16 -42.47
C HIS A 105 -16.91 -8.44 -42.26
N LYS A 106 -17.43 -9.55 -42.77
CA LYS A 106 -16.78 -10.84 -42.57
C LYS A 106 -15.35 -10.84 -43.12
N ALA A 107 -15.15 -10.21 -44.28
CA ALA A 107 -13.82 -10.24 -44.88
C ALA A 107 -12.80 -9.59 -43.96
N THR A 108 -13.22 -8.56 -43.24
CA THR A 108 -12.31 -7.86 -42.35
C THR A 108 -11.96 -8.72 -41.15
N PHE A 109 -12.97 -9.29 -40.50
CA PHE A 109 -12.71 -10.13 -39.34
C PHE A 109 -11.88 -11.37 -39.71
N ASP A 110 -12.06 -11.91 -40.91
CA ASP A 110 -11.24 -13.05 -41.29
C ASP A 110 -9.78 -12.69 -41.26
N GLN A 111 -9.45 -11.45 -41.65
CA GLN A 111 -8.07 -10.99 -41.69
CA GLN A 111 -8.06 -11.00 -41.68
C GLN A 111 -7.45 -10.84 -40.29
N TRP A 112 -8.27 -10.85 -39.22
CA TRP A 112 -7.71 -10.92 -37.87
C TRP A 112 -6.88 -12.19 -37.64
N GLU A 113 -7.04 -13.21 -38.48
CA GLU A 113 -6.31 -14.47 -38.29
C GLU A 113 -4.80 -14.26 -38.28
N GLU A 114 -4.32 -13.31 -39.08
CA GLU A 114 -2.92 -12.92 -39.06
C GLU A 114 -2.43 -12.60 -37.65
N PHE A 115 -3.32 -12.11 -36.79
CA PHE A 115 -2.95 -11.74 -35.44
C PHE A 115 -3.37 -12.77 -34.42
N GLY A 116 -4.57 -13.34 -34.54
CA GLY A 116 -5.08 -14.23 -33.52
C GLY A 116 -5.29 -15.67 -33.89
N GLY A 117 -4.91 -16.10 -35.09
CA GLY A 117 -5.20 -17.45 -35.49
C GLY A 117 -6.68 -17.62 -35.78
N LYS A 118 -7.06 -18.86 -36.08
CA LYS A 118 -8.39 -19.11 -36.63
C LYS A 118 -9.50 -18.75 -35.65
N GLU A 119 -9.25 -18.82 -34.35
CA GLU A 119 -10.35 -18.53 -33.44
C GLU A 119 -10.76 -17.05 -33.48
N TRP A 120 -9.92 -16.17 -33.99
CA TRP A 120 -10.33 -14.78 -34.17
C TRP A 120 -10.71 -14.50 -35.63
N THR A 121 -11.55 -15.31 -36.26
CA THR A 121 -12.12 -14.99 -37.58
C THR A 121 -13.64 -14.81 -37.45
N TRP A 122 -14.30 -14.54 -38.58
CA TRP A 122 -15.73 -14.21 -38.55
C TRP A 122 -16.55 -15.34 -37.93
N ASP A 123 -16.53 -16.54 -38.54
CA ASP A 123 -17.39 -17.65 -38.09
C ASP A 123 -17.25 -17.98 -36.61
N PRO A 124 -16.05 -18.20 -36.06
CA PRO A 124 -15.96 -18.41 -34.60
C PRO A 124 -16.35 -17.19 -33.79
N LEU A 125 -16.28 -15.99 -34.36
CA LEU A 125 -16.58 -14.79 -33.58
C LEU A 125 -18.07 -14.44 -33.59
N VAL A 126 -18.82 -14.93 -34.56
CA VAL A 126 -20.25 -14.62 -34.62
C VAL A 126 -21.00 -14.86 -33.31
N PRO A 127 -20.82 -15.98 -32.59
CA PRO A 127 -21.55 -16.12 -31.32
C PRO A 127 -21.13 -15.07 -30.30
N TYR A 128 -19.85 -14.70 -30.27
CA TYR A 128 -19.39 -13.67 -29.37
C TYR A 128 -19.92 -12.29 -29.77
N LEU A 129 -20.13 -12.06 -31.08
CA LEU A 129 -20.75 -10.82 -31.52
C LEU A 129 -22.23 -10.71 -31.13
N ARG A 130 -22.88 -11.81 -30.71
CA ARG A 130 -24.29 -11.80 -30.34
C ARG A 130 -24.55 -12.12 -28.88
N LYS A 131 -23.58 -12.66 -28.15
CA LYS A 131 -23.85 -13.21 -26.82
C LYS A 131 -24.31 -12.13 -25.82
N SER A 132 -23.86 -10.89 -26.00
CA SER A 132 -24.15 -9.85 -25.02
C SER A 132 -25.57 -9.32 -25.10
N ALA A 133 -26.27 -9.55 -26.20
CA ALA A 133 -27.51 -8.84 -26.49
C ALA A 133 -28.70 -9.78 -26.41
N THR A 134 -29.82 -9.21 -25.97
CA THR A 134 -31.15 -9.77 -26.19
C THR A 134 -31.88 -8.90 -27.20
N TYR A 135 -32.19 -9.47 -28.36
CA TYR A 135 -32.89 -8.74 -29.41
C TYR A 135 -34.39 -8.63 -29.11
N HIS A 136 -34.94 -7.45 -29.42
CA HIS A 136 -36.37 -7.21 -29.39
C HIS A 136 -36.83 -6.56 -30.68
N ASP A 137 -38.00 -6.96 -31.14
CA ASP A 137 -38.74 -6.30 -32.21
C ASP A 137 -40.20 -6.19 -31.77
N ASP A 138 -40.47 -5.32 -30.77
CA ASP A 138 -41.83 -5.19 -30.25
C ASP A 138 -42.86 -4.82 -31.33
N PRO A 139 -42.65 -3.82 -32.19
CA PRO A 139 -43.67 -3.51 -33.20
C PRO A 139 -43.63 -4.44 -34.41
N ARG A 140 -42.90 -5.54 -34.31
CA ARG A 140 -42.94 -6.60 -35.32
C ARG A 140 -42.75 -6.03 -36.73
N LEU A 141 -41.75 -5.15 -36.86
CA LEU A 141 -41.47 -4.43 -38.08
C LEU A 141 -40.43 -5.11 -38.96
N TYR A 142 -39.68 -6.07 -38.44
CA TYR A 142 -38.56 -6.60 -39.22
C TYR A 142 -38.57 -8.12 -39.21
N SER A 143 -37.89 -8.66 -40.21
CA SER A 143 -37.77 -10.08 -40.45
C SER A 143 -37.54 -10.86 -39.17
N PRO A 144 -38.33 -11.90 -38.94
CA PRO A 144 -38.06 -12.76 -37.79
C PRO A 144 -36.65 -13.31 -37.77
N GLU A 145 -35.99 -13.43 -38.94
CA GLU A 145 -34.64 -14.01 -38.96
C GLU A 145 -33.68 -13.23 -38.09
N LEU A 146 -33.90 -11.92 -37.93
CA LEU A 146 -32.97 -11.08 -37.21
C LEU A 146 -33.02 -11.26 -35.69
N GLU A 147 -33.91 -12.09 -35.14
CA GLU A 147 -33.74 -12.29 -33.70
C GLU A 147 -32.47 -13.07 -33.40
N LYS A 148 -31.85 -13.68 -34.42
CA LYS A 148 -30.59 -14.38 -34.24
C LYS A 148 -29.46 -13.48 -33.74
N ILE A 149 -29.55 -12.16 -33.93
CA ILE A 149 -28.44 -11.30 -33.54
C ILE A 149 -28.35 -11.09 -32.03
N GLY A 150 -29.35 -11.52 -31.28
CA GLY A 150 -29.27 -11.52 -29.84
C GLY A 150 -29.18 -12.91 -29.24
N GLY A 151 -28.09 -13.20 -28.53
CA GLY A 151 -27.92 -14.49 -27.91
C GLY A 151 -28.54 -14.62 -26.54
N GLY A 152 -29.10 -13.55 -25.98
CA GLY A 152 -29.74 -13.61 -24.69
C GLY A 152 -29.05 -12.86 -23.56
N GLY A 153 -28.06 -12.03 -23.86
CA GLY A 153 -27.30 -11.38 -22.81
C GLY A 153 -28.01 -10.20 -22.23
N PRO A 154 -27.36 -9.53 -21.27
CA PRO A 154 -28.02 -8.51 -20.46
C PRO A 154 -28.12 -7.12 -21.11
N ILE A 155 -27.65 -6.96 -22.34
CA ILE A 155 -27.76 -5.68 -23.05
C ILE A 155 -28.93 -5.71 -24.02
N PRO A 156 -30.05 -5.08 -23.67
CA PRO A 156 -31.21 -5.07 -24.59
C PRO A 156 -30.90 -4.22 -25.83
N ILE A 157 -31.13 -4.81 -27.01
CA ILE A 157 -30.96 -4.09 -28.27
C ILE A 157 -32.26 -4.18 -29.06
N SER A 158 -32.43 -3.22 -29.96
CA SER A 158 -33.59 -3.21 -30.85
C SER A 158 -33.26 -2.36 -32.07
N HIS A 159 -33.95 -2.64 -33.16
CA HIS A 159 -34.06 -1.63 -34.20
C HIS A 159 -34.53 -0.33 -33.56
N ALA A 160 -34.03 0.79 -34.07
CA ALA A 160 -34.42 2.10 -33.54
C ALA A 160 -35.93 2.18 -33.37
N GLU A 161 -36.35 2.71 -32.22
CA GLU A 161 -37.76 2.94 -31.92
C GLU A 161 -38.17 4.19 -32.71
N LEU A 162 -38.75 3.97 -33.89
CA LEU A 162 -38.82 5.02 -34.89
C LEU A 162 -39.60 6.23 -34.39
N ILE A 163 -39.09 7.41 -34.65
CA ILE A 163 -39.84 8.63 -34.37
C ILE A 163 -40.92 8.77 -35.44
N ASP A 164 -42.17 8.97 -35.01
CA ASP A 164 -43.28 8.98 -35.97
C ASP A 164 -43.15 10.17 -36.92
N GLU A 165 -42.85 11.36 -36.39
CA GLU A 165 -42.75 12.57 -37.20
C GLU A 165 -41.63 12.51 -38.23
N MET A 166 -40.65 11.63 -38.06
CA MET A 166 -39.54 11.49 -39.00
C MET A 166 -39.83 10.49 -40.12
N ALA A 167 -41.03 9.91 -40.15
CA ALA A 167 -41.33 8.94 -41.22
C ALA A 167 -41.26 9.58 -42.61
N PRO A 168 -41.78 10.80 -42.85
CA PRO A 168 -41.53 11.43 -44.16
C PRO A 168 -40.05 11.61 -44.45
N PHE A 169 -39.27 12.05 -43.46
CA PHE A 169 -37.81 12.08 -43.58
C PHE A 169 -37.29 10.71 -44.03
N ARG A 170 -37.66 9.67 -43.28
CA ARG A 170 -37.14 8.34 -43.62
C ARG A 170 -37.59 7.91 -45.00
N GLU A 171 -38.82 8.27 -45.39
CA GLU A 171 -39.35 7.82 -46.66
C GLU A 171 -38.65 8.51 -47.83
N ASN A 172 -38.30 9.80 -47.68
CA ASN A 172 -37.58 10.51 -48.74
C ASN A 172 -36.10 10.11 -48.80
N LEU A 173 -35.48 9.86 -47.65
CA LEU A 173 -34.10 9.38 -47.64
C LEU A 173 -34.01 8.02 -48.30
N THR A 174 -35.00 7.15 -48.06
CA THR A 174 -34.98 5.83 -48.69
C THR A 174 -35.16 5.94 -50.19
N LYS A 175 -36.16 6.72 -50.62
CA LYS A 175 -36.39 7.01 -52.03
C LYS A 175 -35.13 7.57 -52.69
N ALA A 176 -34.47 8.51 -52.01
CA ALA A 176 -33.26 9.10 -52.58
C ALA A 176 -32.16 8.06 -52.73
N TRP A 177 -31.97 7.24 -51.68
CA TRP A 177 -30.98 6.16 -51.73
C TRP A 177 -31.24 5.23 -52.90
N LYS A 178 -32.47 4.74 -53.02
CA LYS A 178 -32.78 3.83 -54.12
C LYS A 178 -32.61 4.54 -55.47
N SER A 179 -32.93 5.83 -55.54
CA SER A 179 -32.87 6.55 -56.80
C SER A 179 -31.45 6.73 -57.29
N MET A 180 -30.46 6.46 -56.44
CA MET A 180 -29.06 6.51 -56.85
C MET A 180 -28.53 5.11 -57.17
N GLY A 181 -29.39 4.11 -57.23
CA GLY A 181 -28.91 2.79 -57.62
C GLY A 181 -28.15 2.05 -56.55
N GLN A 182 -28.43 2.33 -55.29
CA GLN A 182 -27.75 1.67 -54.20
C GLN A 182 -28.73 0.81 -53.43
N PRO A 183 -28.29 -0.36 -52.97
CA PRO A 183 -29.25 -1.32 -52.44
C PRO A 183 -29.77 -0.87 -51.08
N LEU A 184 -30.93 -1.40 -50.72
CA LEU A 184 -31.39 -1.40 -49.35
C LEU A 184 -30.99 -2.75 -48.73
N ILE A 185 -30.73 -2.76 -47.41
CA ILE A 185 -30.34 -4.01 -46.78
C ILE A 185 -30.76 -3.95 -45.32
N GLU A 186 -31.29 -5.07 -44.82
CA GLU A 186 -31.67 -5.11 -43.41
C GLU A 186 -30.86 -6.11 -42.61
N ASN A 187 -30.34 -7.17 -43.23
CA ASN A 187 -29.51 -8.13 -42.54
C ASN A 187 -28.05 -7.78 -42.81
N ILE A 188 -27.47 -6.99 -41.92
CA ILE A 188 -26.07 -6.62 -42.01
C ILE A 188 -25.21 -7.38 -40.99
N TYR A 189 -25.69 -8.52 -40.49
CA TYR A 189 -25.09 -9.18 -39.34
C TYR A 189 -24.48 -10.53 -39.67
N ASP A 190 -24.46 -10.92 -40.95
CA ASP A 190 -23.91 -12.21 -41.33
C ASP A 190 -22.64 -12.08 -42.15
N GLY A 191 -21.99 -10.91 -42.10
CA GLY A 191 -20.73 -10.67 -42.78
C GLY A 191 -20.85 -9.73 -43.95
N GLU A 192 -22.07 -9.43 -44.38
CA GLU A 192 -22.32 -8.59 -45.54
C GLU A 192 -23.09 -7.35 -45.12
N MET A 193 -22.73 -6.18 -45.67
CA MET A 193 -23.39 -4.97 -45.18
C MET A 193 -23.59 -3.91 -46.27
N ASP A 194 -23.78 -4.30 -47.52
CA ASP A 194 -23.81 -3.31 -48.61
C ASP A 194 -25.22 -2.69 -48.71
N GLY A 195 -25.36 -1.44 -48.26
CA GLY A 195 -26.58 -0.70 -48.53
C GLY A 195 -27.05 0.14 -47.35
N LEU A 196 -28.30 0.60 -47.47
CA LEU A 196 -28.92 1.48 -46.48
C LEU A 196 -29.81 0.62 -45.58
N THR A 197 -29.70 0.82 -44.25
CA THR A 197 -30.32 -0.09 -43.29
C THR A 197 -31.04 0.67 -42.18
N HIS A 198 -32.02 0.00 -41.60
CA HIS A 198 -32.59 0.43 -40.32
C HIS A 198 -31.72 -0.15 -39.21
N CYS A 199 -30.92 0.71 -38.58
CA CYS A 199 -29.92 0.24 -37.66
C CYS A 199 -30.54 -0.24 -36.35
N CYS A 200 -29.80 -1.07 -35.65
CA CYS A 200 -30.16 -1.47 -34.30
C CYS A 200 -29.37 -0.63 -33.31
N ASP A 201 -29.85 -0.59 -32.07
CA ASP A 201 -29.30 0.33 -31.10
C ASP A 201 -29.26 -0.32 -29.73
N THR A 202 -28.26 0.07 -28.92
CA THR A 202 -28.29 -0.28 -27.51
C THR A 202 -29.24 0.66 -26.77
N ILE A 203 -30.49 0.72 -27.29
CA ILE A 203 -31.62 1.38 -26.66
C ILE A 203 -32.77 0.37 -26.63
N TYR A 204 -33.46 0.31 -25.50
CA TYR A 204 -34.70 -0.46 -25.45
C TYR A 204 -35.68 0.26 -24.54
N ARG A 205 -36.89 0.45 -25.05
CA ARG A 205 -37.97 1.13 -24.32
C ARG A 205 -37.49 2.49 -23.84
N GLY A 206 -36.80 3.20 -24.74
CA GLY A 206 -36.37 4.56 -24.46
C GLY A 206 -35.28 4.69 -23.43
N GLN A 207 -34.54 3.63 -23.16
CA GLN A 207 -33.52 3.67 -22.14
C GLN A 207 -32.22 3.14 -22.72
N ARG A 208 -31.11 3.74 -22.28
CA ARG A 208 -29.82 3.30 -22.76
C ARG A 208 -29.44 1.96 -22.15
N SER A 209 -28.88 1.08 -22.98
CA SER A 209 -28.36 -0.22 -22.54
C SER A 209 -26.84 -0.12 -22.46
N GLY A 210 -26.34 0.23 -21.28
CA GLY A 210 -24.90 0.26 -21.03
C GLY A 210 -24.38 -1.02 -20.38
N SER A 211 -23.05 -1.18 -20.43
CA SER A 211 -22.40 -2.39 -19.94
C SER A 211 -22.54 -2.58 -18.45
N PHE A 212 -22.99 -1.54 -17.72
CA PHE A 212 -23.23 -1.69 -16.29
C PHE A 212 -24.33 -2.69 -16.00
N LEU A 213 -25.18 -2.99 -16.99
CA LEU A 213 -26.20 -4.00 -16.85
C LEU A 213 -25.63 -5.39 -16.65
N PHE A 214 -24.33 -5.56 -16.87
CA PHE A 214 -23.67 -6.84 -16.64
C PHE A 214 -23.36 -7.08 -15.17
N VAL A 215 -23.16 -6.04 -14.37
CA VAL A 215 -22.48 -6.23 -13.08
C VAL A 215 -23.37 -5.83 -11.90
N LYS A 216 -24.67 -5.78 -12.11
CA LYS A 216 -25.62 -5.41 -11.08
C LYS A 216 -26.31 -6.66 -10.54
N ASN A 217 -26.78 -6.56 -9.29
CA ASN A 217 -27.38 -7.68 -8.57
C ASN A 217 -26.53 -8.93 -8.72
N LYS A 218 -25.24 -8.79 -8.44
CA LYS A 218 -24.33 -9.92 -8.34
C LYS A 218 -23.46 -9.67 -7.11
N PRO A 219 -23.77 -10.31 -5.98
CA PRO A 219 -23.10 -9.97 -4.72
C PRO A 219 -21.66 -10.40 -4.68
N ASN A 220 -21.23 -11.28 -5.57
CA ASN A 220 -19.84 -11.66 -5.62
C ASN A 220 -18.99 -10.64 -6.36
N ILE A 221 -19.60 -9.59 -6.90
CA ILE A 221 -18.86 -8.50 -7.52
C ILE A 221 -18.73 -7.37 -6.50
N THR A 222 -17.49 -7.00 -6.19
CA THR A 222 -17.21 -5.79 -5.45
C THR A 222 -16.95 -4.66 -6.45
N ILE A 223 -17.74 -3.59 -6.38
CA ILE A 223 -17.55 -2.44 -7.26
C ILE A 223 -16.96 -1.29 -6.44
N VAL A 224 -15.75 -0.89 -6.80
CA VAL A 224 -15.10 0.24 -6.14
C VAL A 224 -14.98 1.37 -7.16
N PRO A 225 -15.93 2.29 -7.18
CA PRO A 225 -15.88 3.41 -8.09
C PRO A 225 -15.01 4.52 -7.49
N GLU A 226 -14.81 5.59 -8.25
CA GLU A 226 -14.12 6.79 -7.79
C GLU A 226 -12.70 6.49 -7.31
N VAL A 227 -12.02 5.54 -7.92
CA VAL A 227 -10.61 5.28 -7.62
C VAL A 227 -9.84 5.32 -8.93
N HIS A 228 -8.68 5.95 -8.88
CA HIS A 228 -7.86 6.21 -10.04
C HIS A 228 -6.61 5.32 -9.98
N SER A 229 -6.40 4.53 -11.03
CA SER A 229 -5.33 3.54 -11.01
C SER A 229 -3.97 4.22 -11.00
N LYS A 230 -3.06 3.65 -10.25
CA LYS A 230 -1.70 4.14 -10.25
C LYS A 230 -0.78 3.27 -11.10
N ARG A 231 -0.92 1.96 -10.96
CA ARG A 231 0.02 1.02 -11.54
C ARG A 231 -0.53 -0.39 -11.34
N LEU A 232 -0.17 -1.30 -12.26
CA LEU A 232 -0.32 -2.71 -11.98
C LEU A 232 0.80 -3.19 -11.06
N ILE A 233 0.45 -4.11 -10.17
CA ILE A 233 1.43 -4.71 -9.25
C ILE A 233 2.04 -5.93 -9.95
N ILE A 234 3.31 -5.79 -10.31
CA ILE A 234 4.07 -6.80 -11.05
C ILE A 234 5.18 -7.33 -10.15
N ASN A 235 5.24 -8.64 -10.00
CA ASN A 235 6.41 -9.30 -9.43
C ASN A 235 7.40 -9.67 -10.53
N GLU A 236 8.61 -9.08 -10.51
CA GLU A 236 9.58 -9.33 -11.58
C GLU A 236 10.10 -10.76 -11.55
N ALA A 237 10.49 -11.26 -10.37
CA ALA A 237 11.02 -12.62 -10.30
C ALA A 237 10.01 -13.61 -10.85
N ASP A 238 8.74 -13.46 -10.48
CA ASP A 238 7.68 -14.35 -10.94
C ASP A 238 7.20 -14.00 -12.34
N ARG A 239 7.51 -12.80 -12.83
CA ARG A 239 6.98 -12.31 -14.11
C ARG A 239 5.45 -12.31 -14.06
N THR A 240 4.89 -12.07 -12.87
CA THR A 240 3.48 -12.25 -12.59
C THR A 240 2.87 -10.93 -12.15
N CYS A 241 1.67 -10.64 -12.67
CA CYS A 241 0.87 -9.53 -12.18
C CYS A 241 0.05 -10.01 -11.00
N LYS A 242 0.18 -9.31 -9.86
CA LYS A 242 -0.48 -9.71 -8.61
C LYS A 242 -1.75 -8.96 -8.31
N GLY A 243 -2.00 -7.83 -8.97
CA GLY A 243 -3.13 -6.97 -8.61
C GLY A 243 -2.90 -5.56 -9.15
N VAL A 244 -3.47 -4.59 -8.43
CA VAL A 244 -3.45 -3.21 -8.91
C VAL A 244 -3.42 -2.25 -7.72
N THR A 245 -2.74 -1.13 -7.92
CA THR A 245 -2.71 -0.02 -6.97
C THR A 245 -3.58 1.12 -7.52
N VAL A 246 -4.51 1.62 -6.70
CA VAL A 246 -5.41 2.70 -7.08
C VAL A 246 -5.30 3.80 -6.03
N VAL A 247 -5.78 5.00 -6.40
CA VAL A 247 -5.81 6.14 -5.50
C VAL A 247 -7.25 6.57 -5.32
N THR A 248 -7.65 6.76 -4.06
CA THR A 248 -9.01 7.13 -3.72
C THR A 248 -9.18 8.64 -3.72
N ALA A 249 -10.46 9.03 -3.69
CA ALA A 249 -10.84 10.44 -3.63
C ALA A 249 -10.12 11.18 -2.53
N ALA A 250 -9.91 10.53 -1.40
CA ALA A 250 -9.20 11.17 -0.30
C ALA A 250 -7.70 11.17 -0.50
N GLY A 251 -7.19 10.62 -1.61
CA GLY A 251 -5.76 10.59 -1.84
C GLY A 251 -5.00 9.47 -1.14
N ASN A 252 -5.66 8.35 -0.87
CA ASN A 252 -5.03 7.21 -0.22
C ASN A 252 -4.78 6.12 -1.26
N GLU A 253 -3.65 5.46 -1.12
CA GLU A 253 -3.23 4.46 -2.08
C GLU A 253 -3.60 3.11 -1.50
N LEU A 254 -4.34 2.33 -2.29
CA LEU A 254 -4.86 1.01 -1.94
C LEU A 254 -4.30 -0.01 -2.91
N ASN A 255 -4.01 -1.20 -2.40
CA ASN A 255 -3.63 -2.34 -3.23
C ASN A 255 -4.72 -3.40 -3.14
N PHE A 256 -5.19 -3.85 -4.30
CA PHE A 256 -6.10 -4.97 -4.38
C PHE A 256 -5.43 -6.07 -5.19
N PHE A 257 -5.58 -7.30 -4.74
CA PHE A 257 -4.83 -8.41 -5.30
C PHE A 257 -5.77 -9.38 -5.97
N ALA A 258 -5.31 -9.97 -7.06
CA ALA A 258 -6.05 -11.02 -7.71
C ALA A 258 -5.37 -12.34 -7.42
N ASP A 259 -6.16 -13.30 -6.97
CA ASP A 259 -5.62 -14.63 -6.72
C ASP A 259 -5.58 -15.48 -7.99
N ARG A 260 -6.36 -15.14 -9.02
CA ARG A 260 -6.28 -15.85 -10.28
C ARG A 260 -5.66 -15.01 -11.40
N GLU A 261 -6.29 -13.88 -11.74
CA GLU A 261 -5.93 -13.08 -12.90
C GLU A 261 -6.42 -11.66 -12.73
N VAL A 262 -5.65 -10.72 -13.29
CA VAL A 262 -6.04 -9.33 -13.47
C VAL A 262 -6.39 -9.11 -14.93
N ILE A 263 -7.51 -8.42 -15.20
CA ILE A 263 -7.88 -8.09 -16.57
C ILE A 263 -7.90 -6.58 -16.70
N LEU A 264 -7.05 -6.06 -17.59
CA LEU A 264 -6.93 -4.63 -17.82
C LEU A 264 -7.93 -4.22 -18.90
N SER A 265 -8.84 -3.32 -18.56
CA SER A 265 -9.95 -2.91 -19.42
C SER A 265 -10.16 -1.38 -19.35
N GLN A 266 -9.08 -0.61 -19.42
CA GLN A 266 -9.17 0.85 -19.28
C GLN A 266 -9.37 1.55 -20.60
N GLY A 267 -9.63 0.82 -21.67
CA GLY A 267 -9.90 1.40 -22.96
C GLY A 267 -8.61 1.74 -23.69
N VAL A 268 -8.79 2.12 -24.96
CA VAL A 268 -7.69 2.25 -25.90
C VAL A 268 -6.61 3.25 -25.46
N PHE A 269 -6.96 4.24 -24.64
CA PHE A 269 -5.98 5.26 -24.27
C PHE A 269 -5.32 4.98 -22.93
N GLU A 270 -6.09 4.57 -21.90
CA GLU A 270 -5.49 4.39 -20.58
C GLU A 270 -4.92 2.99 -20.38
N THR A 271 -5.40 1.99 -21.10
CA THR A 271 -4.75 0.68 -21.01
C THR A 271 -3.27 0.77 -21.41
N PRO A 272 -2.89 1.30 -22.58
CA PRO A 272 -1.45 1.37 -22.88
C PRO A 272 -0.69 2.24 -21.89
N LYS A 273 -1.34 3.30 -21.37
CA LYS A 273 -0.70 4.15 -20.37
C LYS A 273 -0.38 3.36 -19.10
N LEU A 274 -1.38 2.73 -18.50
CA LEU A 274 -1.14 1.96 -17.27
C LEU A 274 -0.14 0.84 -17.52
N LEU A 275 -0.21 0.18 -18.68
CA LEU A 275 0.79 -0.82 -19.01
C LEU A 275 2.18 -0.22 -18.92
N MET A 276 2.36 0.96 -19.53
CA MET A 276 3.66 1.60 -19.55
C MET A 276 4.07 2.07 -18.16
N LEU A 277 3.15 2.67 -17.39
CA LEU A 277 3.48 3.08 -16.04
C LEU A 277 3.89 1.89 -15.17
N SER A 278 3.47 0.68 -15.55
CA SER A 278 3.78 -0.51 -14.77
C SER A 278 5.03 -1.22 -15.26
N GLY A 279 5.74 -0.66 -16.24
CA GLY A 279 6.96 -1.24 -16.73
C GLY A 279 6.83 -2.13 -17.94
N ILE A 280 5.71 -2.06 -18.65
CA ILE A 280 5.48 -2.87 -19.85
C ILE A 280 5.20 -1.89 -20.99
N GLY A 281 6.17 -1.69 -21.87
CA GLY A 281 6.01 -0.80 -23.00
C GLY A 281 7.33 -0.66 -23.73
N PRO A 282 7.43 0.31 -24.62
CA PRO A 282 8.69 0.50 -25.36
C PRO A 282 9.79 1.02 -24.43
N THR A 283 10.90 0.28 -24.36
CA THR A 283 11.87 0.47 -23.27
C THR A 283 12.39 1.90 -23.21
N ARG A 284 12.74 2.50 -24.35
CA ARG A 284 13.26 3.86 -24.30
C ARG A 284 12.17 4.87 -23.99
N GLU A 285 10.92 4.60 -24.38
CA GLU A 285 9.86 5.49 -23.94
C GLU A 285 9.75 5.45 -22.41
N LEU A 286 9.85 4.25 -21.82
CA LEU A 286 9.78 4.12 -20.37
C LEU A 286 10.96 4.84 -19.70
N SER A 287 12.19 4.60 -20.20
CA SER A 287 13.36 5.24 -19.61
C SER A 287 13.24 6.75 -19.64
N ARG A 288 12.71 7.30 -20.75
CA ARG A 288 12.61 8.74 -20.89
C ARG A 288 11.72 9.36 -19.82
N HIS A 289 10.92 8.57 -19.12
CA HIS A 289 10.12 9.09 -18.02
C HIS A 289 10.49 8.41 -16.70
N GLY A 290 11.69 7.82 -16.62
CA GLY A 290 12.14 7.26 -15.37
C GLY A 290 11.45 6.00 -14.91
N ILE A 291 10.82 5.24 -15.80
CA ILE A 291 10.14 3.99 -15.45
C ILE A 291 11.03 2.82 -15.82
N ASN A 292 11.20 1.88 -14.91
CA ASN A 292 11.96 0.68 -15.21
C ASN A 292 11.20 -0.15 -16.23
N THR A 293 11.97 -0.80 -17.11
CA THR A 293 11.42 -1.72 -18.10
C THR A 293 11.41 -3.13 -17.50
N ILE A 294 10.22 -3.68 -17.32
CA ILE A 294 10.11 -5.08 -16.93
C ILE A 294 10.00 -5.98 -18.17
N VAL A 295 9.21 -5.55 -19.16
CA VAL A 295 9.12 -6.23 -20.45
C VAL A 295 9.23 -5.17 -21.53
N ASP A 296 10.18 -5.33 -22.45
CA ASP A 296 10.28 -4.44 -23.61
C ASP A 296 9.20 -4.86 -24.60
N SER A 297 8.07 -4.15 -24.57
CA SER A 297 6.90 -4.47 -25.38
C SER A 297 6.72 -3.31 -26.36
N ARG A 298 7.34 -3.43 -27.54
CA ARG A 298 7.48 -2.29 -28.42
C ARG A 298 6.14 -1.77 -28.95
N HIS A 299 5.10 -2.58 -28.94
CA HIS A 299 3.83 -2.22 -29.55
C HIS A 299 2.88 -1.55 -28.58
N VAL A 300 3.23 -1.40 -27.30
CA VAL A 300 2.30 -0.80 -26.35
C VAL A 300 2.09 0.66 -26.70
N GLY A 301 0.83 1.03 -26.93
CA GLY A 301 0.51 2.38 -27.34
C GLY A 301 0.69 2.66 -28.81
N GLN A 302 1.39 1.78 -29.54
CA GLN A 302 1.50 1.90 -30.98
C GLN A 302 0.25 1.31 -31.65
N ASN A 303 0.12 1.55 -32.95
CA ASN A 303 -0.97 0.97 -33.74
C ASN A 303 -2.35 1.51 -33.34
N LEU A 304 -2.41 2.70 -32.75
CA LEU A 304 -3.67 3.42 -32.55
C LEU A 304 -4.33 3.69 -33.90
N MET A 305 -5.50 3.09 -34.12
CA MET A 305 -6.23 3.25 -35.38
C MET A 305 -7.66 3.65 -35.10
N ASP A 306 -8.14 4.64 -35.85
CA ASP A 306 -9.47 5.20 -35.66
C ASP A 306 -10.05 5.56 -37.01
N HIS A 307 -11.33 5.79 -37.04
CA HIS A 307 -12.02 6.24 -38.25
C HIS A 307 -12.07 7.76 -38.29
N PRO A 308 -11.64 8.40 -39.37
CA PRO A 308 -11.90 9.84 -39.50
C PRO A 308 -13.32 10.05 -39.98
N GLY A 309 -13.90 11.17 -39.56
CA GLY A 309 -15.20 11.55 -40.08
C GLY A 309 -15.22 13.01 -40.44
N VAL A 310 -15.82 13.35 -41.58
CA VAL A 310 -16.14 14.74 -41.87
C VAL A 310 -17.66 14.90 -41.82
N PRO A 311 -18.21 15.39 -40.73
CA PRO A 311 -19.64 15.66 -40.69
C PRO A 311 -19.97 16.96 -41.44
N PHE A 312 -21.21 17.04 -41.91
CA PHE A 312 -21.71 18.26 -42.51
C PHE A 312 -23.21 18.38 -42.26
N VAL A 313 -23.68 19.61 -42.22
CA VAL A 313 -25.05 19.92 -41.82
C VAL A 313 -25.80 20.57 -42.99
N LEU A 314 -26.99 20.05 -43.27
CA LEU A 314 -27.94 20.70 -44.16
C LEU A 314 -29.14 21.18 -43.34
N ARG A 315 -29.58 22.40 -43.59
CA ARG A 315 -30.87 22.86 -43.11
C ARG A 315 -31.96 22.30 -44.03
N VAL A 316 -32.98 21.69 -43.44
CA VAL A 316 -34.02 21.02 -44.20
C VAL A 316 -35.36 21.67 -43.86
N LYS A 317 -36.34 21.43 -44.73
CA LYS A 317 -37.71 21.93 -44.54
C LYS A 317 -38.21 21.64 -43.13
N ASP A 318 -39.05 22.53 -42.61
CA ASP A 318 -39.59 22.34 -41.25
C ASP A 318 -40.26 20.98 -41.13
N GLY A 319 -40.10 20.36 -39.96
CA GLY A 319 -40.66 19.05 -39.72
C GLY A 319 -39.88 17.88 -40.29
N PHE A 320 -38.73 18.12 -40.93
CA PHE A 320 -37.90 17.02 -41.40
C PHE A 320 -36.60 16.87 -40.60
N GLY A 321 -36.52 17.51 -39.44
CA GLY A 321 -35.52 17.23 -38.43
C GLY A 321 -36.15 17.50 -37.09
N MET A 322 -35.45 17.10 -36.02
CA MET A 322 -36.01 17.18 -34.67
C MET A 322 -35.57 18.42 -33.91
N ASP A 323 -34.84 19.34 -34.55
CA ASP A 323 -34.27 20.48 -33.85
C ASP A 323 -35.33 21.21 -33.03
N ASP A 324 -36.50 21.44 -33.63
CA ASP A 324 -37.52 22.24 -32.96
C ASP A 324 -38.22 21.47 -31.83
N VAL A 325 -38.14 20.15 -31.83
CA VAL A 325 -38.74 19.39 -30.75
C VAL A 325 -37.74 19.19 -29.61
N LEU A 326 -36.49 18.79 -29.90
CA LEU A 326 -35.58 18.40 -28.83
C LEU A 326 -34.53 19.43 -28.48
N LEU A 327 -34.05 20.20 -29.47
CA LEU A 327 -32.93 21.09 -29.24
C LEU A 327 -33.33 22.43 -28.63
N ARG A 328 -34.49 22.98 -29.02
CA ARG A 328 -34.88 24.31 -28.61
C ARG A 328 -35.97 24.23 -27.55
N HIS A 329 -35.92 25.13 -26.59
CA HIS A 329 -36.89 25.07 -25.51
C HIS A 329 -38.22 25.65 -25.96
N GLY A 330 -39.29 25.17 -25.35
CA GLY A 330 -40.62 25.62 -25.67
C GLY A 330 -41.68 24.58 -25.39
N PRO A 331 -42.92 24.86 -25.80
CA PRO A 331 -44.00 23.89 -25.55
C PRO A 331 -43.76 22.54 -26.20
N LYS A 332 -43.24 22.52 -27.43
CA LYS A 332 -42.97 21.25 -28.12
C LYS A 332 -42.02 20.41 -27.30
N ARG A 333 -40.92 21.01 -26.82
CA ARG A 333 -39.97 20.24 -26.03
C ARG A 333 -40.57 19.83 -24.69
N ASP A 334 -41.18 20.79 -23.98
CA ASP A 334 -41.83 20.48 -22.71
C ASP A 334 -42.81 19.33 -22.85
N ALA A 335 -43.55 19.29 -23.96
CA ALA A 335 -44.50 18.21 -24.18
C ALA A 335 -43.82 16.85 -24.21
N VAL A 336 -42.80 16.67 -25.08
CA VAL A 336 -42.22 15.34 -25.20
C VAL A 336 -41.37 15.02 -23.96
N VAL A 337 -40.83 16.05 -23.30
CA VAL A 337 -40.16 15.83 -22.02
C VAL A 337 -41.16 15.35 -20.98
N SER A 338 -42.38 15.92 -20.99
CA SER A 338 -43.39 15.47 -20.06
C SER A 338 -43.77 14.01 -20.31
N ALA A 339 -44.04 13.65 -21.56
CA ALA A 339 -44.35 12.25 -21.87
C ALA A 339 -43.25 11.31 -21.41
N TYR A 340 -41.98 11.70 -21.60
CA TYR A 340 -40.88 10.82 -21.23
C TYR A 340 -40.87 10.55 -19.74
N ASN A 341 -41.03 11.59 -18.92
CA ASN A 341 -40.97 11.42 -17.47
C ASN A 341 -42.09 10.54 -16.93
N LYS A 342 -43.19 10.37 -17.67
CA LYS A 342 -44.30 9.57 -17.16
C LYS A 342 -44.19 8.11 -17.53
N ASN A 343 -43.77 7.81 -18.76
CA ASN A 343 -43.66 6.43 -19.20
C ASN A 343 -42.43 6.14 -20.07
N ARG A 344 -41.52 7.10 -20.22
CA ARG A 344 -40.32 6.96 -21.08
C ARG A 344 -40.70 6.71 -22.55
N SER A 345 -41.81 7.27 -23.01
CA SER A 345 -42.13 7.23 -24.44
C SER A 345 -41.80 8.56 -25.09
N GLY A 346 -41.95 8.59 -26.42
CA GLY A 346 -41.71 9.79 -27.20
C GLY A 346 -40.26 9.93 -27.66
N PRO A 347 -39.97 11.00 -28.43
CA PRO A 347 -38.65 11.09 -29.08
C PRO A 347 -37.53 11.39 -28.11
N VAL A 348 -37.83 11.88 -26.91
CA VAL A 348 -36.79 12.02 -25.90
C VAL A 348 -36.08 10.68 -25.66
N GLY A 349 -36.77 9.56 -25.93
CA GLY A 349 -36.10 8.29 -25.82
C GLY A 349 -35.35 7.85 -27.07
N SER A 350 -35.21 8.73 -28.07
CA SER A 350 -34.56 8.39 -29.32
C SER A 350 -33.07 8.75 -29.34
N GLY A 351 -32.28 7.92 -30.04
CA GLY A 351 -30.88 8.15 -30.34
C GLY A 351 -30.64 8.98 -31.58
N LEU A 352 -31.72 9.38 -32.25
CA LEU A 352 -31.74 10.35 -33.35
C LEU A 352 -31.02 9.85 -34.60
N LEU A 353 -30.76 8.56 -34.70
CA LEU A 353 -30.09 7.99 -35.86
C LEU A 353 -30.82 6.71 -36.18
N GLU A 354 -31.53 6.67 -37.31
CA GLU A 354 -32.43 5.57 -37.62
C GLU A 354 -32.12 4.87 -38.93
N LEU A 355 -31.57 5.59 -39.91
CA LEU A 355 -31.07 4.98 -41.13
C LEU A 355 -29.57 5.24 -41.21
N VAL A 356 -28.83 4.21 -41.62
CA VAL A 356 -27.37 4.25 -41.77
C VAL A 356 -26.99 3.59 -43.09
N GLY A 357 -26.12 4.23 -43.86
CA GLY A 357 -25.67 3.71 -45.16
C GLY A 357 -24.26 3.14 -45.13
N PHE A 358 -24.05 2.05 -45.84
CA PHE A 358 -22.73 1.44 -45.96
C PHE A 358 -22.37 1.25 -47.43
N PRO A 359 -22.09 2.35 -48.14
CA PRO A 359 -21.83 2.27 -49.57
C PRO A 359 -20.37 2.00 -49.87
N ARG A 360 -20.15 1.53 -51.09
CA ARG A 360 -18.87 1.66 -51.77
C ARG A 360 -19.00 2.83 -52.75
N ILE A 361 -17.87 3.45 -53.08
CA ILE A 361 -17.90 4.65 -53.92
C ILE A 361 -16.92 4.47 -55.07
N ASP A 362 -16.79 3.23 -55.55
CA ASP A 362 -15.85 2.93 -56.61
C ASP A 362 -15.97 3.90 -57.80
N LYS A 363 -17.19 4.22 -58.21
CA LYS A 363 -17.32 5.09 -59.38
C LYS A 363 -16.90 6.53 -59.09
N TYR A 364 -16.96 6.96 -57.83
CA TYR A 364 -16.42 8.28 -57.50
C TYR A 364 -14.89 8.23 -57.48
N LEU A 365 -14.31 7.19 -56.84
CA LEU A 365 -12.86 7.06 -56.79
C LEU A 365 -12.26 7.00 -58.18
N GLU A 366 -12.92 6.30 -59.11
CA GLU A 366 -12.32 6.07 -60.42
C GLU A 366 -12.14 7.35 -61.22
N LYS A 367 -12.86 8.42 -60.86
CA LYS A 367 -12.73 9.70 -61.54
C LYS A 367 -11.46 10.45 -61.15
N ASP A 368 -10.74 9.98 -60.14
CA ASP A 368 -9.55 10.67 -59.64
C ASP A 368 -8.28 10.01 -60.16
N ALA A 369 -7.43 10.81 -60.83
CA ALA A 369 -6.22 10.26 -61.42
C ALA A 369 -5.32 9.65 -60.35
N GLU A 370 -5.23 10.29 -59.18
CA GLU A 370 -4.37 9.76 -58.12
C GLU A 370 -4.89 8.43 -57.60
N TYR A 371 -6.21 8.28 -57.41
CA TYR A 371 -6.74 6.97 -57.02
C TYR A 371 -6.43 5.93 -58.08
N ARG A 372 -6.57 6.29 -59.36
CA ARG A 372 -6.31 5.30 -60.42
C ARG A 372 -4.85 4.83 -60.41
N LYS A 373 -3.89 5.76 -60.28
CA LYS A 373 -2.49 5.39 -60.14
C LYS A 373 -2.27 4.43 -58.96
N ALA A 374 -2.91 4.72 -57.82
CA ALA A 374 -2.65 3.94 -56.62
C ALA A 374 -3.26 2.54 -56.71
N LYS A 375 -4.43 2.42 -57.31
CA LYS A 375 -5.03 1.11 -57.46
C LYS A 375 -4.19 0.24 -58.38
N ALA A 376 -3.80 0.79 -59.53
CA ALA A 376 -2.91 0.07 -60.44
C ALA A 376 -1.60 -0.27 -59.72
N ALA A 377 -1.08 0.65 -58.91
CA ALA A 377 0.14 0.38 -58.17
C ALA A 377 -0.04 -0.71 -57.12
N ASN A 378 -1.27 -0.98 -56.70
CA ASN A 378 -1.57 -2.08 -55.81
C ASN A 378 -1.99 -3.34 -56.57
N GLY A 379 -1.58 -3.47 -57.83
CA GLY A 379 -1.92 -4.67 -58.57
C GLY A 379 -3.38 -4.76 -58.94
N GLY A 380 -4.05 -3.62 -59.07
CA GLY A 380 -5.43 -3.60 -59.50
C GLY A 380 -6.45 -3.81 -58.43
N LYS A 381 -6.04 -3.98 -57.18
CA LYS A 381 -6.95 -4.12 -56.05
C LYS A 381 -7.17 -2.75 -55.39
N ASP A 382 -8.42 -2.43 -55.12
CA ASP A 382 -8.81 -1.25 -54.36
C ASP A 382 -7.99 -1.18 -53.07
N PRO A 383 -7.27 -0.09 -52.82
CA PRO A 383 -6.46 -0.01 -51.59
C PRO A 383 -7.26 0.01 -50.31
N PHE A 384 -8.49 0.56 -50.32
CA PHE A 384 -9.28 0.73 -49.10
C PHE A 384 -9.96 -0.54 -48.65
N SER A 385 -10.68 -1.18 -49.56
CA SER A 385 -11.50 -2.35 -49.24
C SER A 385 -11.32 -3.37 -50.34
N PRO A 386 -10.15 -4.03 -50.40
CA PRO A 386 -9.89 -4.98 -51.48
C PRO A 386 -10.79 -6.21 -51.45
N LEU A 387 -11.47 -6.47 -50.34
CA LEU A 387 -12.28 -7.67 -50.21
C LEU A 387 -13.78 -7.35 -50.18
N GLY A 388 -14.19 -6.27 -50.84
CA GLY A 388 -15.61 -5.98 -50.99
C GLY A 388 -16.26 -5.22 -49.84
N GLN A 389 -15.49 -4.82 -48.83
CA GLN A 389 -16.03 -4.12 -47.67
C GLN A 389 -16.65 -2.77 -48.05
N PRO A 390 -17.48 -2.21 -47.18
CA PRO A 390 -17.94 -0.83 -47.40
C PRO A 390 -16.75 0.12 -47.47
N HIS A 391 -16.97 1.27 -48.11
CA HIS A 391 -16.01 2.36 -48.00
C HIS A 391 -16.43 3.33 -46.90
N PHE A 392 -17.73 3.54 -46.70
CA PHE A 392 -18.18 4.51 -45.72
C PHE A 392 -19.28 3.93 -44.85
N GLU A 393 -19.41 4.52 -43.66
CA GLU A 393 -20.64 4.50 -42.86
C GLU A 393 -21.19 5.92 -42.87
N LEU A 394 -22.39 6.08 -43.42
CA LEU A 394 -23.04 7.38 -43.48
C LEU A 394 -24.17 7.39 -42.45
N ASP A 395 -23.96 8.14 -41.39
CA ASP A 395 -24.96 8.33 -40.35
C ASP A 395 -25.78 9.54 -40.72
N PHE A 396 -27.08 9.35 -40.85
CA PHE A 396 -27.98 10.44 -41.14
C PHE A 396 -28.68 10.81 -39.84
N VAL A 397 -28.05 11.70 -39.07
CA VAL A 397 -28.60 12.12 -37.79
C VAL A 397 -29.67 13.16 -38.05
N CYS A 398 -30.88 12.93 -37.53
CA CYS A 398 -32.01 13.75 -37.95
C CYS A 398 -32.19 15.00 -37.07
N MET A 399 -31.10 15.73 -36.88
CA MET A 399 -31.11 16.95 -36.07
C MET A 399 -29.73 17.56 -36.19
N PHE A 400 -29.62 18.86 -35.85
CA PHE A 400 -28.29 19.43 -35.69
C PHE A 400 -27.59 18.73 -34.53
N GLY A 401 -26.42 18.16 -34.79
CA GLY A 401 -25.66 17.48 -33.74
C GLY A 401 -24.42 18.20 -33.24
N THR A 402 -24.50 18.80 -32.03
CA THR A 402 -23.36 19.56 -31.50
C THR A 402 -22.11 18.70 -31.42
N ALA A 403 -22.27 17.40 -31.18
CA ALA A 403 -21.14 16.48 -31.07
C ALA A 403 -20.41 16.27 -32.39
N PHE A 404 -20.95 16.79 -33.49
CA PHE A 404 -20.30 16.64 -34.77
C PHE A 404 -20.00 17.97 -35.43
N GLN A 405 -20.11 19.08 -34.68
CA GLN A 405 -19.87 20.44 -35.16
C GLN A 405 -18.99 21.19 -34.16
N TRP A 406 -17.76 20.72 -34.00
CA TRP A 406 -16.93 21.18 -32.90
C TRP A 406 -16.58 22.66 -32.99
N HIS A 407 -16.70 23.29 -34.16
CA HIS A 407 -16.24 24.67 -34.29
C HIS A 407 -17.31 25.61 -34.82
N PHE A 408 -18.54 25.12 -35.02
CA PHE A 408 -19.61 26.00 -35.45
C PHE A 408 -20.63 26.17 -34.33
N PRO A 409 -21.27 27.34 -34.24
CA PRO A 409 -22.33 27.50 -33.24
C PRO A 409 -23.55 26.70 -33.63
N THR A 410 -24.37 26.39 -32.64
CA THR A 410 -25.66 25.78 -32.91
C THR A 410 -26.53 26.80 -33.63
N PRO A 411 -27.14 26.44 -34.75
CA PRO A 411 -28.06 27.38 -35.41
C PRO A 411 -29.19 27.77 -34.48
N LYS A 412 -29.58 29.05 -34.54
CA LYS A 412 -30.64 29.53 -33.66
C LYS A 412 -32.04 29.17 -34.17
N THR A 413 -32.20 28.91 -35.47
CA THR A 413 -33.50 28.56 -36.06
C THR A 413 -33.35 27.37 -37.01
N GLY A 414 -34.49 26.74 -37.30
CA GLY A 414 -34.57 25.79 -38.39
C GLY A 414 -34.33 24.36 -37.96
N ASP A 415 -34.76 23.42 -38.80
CA ASP A 415 -34.51 22.00 -38.64
C ASP A 415 -33.35 21.56 -39.55
N HIS A 416 -32.58 20.59 -39.07
CA HIS A 416 -31.38 20.22 -39.80
C HIS A 416 -31.19 18.72 -39.89
N LEU A 417 -30.38 18.31 -40.85
CA LEU A 417 -29.84 16.97 -40.93
C LEU A 417 -28.32 17.09 -40.74
N THR A 418 -27.76 16.30 -39.84
CA THR A 418 -26.32 16.18 -39.67
C THR A 418 -25.89 14.85 -40.31
N VAL A 419 -25.09 14.91 -41.37
CA VAL A 419 -24.59 13.70 -42.03
C VAL A 419 -23.14 13.51 -41.60
N VAL A 420 -22.87 12.38 -40.97
CA VAL A 420 -21.54 12.03 -40.47
C VAL A 420 -20.92 11.11 -41.52
N VAL A 421 -20.03 11.65 -42.36
CA VAL A 421 -19.35 10.85 -43.38
C VAL A 421 -18.13 10.21 -42.73
N ASP A 422 -18.24 8.92 -42.45
CA ASP A 422 -17.30 8.16 -41.65
C ASP A 422 -16.54 7.23 -42.61
N LEU A 423 -15.26 7.50 -42.84
CA LEU A 423 -14.43 6.61 -43.66
C LEU A 423 -14.05 5.38 -42.83
N VAL A 424 -14.65 4.23 -43.13
CA VAL A 424 -14.49 3.08 -42.25
C VAL A 424 -13.33 2.20 -42.67
N ARG A 425 -12.78 2.40 -43.86
CA ARG A 425 -11.63 1.62 -44.32
C ARG A 425 -10.49 2.54 -44.77
N PRO A 426 -9.95 3.34 -43.86
CA PRO A 426 -8.83 4.21 -44.23
C PRO A 426 -7.55 3.41 -44.42
N ILE A 427 -6.60 4.01 -45.11
CA ILE A 427 -5.32 3.35 -45.29
C ILE A 427 -4.18 4.13 -44.64
N SER A 428 -4.48 5.22 -43.94
CA SER A 428 -3.42 5.92 -43.23
C SER A 428 -2.78 5.01 -42.17
N ASP A 429 -1.47 5.16 -42.03
CA ASP A 429 -0.72 4.51 -40.97
C ASP A 429 -1.36 4.85 -39.62
N PRO A 430 -1.19 4.01 -38.62
CA PRO A 430 -1.78 4.30 -37.32
C PRO A 430 -1.05 5.42 -36.59
N GLY A 431 -1.71 5.97 -35.59
CA GLY A 431 -1.11 6.90 -34.66
C GLY A 431 -0.48 6.19 -33.47
N GLU A 432 -0.41 6.90 -32.35
CA GLU A 432 0.22 6.34 -31.16
C GLU A 432 -0.31 7.04 -29.91
N VAL A 433 -0.31 6.27 -28.81
CA VAL A 433 -0.56 6.79 -27.46
C VAL A 433 0.76 6.77 -26.72
N THR A 434 1.27 7.93 -26.34
CA THR A 434 2.54 7.99 -25.62
C THR A 434 2.36 8.65 -24.27
N LEU A 435 3.33 8.39 -23.38
CA LEU A 435 3.33 8.99 -22.07
C LEU A 435 3.75 10.44 -22.14
N ASN A 436 3.06 11.29 -21.39
CA ASN A 436 3.58 12.63 -21.16
C ASN A 436 4.58 12.66 -20.03
N SER A 437 4.41 11.76 -19.06
CA SER A 437 5.23 11.68 -17.86
C SER A 437 4.86 10.39 -17.13
N ALA A 438 5.47 10.18 -15.97
CA ALA A 438 5.17 9.07 -15.08
C ALA A 438 3.98 9.37 -14.17
N ASP A 439 3.34 10.49 -14.37
CA ASP A 439 2.22 10.91 -13.54
C ASP A 439 0.94 10.19 -13.95
N PRO A 440 0.33 9.37 -13.07
CA PRO A 440 -0.89 8.62 -13.42
C PRO A 440 -2.09 9.49 -13.63
N PHE A 441 -2.03 10.76 -13.21
CA PHE A 441 -3.18 11.63 -13.31
C PHE A 441 -3.13 12.54 -14.53
N GLN A 442 -2.10 12.42 -15.35
CA GLN A 442 -2.04 13.13 -16.61
C GLN A 442 -2.50 12.21 -17.71
N GLN A 443 -3.22 12.77 -18.66
CA GLN A 443 -3.64 12.00 -19.80
C GLN A 443 -2.42 11.56 -20.61
N PRO A 444 -2.51 10.42 -21.30
CA PRO A 444 -1.47 10.09 -22.25
C PRO A 444 -1.56 11.07 -23.42
N ASN A 445 -0.47 11.19 -24.14
CA ASN A 445 -0.49 11.98 -25.36
C ASN A 445 -1.03 11.13 -26.49
N ILE A 446 -1.91 11.71 -27.28
CA ILE A 446 -2.75 10.95 -28.20
C ILE A 446 -2.65 11.59 -29.58
N ASN A 447 -2.19 10.82 -30.56
CA ASN A 447 -2.11 11.26 -31.95
C ASN A 447 -2.83 10.24 -32.83
N LEU A 448 -3.96 10.65 -33.41
CA LEU A 448 -4.74 9.75 -34.24
C LEU A 448 -4.17 9.63 -35.66
N ASN A 449 -3.41 10.62 -36.09
CA ASN A 449 -2.73 10.57 -37.38
C ASN A 449 -3.72 10.33 -38.52
N PHE A 450 -4.87 11.01 -38.45
CA PHE A 450 -5.84 10.95 -39.53
C PHE A 450 -5.24 11.56 -40.78
N PHE A 451 -5.48 10.90 -41.92
CA PHE A 451 -5.15 11.46 -43.21
C PHE A 451 -3.64 11.59 -43.44
N ALA A 452 -2.83 10.77 -42.76
CA ALA A 452 -1.41 10.69 -43.11
C ALA A 452 -1.23 10.37 -44.59
N ASN A 453 -2.06 9.50 -45.15
CA ASN A 453 -2.01 9.17 -46.57
C ASN A 453 -2.98 10.06 -47.35
N ASP A 454 -2.46 10.74 -48.37
CA ASP A 454 -3.30 11.59 -49.21
C ASP A 454 -4.51 10.86 -49.78
N LEU A 455 -4.40 9.54 -50.01
CA LEU A 455 -5.53 8.82 -50.59
C LEU A 455 -6.76 8.83 -49.70
N ASP A 456 -6.57 8.85 -48.37
CA ASP A 456 -7.72 8.97 -47.47
C ASP A 456 -8.43 10.29 -47.69
N ILE A 457 -7.68 11.37 -47.99
CA ILE A 457 -8.31 12.65 -48.27
C ILE A 457 -9.14 12.57 -49.54
N ILE A 458 -8.61 11.90 -50.56
CA ILE A 458 -9.34 11.74 -51.82
C ILE A 458 -10.62 10.95 -51.58
N ALA A 459 -10.51 9.84 -50.86
CA ALA A 459 -11.68 9.04 -50.52
C ALA A 459 -12.70 9.85 -49.73
N MET A 460 -12.27 10.50 -48.64
CA MET A 460 -13.21 11.26 -47.82
C MET A 460 -13.90 12.36 -48.62
N ARG A 461 -13.15 13.03 -49.50
CA ARG A 461 -13.75 14.01 -50.39
C ARG A 461 -14.88 13.40 -51.22
N GLU A 462 -14.65 12.21 -51.76
CA GLU A 462 -15.65 11.59 -52.62
C GLU A 462 -16.80 11.04 -51.81
N GLY A 463 -16.56 10.61 -50.56
CA GLY A 463 -17.67 10.25 -49.71
C GLY A 463 -18.57 11.41 -49.38
N ILE A 464 -17.99 12.61 -49.28
CA ILE A 464 -18.83 13.80 -49.13
C ILE A 464 -19.59 14.06 -50.41
N ARG A 465 -18.93 13.91 -51.57
CA ARG A 465 -19.61 14.19 -52.83
C ARG A 465 -20.75 13.19 -53.07
N PHE A 466 -20.48 11.90 -52.85
CA PHE A 466 -21.55 10.89 -52.84
C PHE A 466 -22.71 11.34 -51.97
N SER A 467 -22.42 11.72 -50.73
CA SER A 467 -23.48 12.11 -49.81
C SER A 467 -24.27 13.30 -50.32
N TYR A 468 -23.57 14.28 -50.91
CA TYR A 468 -24.22 15.47 -51.47
C TYR A 468 -25.08 15.11 -52.68
N ASP A 469 -24.52 14.30 -53.60
CA ASP A 469 -25.30 13.80 -54.73
C ASP A 469 -26.59 13.13 -54.27
N LEU A 470 -26.51 12.38 -53.18
CA LEU A 470 -27.68 11.67 -52.66
C LEU A 470 -28.75 12.64 -52.17
N LEU A 471 -28.35 13.65 -51.40
CA LEU A 471 -29.34 14.52 -50.75
C LEU A 471 -29.81 15.67 -51.62
N PHE A 472 -29.03 16.08 -52.62
CA PHE A 472 -29.42 17.21 -53.46
C PHE A 472 -30.04 16.77 -54.75
N LYS A 473 -29.71 15.58 -55.23
CA LYS A 473 -30.22 15.05 -56.48
C LYS A 473 -31.19 13.88 -56.29
N GLY A 474 -31.06 13.09 -55.22
CA GLY A 474 -31.87 11.90 -55.08
C GLY A 474 -33.35 12.22 -54.96
N GLU A 475 -34.16 11.22 -55.28
CA GLU A 475 -35.59 11.46 -55.48
C GLU A 475 -36.24 11.71 -54.13
N GLY A 476 -37.24 12.58 -54.11
CA GLY A 476 -37.89 12.95 -52.87
C GLY A 476 -37.06 13.82 -51.93
N PHE A 477 -35.86 13.35 -51.53
CA PHE A 477 -35.06 14.14 -50.59
C PHE A 477 -34.56 15.44 -51.21
N LYS A 478 -34.31 15.46 -52.54
CA LYS A 478 -33.87 16.68 -53.21
C LYS A 478 -34.77 17.88 -52.92
N ASP A 479 -36.08 17.67 -52.74
CA ASP A 479 -36.97 18.77 -52.38
C ASP A 479 -36.85 19.24 -50.92
N LEU A 480 -36.17 18.49 -50.04
CA LEU A 480 -36.20 18.85 -48.63
C LEU A 480 -35.09 19.80 -48.21
N VAL A 481 -34.04 19.92 -49.01
CA VAL A 481 -32.86 20.66 -48.59
C VAL A 481 -33.08 22.15 -48.82
N GLU A 482 -33.01 22.94 -47.74
CA GLU A 482 -33.07 24.40 -47.80
C GLU A 482 -31.70 25.04 -47.95
N SER A 483 -30.69 24.71 -47.13
CA SER A 483 -29.38 25.32 -47.28
C SER A 483 -28.28 24.50 -46.62
N GLU A 484 -27.03 24.89 -46.89
CA GLU A 484 -25.86 24.29 -46.28
C GLU A 484 -25.42 25.12 -45.06
N TYR A 485 -24.97 24.44 -44.01
CA TYR A 485 -24.52 25.17 -42.85
C TYR A 485 -23.10 24.74 -42.51
N PRO A 486 -22.21 25.67 -42.17
CA PRO A 486 -22.39 27.12 -42.10
C PRO A 486 -22.03 27.85 -43.38
N TRP A 487 -21.53 27.15 -44.39
CA TRP A 487 -21.25 27.75 -45.69
C TRP A 487 -21.22 26.61 -46.71
N GLU A 488 -21.02 26.94 -47.98
CA GLU A 488 -21.06 25.91 -49.01
C GLU A 488 -19.89 24.95 -48.88
N MET A 489 -20.17 23.65 -49.02
CA MET A 489 -19.09 22.67 -49.09
C MET A 489 -18.41 22.80 -50.45
N PRO A 490 -17.10 23.08 -50.49
CA PRO A 490 -16.46 23.48 -51.76
C PRO A 490 -16.22 22.34 -52.74
N LEU A 491 -17.27 21.60 -53.04
CA LEU A 491 -17.10 20.40 -53.84
C LEU A 491 -16.61 20.65 -55.27
N ASP A 492 -16.59 21.91 -55.76
CA ASP A 492 -16.16 22.17 -57.13
C ASP A 492 -14.64 22.30 -57.28
N SER A 493 -13.90 22.26 -56.19
CA SER A 493 -12.47 22.50 -56.19
C SER A 493 -11.77 21.42 -55.38
N ASP A 494 -10.96 20.60 -56.05
CA ASP A 494 -10.25 19.57 -55.30
C ASP A 494 -9.36 20.19 -54.23
N LYS A 495 -8.70 21.31 -54.55
CA LYS A 495 -7.77 21.92 -53.61
C LYS A 495 -8.48 22.46 -52.38
N GLU A 496 -9.66 23.06 -52.56
CA GLU A 496 -10.39 23.51 -51.38
C GLU A 496 -10.89 22.34 -50.54
N MET A 497 -11.30 21.25 -51.21
CA MET A 497 -11.77 20.08 -50.48
C MET A 497 -10.66 19.50 -49.61
N HIS A 498 -9.42 19.53 -50.12
CA HIS A 498 -8.25 19.13 -49.34
C HIS A 498 -8.20 19.82 -47.98
N ARG A 499 -8.32 21.15 -47.98
CA ARG A 499 -8.34 21.94 -46.75
C ARG A 499 -9.60 21.65 -45.93
N ALA A 500 -10.75 21.57 -46.60
CA ALA A 500 -11.99 21.34 -45.87
C ALA A 500 -11.97 20.01 -45.13
N VAL A 501 -11.51 18.95 -45.80
CA VAL A 501 -11.48 17.64 -45.16
C VAL A 501 -10.57 17.67 -43.93
N LEU A 502 -9.36 18.22 -44.09
CA LEU A 502 -8.43 18.28 -42.96
C LEU A 502 -8.98 19.16 -41.84
N ASP A 503 -9.58 20.30 -42.19
CA ASP A 503 -9.99 21.28 -41.18
C ASP A 503 -11.33 20.96 -40.53
N ARG A 504 -12.16 20.16 -41.18
CA ARG A 504 -13.49 19.88 -40.65
C ARG A 504 -13.63 18.47 -40.10
N CYS A 505 -12.62 17.61 -40.30
CA CYS A 505 -12.74 16.24 -39.84
C CYS A 505 -12.63 16.16 -38.33
N GLN A 506 -13.10 15.03 -37.79
CA GLN A 506 -13.01 14.71 -36.36
C GLN A 506 -13.01 13.21 -36.24
N THR A 507 -12.74 12.73 -35.03
CA THR A 507 -12.88 11.31 -34.74
C THR A 507 -14.34 10.89 -34.85
N ALA A 508 -14.56 9.72 -35.45
CA ALA A 508 -15.88 9.10 -35.37
C ALA A 508 -16.10 8.37 -34.06
N PHE A 509 -15.13 8.51 -33.14
CA PHE A 509 -15.15 7.94 -31.78
C PHE A 509 -14.91 6.43 -31.78
N HIS A 510 -14.05 5.90 -32.68
CA HIS A 510 -13.78 4.46 -32.66
C HIS A 510 -12.30 4.09 -32.49
N PRO A 511 -11.56 4.69 -31.55
CA PRO A 511 -10.13 4.34 -31.45
C PRO A 511 -9.92 2.91 -31.01
N THR A 512 -8.86 2.29 -31.55
CA THR A 512 -8.55 0.87 -31.32
C THR A 512 -7.04 0.67 -31.35
N GLY A 513 -6.62 -0.53 -30.94
CA GLY A 513 -5.40 -1.13 -31.42
C GLY A 513 -4.14 -0.94 -30.59
N THR A 514 -4.20 -0.21 -29.47
CA THR A 514 -2.98 0.19 -28.76
C THR A 514 -2.36 -0.91 -27.91
N ALA A 515 -3.00 -2.07 -27.77
CA ALA A 515 -2.42 -3.21 -27.05
C ALA A 515 -2.80 -4.50 -27.75
N ARG A 516 -2.53 -4.55 -29.06
CA ARG A 516 -3.30 -5.42 -29.94
C ARG A 516 -2.99 -6.90 -29.74
N LEU A 517 -4.00 -7.71 -29.97
CA LEU A 517 -3.84 -9.14 -30.02
C LEU A 517 -2.91 -9.54 -31.16
N SER A 518 -2.15 -10.62 -30.96
CA SER A 518 -1.05 -10.95 -31.86
C SER A 518 -0.50 -12.32 -31.49
N LYS A 519 0.38 -12.83 -32.33
CA LYS A 519 0.95 -14.14 -32.06
C LYS A 519 2.22 -14.09 -31.22
N ASN A 520 2.86 -12.93 -31.08
CA ASN A 520 4.09 -12.80 -30.30
C ASN A 520 4.34 -11.33 -30.04
N ILE A 521 5.30 -11.05 -29.13
CA ILE A 521 5.53 -9.68 -28.67
C ILE A 521 6.14 -8.82 -29.76
N ASP A 522 6.69 -9.43 -30.80
CA ASP A 522 7.19 -8.66 -31.93
C ASP A 522 6.08 -8.23 -32.88
N GLN A 523 4.89 -8.80 -32.74
CA GLN A 523 3.76 -8.39 -33.55
C GLN A 523 2.78 -7.51 -32.79
N GLY A 524 2.60 -7.77 -31.50
CA GLY A 524 1.64 -7.05 -30.69
C GLY A 524 1.96 -7.25 -29.22
N VAL A 525 1.00 -6.90 -28.35
CA VAL A 525 1.25 -6.91 -26.92
C VAL A 525 0.50 -8.01 -26.16
N VAL A 526 -0.61 -8.54 -26.67
CA VAL A 526 -1.24 -9.71 -26.07
C VAL A 526 -1.31 -10.85 -27.10
N ASP A 527 -1.44 -12.08 -26.58
CA ASP A 527 -1.49 -13.29 -27.40
C ASP A 527 -2.93 -13.67 -27.76
N PRO A 528 -3.16 -14.71 -28.57
CA PRO A 528 -4.54 -15.01 -28.98
C PRO A 528 -5.50 -15.28 -27.83
N LYS A 529 -4.99 -15.62 -26.64
CA LYS A 529 -5.79 -15.74 -25.42
C LYS A 529 -5.88 -14.44 -24.65
N LEU A 530 -5.43 -13.33 -25.24
CA LEU A 530 -5.46 -11.99 -24.66
C LEU A 530 -4.56 -11.86 -23.41
N LYS A 531 -3.61 -12.76 -23.25
CA LYS A 531 -2.59 -12.63 -22.21
C LYS A 531 -1.46 -11.68 -22.64
N VAL A 532 -1.05 -10.79 -21.73
CA VAL A 532 0.04 -9.87 -22.03
C VAL A 532 1.33 -10.66 -22.28
N HIS A 533 1.94 -10.46 -23.44
CA HIS A 533 3.21 -11.14 -23.74
C HIS A 533 4.25 -10.81 -22.67
N GLY A 534 4.80 -11.84 -22.03
CA GLY A 534 5.83 -11.63 -21.04
C GLY A 534 5.33 -11.51 -19.61
N ILE A 535 4.02 -11.57 -19.38
CA ILE A 535 3.46 -11.43 -18.03
C ILE A 535 2.42 -12.52 -17.81
N LYS A 536 2.46 -13.17 -16.65
CA LYS A 536 1.46 -14.15 -16.26
C LYS A 536 0.35 -13.46 -15.48
N LYS A 537 -0.87 -14.00 -15.60
CA LYS A 537 -2.04 -13.55 -14.84
C LYS A 537 -2.46 -12.14 -15.22
N LEU A 538 -2.20 -11.70 -16.44
CA LEU A 538 -2.62 -10.38 -16.88
C LEU A 538 -3.21 -10.48 -18.28
N ARG A 539 -4.46 -10.10 -18.42
CA ARG A 539 -5.08 -10.06 -19.73
C ARG A 539 -5.56 -8.65 -20.01
N VAL A 540 -5.71 -8.33 -21.29
CA VAL A 540 -6.30 -7.07 -21.72
C VAL A 540 -7.58 -7.40 -22.46
N ALA A 541 -8.66 -6.72 -22.10
CA ALA A 541 -9.95 -6.91 -22.77
C ALA A 541 -10.58 -5.54 -22.89
N ASP A 542 -10.39 -4.90 -24.04
CA ASP A 542 -11.03 -3.65 -24.44
C ASP A 542 -10.65 -3.36 -25.90
N ALA A 543 -11.04 -2.17 -26.38
CA ALA A 543 -10.80 -1.82 -27.78
C ALA A 543 -9.31 -1.79 -28.12
N SER A 544 -8.42 -1.74 -27.13
CA SER A 544 -7.00 -1.64 -27.45
C SER A 544 -6.46 -2.95 -28.04
N VAL A 545 -7.23 -4.03 -27.88
CA VAL A 545 -6.83 -5.34 -28.34
C VAL A 545 -7.15 -5.55 -29.81
N ILE A 546 -8.08 -4.77 -30.36
CA ILE A 546 -8.62 -4.90 -31.72
C ILE A 546 -7.52 -4.72 -32.77
N PRO A 547 -7.21 -5.73 -33.56
CA PRO A 547 -6.06 -5.63 -34.48
C PRO A 547 -6.32 -4.99 -35.85
N ILE A 548 -7.55 -5.05 -36.34
CA ILE A 548 -7.97 -4.39 -37.58
C ILE A 548 -9.35 -3.78 -37.32
N ILE A 549 -9.47 -2.47 -37.48
CA ILE A 549 -10.69 -1.79 -37.01
C ILE A 549 -11.88 -2.23 -37.86
N PRO A 550 -12.99 -2.62 -37.26
CA PRO A 550 -14.17 -3.00 -38.04
C PRO A 550 -14.61 -1.88 -38.97
N ASP A 551 -15.51 -2.24 -39.90
CA ASP A 551 -15.93 -1.38 -41.01
C ASP A 551 -17.14 -0.51 -40.64
N CYS A 552 -17.26 -0.12 -39.37
CA CYS A 552 -18.48 0.46 -38.84
C CYS A 552 -18.20 0.88 -37.40
N LYS A 553 -19.20 1.42 -36.71
CA LYS A 553 -19.10 1.67 -35.27
C LYS A 553 -18.76 0.37 -34.53
N ILE A 554 -18.00 0.48 -33.43
CA ILE A 554 -17.20 -0.64 -32.97
C ILE A 554 -17.67 -1.22 -31.63
N GLN A 555 -18.73 -0.70 -31.02
CA GLN A 555 -19.08 -1.20 -29.70
C GLN A 555 -19.43 -2.68 -29.74
N ASN A 556 -19.94 -3.16 -30.89
CA ASN A 556 -20.30 -4.56 -31.04
C ASN A 556 -19.06 -5.46 -30.99
N SER A 557 -17.98 -5.08 -31.66
CA SER A 557 -16.76 -5.87 -31.53
C SER A 557 -16.16 -5.76 -30.14
N VAL A 558 -16.34 -4.64 -29.45
CA VAL A 558 -15.74 -4.49 -28.14
C VAL A 558 -16.43 -5.40 -27.13
N TYR A 559 -17.76 -5.47 -27.18
CA TYR A 559 -18.46 -6.43 -26.35
C TYR A 559 -18.05 -7.87 -26.70
N ALA A 560 -17.91 -8.16 -28.00
CA ALA A 560 -17.50 -9.53 -28.35
C ALA A 560 -16.15 -9.88 -27.74
N VAL A 561 -15.20 -8.94 -27.74
CA VAL A 561 -13.89 -9.18 -27.16
C VAL A 561 -14.00 -9.53 -25.67
N GLY A 562 -14.86 -8.81 -24.95
CA GLY A 562 -15.10 -9.13 -23.55
C GLY A 562 -15.72 -10.50 -23.37
N GLU A 563 -16.72 -10.85 -24.19
CA GLU A 563 -17.35 -12.17 -24.07
C GLU A 563 -16.33 -13.29 -24.30
N LYS A 564 -15.52 -13.17 -25.37
CA LYS A 564 -14.53 -14.19 -25.67
C LYS A 564 -13.45 -14.24 -24.57
N CYS A 565 -13.02 -13.09 -24.07
CA CYS A 565 -12.05 -13.10 -22.99
C CYS A 565 -12.56 -13.92 -21.81
N ALA A 566 -13.79 -13.68 -21.39
CA ALA A 566 -14.35 -14.43 -20.27
C ALA A 566 -14.40 -15.94 -20.54
N ASP A 567 -14.82 -16.35 -21.74
CA ASP A 567 -14.83 -17.77 -22.09
C ASP A 567 -13.42 -18.37 -22.03
N MET A 568 -12.41 -17.67 -22.58
CA MET A 568 -11.06 -18.22 -22.51
C MET A 568 -10.52 -18.25 -21.07
N ILE A 569 -10.94 -17.32 -20.21
CA ILE A 569 -10.58 -17.40 -18.79
C ILE A 569 -11.26 -18.58 -18.12
N LYS A 570 -12.56 -18.77 -18.37
CA LYS A 570 -13.27 -19.88 -17.74
C LYS A 570 -12.66 -21.22 -18.15
N ALA A 571 -12.27 -21.35 -19.42
CA ALA A 571 -11.73 -22.62 -19.88
C ALA A 571 -10.42 -22.95 -19.18
N GLU A 572 -9.66 -21.93 -18.78
CA GLU A 572 -8.39 -22.23 -18.15
C GLU A 572 -8.59 -22.56 -16.67
N HIS A 573 -9.53 -21.92 -15.99
CA HIS A 573 -9.74 -22.19 -14.56
C HIS A 573 -10.85 -23.22 -14.37
N LYS A 574 -10.50 -24.45 -14.75
CA LYS A 574 -11.45 -25.55 -14.69
C LYS A 574 -11.92 -25.85 -13.27
N ASP A 575 -11.09 -25.60 -12.25
CA ASP A 575 -11.60 -25.86 -10.91
C ASP A 575 -12.69 -24.88 -10.51
N LEU A 576 -12.87 -23.79 -11.26
CA LEU A 576 -13.90 -22.81 -10.95
C LEU A 576 -15.04 -22.84 -11.95
N TYR A 577 -14.87 -23.45 -13.12
CA TYR A 577 -15.91 -23.41 -14.14
C TYR A 577 -16.24 -24.78 -14.74
N ALA B 1 -13.63 27.11 -7.70
CA ALA B 1 -12.39 27.71 -8.18
C ALA B 1 -12.03 27.21 -9.58
N THR B 2 -11.74 28.14 -10.47
CA THR B 2 -11.48 27.77 -11.85
C THR B 2 -10.03 27.37 -12.01
N ASP B 3 -9.80 26.33 -12.80
CA ASP B 3 -8.43 25.95 -13.15
C ASP B 3 -7.70 27.14 -13.75
N GLY B 4 -6.48 27.39 -13.27
CA GLY B 4 -5.65 28.47 -13.78
C GLY B 4 -5.89 29.83 -13.15
N SER B 5 -6.72 29.91 -12.12
CA SER B 5 -7.06 31.21 -11.53
C SER B 5 -5.87 31.82 -10.79
N HIS B 6 -5.85 33.14 -10.78
CA HIS B 6 -4.79 33.92 -10.15
C HIS B 6 -5.32 34.54 -8.86
N PHE B 7 -4.46 34.53 -7.82
CA PHE B 7 -4.71 35.16 -6.53
C PHE B 7 -3.45 35.93 -6.14
N ASP B 8 -3.59 36.93 -5.27
CA ASP B 8 -2.41 37.63 -4.80
C ASP B 8 -1.52 36.69 -3.99
N PHE B 9 -2.13 35.96 -3.04
CA PHE B 9 -1.40 35.06 -2.17
C PHE B 9 -2.06 33.69 -2.20
N VAL B 10 -1.23 32.65 -2.33
CA VAL B 10 -1.68 31.27 -2.34
C VAL B 10 -1.02 30.60 -1.15
N ILE B 11 -1.84 30.05 -0.27
CA ILE B 11 -1.36 29.29 0.88
C ILE B 11 -1.59 27.81 0.59
N VAL B 12 -0.50 27.04 0.58
CA VAL B 12 -0.54 25.60 0.31
C VAL B 12 -0.55 24.90 1.66
N GLY B 13 -1.71 24.40 2.07
CA GLY B 13 -1.90 23.81 3.37
C GLY B 13 -2.67 24.71 4.33
N GLY B 14 -3.96 24.46 4.51
CA GLY B 14 -4.75 25.24 5.43
C GLY B 14 -4.60 24.78 6.88
N GLY B 15 -3.38 24.76 7.37
CA GLY B 15 -3.12 24.27 8.72
C GLY B 15 -3.02 25.39 9.74
N THR B 16 -2.19 25.14 10.75
CA THR B 16 -2.09 26.06 11.87
C THR B 16 -1.48 27.39 11.45
N ALA B 17 -0.26 27.37 10.92
CA ALA B 17 0.37 28.61 10.44
C ALA B 17 -0.20 29.06 9.11
N GLY B 18 -0.61 28.13 8.24
CA GLY B 18 -1.14 28.55 6.96
C GLY B 18 -2.38 29.42 7.10
N ASN B 19 -3.34 28.96 7.91
CA ASN B 19 -4.54 29.77 8.10
C ASN B 19 -4.23 31.09 8.76
N THR B 20 -3.19 31.12 9.60
CA THR B 20 -2.79 32.38 10.22
C THR B 20 -2.34 33.38 9.17
N VAL B 21 -1.42 32.97 8.28
CA VAL B 21 -0.94 33.85 7.22
C VAL B 21 -2.08 34.29 6.31
N ALA B 22 -2.90 33.34 5.89
CA ALA B 22 -3.99 33.66 4.98
C ALA B 22 -4.95 34.68 5.60
N GLY B 23 -5.40 34.43 6.82
CA GLY B 23 -6.33 35.34 7.46
C GLY B 23 -5.75 36.72 7.68
N ARG B 24 -4.48 36.79 8.05
CA ARG B 24 -3.83 38.08 8.25
C ARG B 24 -3.71 38.85 6.94
N LEU B 25 -3.28 38.18 5.87
CA LEU B 25 -3.12 38.86 4.60
C LEU B 25 -4.47 39.29 4.05
N ALA B 26 -5.54 38.58 4.41
CA ALA B 26 -6.89 38.93 3.97
C ALA B 26 -7.48 40.11 4.73
N GLU B 27 -6.73 40.69 5.67
CA GLU B 27 -7.26 41.84 6.39
C GLU B 27 -7.33 43.08 5.50
N ASN B 28 -6.60 43.11 4.39
CA ASN B 28 -6.94 44.03 3.32
C ASN B 28 -8.02 43.36 2.48
N PRO B 29 -9.27 43.80 2.56
CA PRO B 29 -10.37 43.07 1.92
C PRO B 29 -10.28 43.04 0.40
N ASN B 30 -9.38 43.84 -0.21
CA ASN B 30 -9.10 43.83 -1.64
C ASN B 30 -8.10 42.78 -2.05
N VAL B 31 -7.31 42.26 -1.10
CA VAL B 31 -6.28 41.28 -1.42
C VAL B 31 -6.93 39.92 -1.55
N THR B 32 -6.63 39.23 -2.66
CA THR B 32 -7.21 37.91 -2.93
C THR B 32 -6.29 36.84 -2.37
N VAL B 33 -6.86 35.91 -1.63
CA VAL B 33 -6.08 34.86 -0.99
C VAL B 33 -6.70 33.51 -1.33
N LEU B 34 -5.86 32.55 -1.72
CA LEU B 34 -6.32 31.17 -1.95
C LEU B 34 -5.70 30.26 -0.90
N ILE B 35 -6.50 29.32 -0.40
CA ILE B 35 -6.02 28.22 0.45
C ILE B 35 -6.34 26.89 -0.23
N VAL B 36 -5.32 26.06 -0.44
CA VAL B 36 -5.53 24.67 -0.84
C VAL B 36 -5.23 23.76 0.34
N GLU B 37 -6.11 22.78 0.56
CA GLU B 37 -6.02 21.93 1.74
C GLU B 37 -6.48 20.52 1.37
N ALA B 38 -5.77 19.52 1.90
CA ALA B 38 -6.07 18.12 1.61
C ALA B 38 -7.37 17.66 2.28
N GLY B 39 -7.68 18.16 3.48
CA GLY B 39 -8.81 17.69 4.26
C GLY B 39 -10.08 18.47 3.99
N ILE B 40 -11.09 18.21 4.85
CA ILE B 40 -12.40 18.84 4.70
C ILE B 40 -12.29 20.34 4.92
N GLY B 41 -13.27 21.07 4.39
CA GLY B 41 -13.30 22.51 4.52
C GLY B 41 -14.19 23.04 5.61
N ASN B 42 -15.02 22.20 6.21
CA ASN B 42 -16.03 22.61 7.21
C ASN B 42 -15.77 21.93 8.56
N PRO B 43 -14.60 22.10 9.16
CA PRO B 43 -14.32 21.37 10.41
C PRO B 43 -15.23 21.76 11.56
N GLU B 44 -15.80 22.97 11.57
CA GLU B 44 -16.68 23.37 12.66
CA GLU B 44 -16.65 23.32 12.71
C GLU B 44 -17.98 22.58 12.69
N ASP B 45 -18.31 21.87 11.59
CA ASP B 45 -19.49 21.02 11.56
C ASP B 45 -19.26 19.66 12.19
N ILE B 46 -18.05 19.36 12.63
CA ILE B 46 -17.73 18.00 13.08
C ILE B 46 -17.70 18.02 14.61
N PRO B 47 -18.65 17.37 15.27
CA PRO B 47 -18.64 17.38 16.74
C PRO B 47 -17.36 16.82 17.33
N GLU B 48 -16.75 15.82 16.68
CA GLU B 48 -15.51 15.22 17.18
C GLU B 48 -14.36 16.21 17.12
N ILE B 49 -14.41 17.13 16.17
CA ILE B 49 -13.40 18.18 16.09
C ILE B 49 -13.67 19.28 17.11
N THR B 50 -14.94 19.69 17.24
CA THR B 50 -15.29 20.85 18.07
C THR B 50 -15.42 20.51 19.55
N THR B 51 -15.66 19.24 19.91
CA THR B 51 -15.77 18.85 21.31
C THR B 51 -14.39 18.55 21.88
N PRO B 52 -13.92 19.31 22.87
CA PRO B 52 -12.54 19.10 23.36
C PRO B 52 -12.25 17.67 23.82
N SER B 53 -13.13 17.08 24.63
CA SER B 53 -12.83 15.78 25.22
C SER B 53 -12.76 14.67 24.19
N SER B 54 -13.18 14.92 22.96
CA SER B 54 -13.12 13.90 21.92
C SER B 54 -11.77 13.87 21.19
N ALA B 55 -10.83 14.76 21.55
CA ALA B 55 -9.63 14.98 20.75
C ALA B 55 -8.86 13.69 20.49
N MET B 56 -8.66 12.88 21.53
CA MET B 56 -7.90 11.64 21.39
C MET B 56 -8.56 10.68 20.42
N ASP B 57 -9.90 10.67 20.35
CA ASP B 57 -10.59 9.77 19.43
C ASP B 57 -10.35 10.17 17.97
N LEU B 58 -9.68 11.29 17.73
CA LEU B 58 -9.37 11.71 16.36
C LEU B 58 -8.19 10.96 15.79
N ARG B 59 -7.34 10.39 16.65
CA ARG B 59 -6.31 9.45 16.22
C ARG B 59 -6.96 8.34 15.42
N ASN B 60 -6.43 8.09 14.22
CA ASN B 60 -6.91 7.09 13.26
C ASN B 60 -8.26 7.43 12.64
N SER B 61 -8.75 8.66 12.82
CA SER B 61 -10.00 9.09 12.20
C SER B 61 -9.79 9.52 10.74
N LYS B 62 -10.88 9.90 10.08
CA LYS B 62 -10.79 10.42 8.71
C LYS B 62 -9.97 11.71 8.65
N TYR B 63 -9.73 12.36 9.81
CA TYR B 63 -9.02 13.62 9.89
C TYR B 63 -7.55 13.49 10.32
N ASP B 64 -6.99 12.28 10.33
CA ASP B 64 -5.63 12.07 10.80
C ASP B 64 -4.83 11.44 9.65
N TRP B 65 -3.79 12.15 9.20
CA TRP B 65 -2.89 11.60 8.17
C TRP B 65 -2.39 10.22 8.59
N ALA B 66 -2.21 10.01 9.90
CA ALA B 66 -1.90 8.70 10.48
C ALA B 66 -0.66 8.08 9.87
N TYR B 67 0.41 8.88 9.77
CA TYR B 67 1.63 8.39 9.12
C TYR B 67 2.25 7.24 9.90
N LYS B 68 2.96 6.38 9.17
CA LYS B 68 3.99 5.54 9.75
C LYS B 68 5.21 6.41 10.04
N THR B 69 5.83 6.21 11.20
CA THR B 69 7.03 6.95 11.56
C THR B 69 7.98 6.05 12.34
N THR B 70 9.28 6.16 12.07
CA THR B 70 10.28 5.50 12.89
C THR B 70 10.52 6.35 14.15
N MET B 71 10.18 5.79 15.30
CA MET B 71 10.33 6.50 16.57
C MET B 71 11.78 6.50 17.04
N VAL B 72 12.46 5.34 16.96
CA VAL B 72 13.83 5.15 17.41
C VAL B 72 14.58 4.34 16.35
N ARG B 73 15.79 4.77 16.02
CA ARG B 73 16.67 3.98 15.13
C ARG B 73 18.08 4.04 15.68
N ARG B 74 18.40 3.14 16.59
CA ARG B 74 19.77 2.95 17.06
C ARG B 74 20.20 1.52 16.78
N ASP B 75 21.48 1.24 16.97
CA ASP B 75 21.98 -0.10 16.67
C ASP B 75 21.38 -1.15 17.60
N ASP B 76 21.02 -0.78 18.82
CA ASP B 76 20.49 -1.77 19.76
C ASP B 76 18.97 -1.86 19.74
N TYR B 77 18.29 -0.96 19.02
CA TYR B 77 16.85 -0.87 19.12
C TYR B 77 16.31 -0.01 17.97
N GLU B 78 15.18 -0.44 17.40
CA GLU B 78 14.50 0.32 16.36
C GLU B 78 13.02 0.00 16.45
N ARG B 79 12.19 1.04 16.31
CA ARG B 79 10.76 0.85 16.35
C ARG B 79 10.09 1.81 15.38
N ILE B 80 9.13 1.28 14.64
CA ILE B 80 8.31 2.07 13.74
C ILE B 80 6.87 1.96 14.23
N GLU B 81 6.14 3.09 14.19
CA GLU B 81 4.78 3.13 14.72
C GLU B 81 3.83 3.78 13.72
N LYS B 82 2.54 3.47 13.90
CA LYS B 82 1.51 4.10 13.12
C LYS B 82 0.30 4.05 14.04
N PRO B 83 -0.46 5.15 14.20
CA PRO B 83 -0.35 6.46 13.57
C PRO B 83 0.56 7.46 14.25
N ASN B 84 1.39 8.18 13.48
CA ASN B 84 1.98 9.43 13.94
C ASN B 84 1.03 10.54 13.51
N THR B 85 0.16 10.93 14.43
CA THR B 85 -1.03 11.69 14.10
C THR B 85 -0.68 13.10 13.61
N ARG B 86 -1.38 13.55 12.58
CA ARG B 86 -1.26 14.87 12.00
C ARG B 86 -2.64 15.28 11.53
N GLY B 87 -3.03 16.53 11.75
CA GLY B 87 -4.36 16.97 11.33
C GLY B 87 -4.50 17.03 9.81
N LYS B 88 -5.59 16.45 9.29
CA LYS B 88 -5.94 16.45 7.86
C LYS B 88 -7.36 16.99 7.73
N THR B 89 -7.47 18.31 7.64
CA THR B 89 -8.70 19.08 7.67
C THR B 89 -8.28 20.54 7.61
N LEU B 90 -9.21 21.41 7.26
CA LEU B 90 -8.89 22.81 7.45
C LEU B 90 -8.64 23.02 8.95
N GLY B 91 -7.60 23.80 9.24
CA GLY B 91 -7.08 23.92 10.59
C GLY B 91 -5.90 23.02 10.90
N GLY B 92 -5.63 22.01 10.07
CA GLY B 92 -4.52 21.11 10.30
C GLY B 92 -4.56 20.42 11.64
N SER B 93 -3.39 20.37 12.28
CA SER B 93 -3.26 19.73 13.59
C SER B 93 -3.79 20.59 14.73
N SER B 94 -4.04 21.87 14.50
CA SER B 94 -4.77 22.68 15.47
C SER B 94 -6.23 22.25 15.56
N SER B 95 -6.70 21.40 14.63
CA SER B 95 -8.04 20.83 14.74
C SER B 95 -8.09 19.52 15.51
N LEU B 96 -6.95 18.87 15.83
CA LEU B 96 -7.00 17.65 16.61
C LEU B 96 -5.94 17.57 17.70
N ASN B 97 -5.36 18.70 18.11
CA ASN B 97 -4.38 18.70 19.19
C ASN B 97 -5.07 18.70 20.55
N TYR B 98 -4.26 18.73 21.61
CA TYR B 98 -4.73 18.65 22.99
C TYR B 98 -4.64 20.00 23.71
N PHE B 99 -4.77 21.10 22.96
CA PHE B 99 -5.22 22.43 23.39
C PHE B 99 -4.24 23.27 24.21
N THR B 100 -3.16 22.70 24.73
CA THR B 100 -2.29 23.46 25.62
C THR B 100 -1.62 24.59 24.86
N TRP B 101 -1.55 25.76 25.50
CA TRP B 101 -1.08 27.01 24.88
C TRP B 101 0.06 27.53 25.74
N VAL B 102 1.29 27.27 25.34
CA VAL B 102 2.45 27.60 26.17
C VAL B 102 3.56 28.09 25.25
N PRO B 103 4.16 29.26 25.51
CA PRO B 103 5.18 29.78 24.60
C PRO B 103 6.50 29.01 24.63
N GLY B 104 7.08 28.87 25.80
CA GLY B 104 8.44 28.38 25.91
C GLY B 104 9.30 29.38 26.67
N HIS B 105 10.57 29.03 26.81
CA HIS B 105 11.47 29.75 27.71
C HIS B 105 12.20 30.85 26.95
N LYS B 106 12.39 31.99 27.63
CA LYS B 106 13.04 33.13 26.97
C LYS B 106 14.43 32.78 26.46
N ALA B 107 15.23 32.07 27.26
CA ALA B 107 16.60 31.78 26.85
C ALA B 107 16.66 30.93 25.59
N THR B 108 15.67 30.05 25.40
CA THR B 108 15.64 29.19 24.20
C THR B 108 15.38 30.01 22.95
N PHE B 109 14.34 30.85 22.96
CA PHE B 109 14.04 31.71 21.81
C PHE B 109 15.19 32.65 21.53
N ASP B 110 15.90 33.10 22.56
CA ASP B 110 17.03 33.99 22.34
C ASP B 110 18.10 33.31 21.52
N GLN B 111 18.17 31.99 21.60
CA GLN B 111 19.14 31.22 20.82
C GLN B 111 18.78 31.18 19.34
N TRP B 112 17.59 31.64 18.95
CA TRP B 112 17.23 31.63 17.53
C TRP B 112 18.04 32.64 16.72
N GLU B 113 18.63 33.63 17.40
CA GLU B 113 19.40 34.69 16.73
C GLU B 113 20.53 34.11 15.89
N GLU B 114 21.15 33.02 16.34
CA GLU B 114 22.12 32.31 15.53
C GLU B 114 21.55 31.97 14.15
N PHE B 115 20.24 31.78 14.06
CA PHE B 115 19.61 31.43 12.80
C PHE B 115 18.89 32.61 12.14
N GLY B 116 18.15 33.40 12.88
CA GLY B 116 17.34 34.42 12.24
C GLY B 116 17.68 35.86 12.53
N GLY B 117 18.76 36.08 13.28
CA GLY B 117 19.10 37.44 13.70
C GLY B 117 18.16 37.94 14.79
N LYS B 118 18.41 39.19 15.20
CA LYS B 118 17.81 39.68 16.44
C LYS B 118 16.30 39.73 16.37
N GLU B 119 15.72 39.85 15.16
CA GLU B 119 14.26 39.93 15.10
C GLU B 119 13.59 38.63 15.51
N TRP B 120 14.33 37.51 15.51
CA TRP B 120 13.81 36.23 15.98
C TRP B 120 14.30 35.89 17.38
N THR B 121 14.37 36.84 18.32
CA THR B 121 14.71 36.53 19.70
C THR B 121 13.49 36.76 20.60
N TRP B 122 13.65 36.54 21.91
CA TRP B 122 12.48 36.52 22.78
C TRP B 122 11.72 37.84 22.73
N ASP B 123 12.39 38.95 23.09
CA ASP B 123 11.71 40.24 23.20
C ASP B 123 10.92 40.64 21.96
N PRO B 124 11.46 40.58 20.73
CA PRO B 124 10.62 40.88 19.56
C PRO B 124 9.50 39.87 19.33
N LEU B 125 9.61 38.65 19.83
CA LEU B 125 8.61 37.64 19.52
C LEU B 125 7.40 37.68 20.46
N VAL B 126 7.57 38.25 21.65
CA VAL B 126 6.46 38.32 22.62
C VAL B 126 5.16 38.83 22.02
N PRO B 127 5.14 39.93 21.24
CA PRO B 127 3.86 40.34 20.64
C PRO B 127 3.32 39.32 19.66
N TYR B 128 4.23 38.66 18.91
CA TYR B 128 3.81 37.64 17.95
C TYR B 128 3.35 36.37 18.64
N LEU B 129 3.92 36.06 19.81
CA LEU B 129 3.44 34.93 20.60
C LEU B 129 2.07 35.19 21.20
N ARG B 130 1.58 36.44 21.17
CA ARG B 130 0.30 36.78 21.74
C ARG B 130 -0.71 37.28 20.73
N LYS B 131 -0.26 37.64 19.52
CA LYS B 131 -1.13 38.35 18.58
C LYS B 131 -2.34 37.51 18.16
N SER B 132 -2.24 36.17 18.21
CA SER B 132 -3.33 35.33 17.71
C SER B 132 -4.49 35.17 18.67
N ALA B 133 -4.33 35.48 19.95
CA ALA B 133 -5.24 35.04 20.99
C ALA B 133 -6.00 36.18 21.63
N THR B 134 -7.28 35.91 21.96
CA THR B 134 -8.08 36.69 22.90
C THR B 134 -8.23 35.87 24.18
N TYR B 135 -7.61 36.35 25.25
CA TYR B 135 -7.65 35.70 26.57
C TYR B 135 -8.97 35.96 27.30
N HIS B 136 -9.50 34.93 27.96
CA HIS B 136 -10.65 35.06 28.83
C HIS B 136 -10.36 34.48 30.20
N ASP B 137 -10.89 35.13 31.24
CA ASP B 137 -10.87 34.62 32.61
C ASP B 137 -12.25 34.83 33.22
N ASP B 138 -13.28 34.27 32.58
CA ASP B 138 -14.66 34.51 33.02
C ASP B 138 -14.94 34.31 34.52
N PRO B 139 -14.48 33.26 35.19
CA PRO B 139 -14.69 33.14 36.64
C PRO B 139 -13.67 33.91 37.46
N ARG B 140 -12.86 34.71 36.82
CA ARG B 140 -11.88 35.57 37.45
C ARG B 140 -11.05 34.85 38.50
N LEU B 141 -10.45 33.73 38.11
CA LEU B 141 -9.64 32.86 38.95
C LEU B 141 -8.13 33.17 38.94
N TYR B 142 -7.65 33.97 38.00
CA TYR B 142 -6.22 34.20 37.85
C TYR B 142 -5.95 35.69 37.73
N SER B 143 -4.71 36.06 38.02
CA SER B 143 -4.27 37.44 38.02
C SER B 143 -4.84 38.15 36.79
N PRO B 144 -5.54 39.27 36.95
CA PRO B 144 -6.02 40.01 35.77
C PRO B 144 -4.89 40.41 34.84
N GLU B 145 -3.66 40.47 35.37
CA GLU B 145 -2.49 40.87 34.60
C GLU B 145 -2.25 39.91 33.43
N LEU B 146 -2.67 38.64 33.55
CA LEU B 146 -2.37 37.69 32.49
C LEU B 146 -3.22 37.90 31.24
N GLU B 147 -4.14 38.87 31.24
CA GLU B 147 -4.89 39.15 30.03
C GLU B 147 -3.98 39.65 28.91
N LYS B 148 -2.77 40.10 29.24
CA LYS B 148 -1.84 40.60 28.25
C LYS B 148 -1.39 39.54 27.25
N ILE B 149 -1.47 38.25 27.61
CA ILE B 149 -1.00 37.21 26.70
C ILE B 149 -1.94 36.97 25.53
N GLY B 150 -3.13 37.57 25.56
CA GLY B 150 -3.97 37.56 24.38
C GLY B 150 -4.00 38.94 23.79
N GLY B 151 -3.43 39.08 22.61
CA GLY B 151 -3.35 40.39 22.00
C GLY B 151 -4.56 40.83 21.22
N GLY B 152 -5.59 39.98 21.13
CA GLY B 152 -6.78 40.36 20.41
C GLY B 152 -7.13 39.56 19.18
N GLY B 153 -6.46 38.42 18.98
CA GLY B 153 -6.67 37.65 17.79
C GLY B 153 -7.90 36.77 17.84
N PRO B 154 -8.10 36.02 16.75
CA PRO B 154 -9.33 35.23 16.58
C PRO B 154 -9.32 33.86 17.28
N ILE B 155 -8.26 33.54 18.03
CA ILE B 155 -8.16 32.26 18.73
C ILE B 155 -8.55 32.48 20.18
N PRO B 156 -9.75 32.08 20.62
CA PRO B 156 -10.10 32.24 22.03
C PRO B 156 -9.33 31.24 22.91
N ILE B 157 -8.65 31.78 23.92
CA ILE B 157 -7.97 30.95 24.91
C ILE B 157 -8.48 31.31 26.30
N SER B 158 -8.23 30.38 27.23
CA SER B 158 -8.55 30.57 28.64
C SER B 158 -7.70 29.59 29.43
N HIS B 159 -7.50 29.92 30.70
CA HIS B 159 -7.14 28.87 31.64
C HIS B 159 -8.18 27.77 31.54
N ALA B 160 -7.76 26.52 31.77
CA ALA B 160 -8.69 25.39 31.69
C ALA B 160 -9.98 25.70 32.44
N GLU B 161 -11.10 25.40 31.81
CA GLU B 161 -12.41 25.53 32.40
C GLU B 161 -12.62 24.32 33.30
N LEU B 162 -12.30 24.52 34.59
CA LEU B 162 -12.00 23.41 35.50
C LEU B 162 -13.17 22.46 35.65
N ILE B 163 -12.87 21.16 35.65
CA ILE B 163 -13.84 20.15 36.02
C ILE B 163 -14.00 20.19 37.53
N ASP B 164 -15.26 20.28 37.99
CA ASP B 164 -15.48 20.44 39.43
C ASP B 164 -15.09 19.17 40.17
N GLU B 165 -15.52 18.02 39.65
CA GLU B 165 -15.23 16.73 40.29
C GLU B 165 -13.75 16.47 40.41
N MET B 166 -12.93 17.13 39.61
CA MET B 166 -11.50 16.94 39.68
C MET B 166 -10.81 17.93 40.63
N ALA B 167 -11.58 18.73 41.38
CA ALA B 167 -11.00 19.66 42.34
C ALA B 167 -10.16 18.96 43.43
N PRO B 168 -10.61 17.85 44.05
CA PRO B 168 -9.71 17.15 44.99
C PRO B 168 -8.43 16.65 44.34
N PHE B 169 -8.53 16.09 43.12
CA PHE B 169 -7.36 15.70 42.34
C PHE B 169 -6.33 16.82 42.24
N ARG B 170 -6.74 17.98 41.72
CA ARG B 170 -5.78 19.08 41.56
C ARG B 170 -5.22 19.49 42.91
N GLU B 171 -6.07 19.45 43.93
CA GLU B 171 -5.70 19.90 45.27
C GLU B 171 -4.68 18.97 45.90
N ASN B 172 -4.83 17.66 45.67
CA ASN B 172 -3.82 16.72 46.15
C ASN B 172 -2.56 16.77 45.30
N LEU B 173 -2.70 16.97 43.99
CA LEU B 173 -1.53 17.06 43.12
C LEU B 173 -0.68 18.28 43.45
N THR B 174 -1.32 19.40 43.74
CA THR B 174 -0.58 20.62 44.08
C THR B 174 0.17 20.45 45.39
N LYS B 175 -0.52 19.93 46.40
CA LYS B 175 0.12 19.60 47.67
C LYS B 175 1.32 18.70 47.44
N ALA B 176 1.14 17.67 46.61
CA ALA B 176 2.22 16.72 46.34
C ALA B 176 3.38 17.41 45.66
N TRP B 177 3.09 18.29 44.69
CA TRP B 177 4.12 19.09 44.03
C TRP B 177 4.91 19.92 45.05
N LYS B 178 4.20 20.61 45.95
CA LYS B 178 4.90 21.46 46.91
C LYS B 178 5.77 20.64 47.84
N SER B 179 5.30 19.47 48.26
CA SER B 179 6.04 18.65 49.20
C SER B 179 7.34 18.09 48.61
N MET B 180 7.58 18.29 47.31
CA MET B 180 8.84 17.89 46.71
C MET B 180 9.80 19.06 46.59
N GLY B 181 9.49 20.18 47.20
CA GLY B 181 10.37 21.33 47.15
C GLY B 181 10.36 22.02 45.80
N GLN B 182 9.26 21.91 45.04
CA GLN B 182 9.19 22.47 43.70
C GLN B 182 8.18 23.59 43.61
N PRO B 183 8.49 24.65 42.87
CA PRO B 183 7.67 25.86 42.94
C PRO B 183 6.32 25.66 42.30
N LEU B 184 5.39 26.52 42.71
CA LEU B 184 4.20 26.80 41.94
C LEU B 184 4.51 28.03 41.08
N ILE B 185 3.85 28.12 39.93
CA ILE B 185 4.02 29.25 39.02
C ILE B 185 2.78 29.38 38.15
N GLU B 186 2.32 30.62 37.96
CA GLU B 186 1.15 30.84 37.13
C GLU B 186 1.43 31.67 35.90
N ASN B 187 2.42 32.56 35.95
CA ASN B 187 2.81 33.34 34.78
C ASN B 187 4.03 32.66 34.14
N ILE B 188 3.77 31.75 33.20
CA ILE B 188 4.84 31.10 32.49
C ILE B 188 5.05 31.74 31.11
N TYR B 189 4.56 32.97 30.92
CA TYR B 189 4.42 33.61 29.62
C TYR B 189 5.37 34.79 29.43
N ASP B 190 6.24 35.09 30.40
CA ASP B 190 7.17 36.19 30.27
C ASP B 190 8.61 35.71 30.18
N GLY B 191 8.82 34.43 29.89
CA GLY B 191 10.16 33.90 29.70
C GLY B 191 10.62 32.96 30.78
N GLU B 192 9.91 32.87 31.89
CA GLU B 192 10.24 31.97 32.98
C GLU B 192 9.10 30.98 33.16
N MET B 193 9.43 29.70 33.33
CA MET B 193 8.37 28.71 33.38
C MET B 193 8.67 27.61 34.39
N ASP B 194 9.36 27.94 35.48
CA ASP B 194 9.81 26.96 36.47
C ASP B 194 8.69 26.70 37.49
N GLY B 195 8.07 25.52 37.41
CA GLY B 195 7.17 25.04 38.44
C GLY B 195 5.92 24.45 37.84
N LEU B 196 4.91 24.25 38.70
CA LEU B 196 3.64 23.64 38.34
C LEU B 196 2.62 24.73 38.04
N THR B 197 1.87 24.58 36.96
CA THR B 197 1.03 25.65 36.48
C THR B 197 -0.35 25.18 36.12
N HIS B 198 -1.30 26.11 36.23
CA HIS B 198 -2.63 25.96 35.65
C HIS B 198 -2.55 26.41 34.20
N CYS B 199 -2.60 25.45 33.29
CA CYS B 199 -2.32 25.73 31.89
C CYS B 199 -3.47 26.46 31.22
N CYS B 200 -3.13 27.16 30.15
CA CYS B 200 -4.14 27.74 29.27
C CYS B 200 -4.36 26.84 28.06
N ASP B 201 -5.51 27.04 27.43
CA ASP B 201 -5.96 26.10 26.41
C ASP B 201 -6.69 26.83 25.29
N THR B 202 -6.49 26.32 24.07
CA THR B 202 -7.31 26.78 22.97
C THR B 202 -8.67 26.13 23.05
N ILE B 203 -9.29 26.29 24.23
CA ILE B 203 -10.67 25.96 24.47
C ILE B 203 -11.29 27.18 25.13
N TYR B 204 -12.49 27.55 24.70
CA TYR B 204 -13.28 28.57 25.38
C TYR B 204 -14.74 28.15 25.29
N ARG B 205 -15.42 28.18 26.45
CA ARG B 205 -16.83 27.86 26.54
C ARG B 205 -17.13 26.47 26.01
N GLY B 206 -16.28 25.50 26.33
CA GLY B 206 -16.51 24.14 25.89
C GLY B 206 -16.31 23.84 24.40
N GLN B 207 -15.59 24.69 23.66
CA GLN B 207 -15.38 24.46 22.23
C GLN B 207 -13.92 24.68 21.86
N ARG B 208 -13.47 23.91 20.86
CA ARG B 208 -12.10 24.02 20.39
C ARG B 208 -11.86 25.28 19.58
N SER B 209 -10.71 25.92 19.81
CA SER B 209 -10.24 27.07 19.05
C SER B 209 -9.14 26.63 18.08
N GLY B 210 -9.54 26.26 16.84
CA GLY B 210 -8.60 25.92 15.80
C GLY B 210 -8.33 27.08 14.82
N SER B 211 -7.26 26.93 14.04
CA SER B 211 -6.81 27.98 13.14
C SER B 211 -7.84 28.31 12.06
N PHE B 212 -8.88 27.50 11.90
CA PHE B 212 -9.92 27.83 10.95
C PHE B 212 -10.67 29.09 11.32
N LEU B 213 -10.60 29.53 12.58
CA LEU B 213 -11.23 30.78 12.98
C LEU B 213 -10.60 32.01 12.32
N PHE B 214 -9.42 31.87 11.74
CA PHE B 214 -8.74 32.97 11.06
C PHE B 214 -9.36 33.29 9.72
N VAL B 215 -9.97 32.30 9.06
CA VAL B 215 -10.28 32.37 7.64
C VAL B 215 -11.79 32.28 7.38
N LYS B 216 -12.63 32.63 8.35
CA LYS B 216 -14.07 32.56 8.14
C LYS B 216 -14.67 33.96 7.94
N ASN B 217 -15.74 34.00 7.12
CA ASN B 217 -16.39 35.22 6.65
C ASN B 217 -15.37 36.30 6.29
N LYS B 218 -14.48 35.94 5.37
CA LYS B 218 -13.58 36.87 4.69
C LYS B 218 -13.71 36.43 3.23
N PRO B 219 -14.56 37.12 2.46
CA PRO B 219 -14.91 36.63 1.13
C PRO B 219 -13.78 36.77 0.13
N ASN B 220 -12.73 37.49 0.48
CA ASN B 220 -11.58 37.57 -0.42
C ASN B 220 -10.67 36.34 -0.30
N ILE B 221 -10.99 35.41 0.59
CA ILE B 221 -10.29 34.12 0.71
C ILE B 221 -11.08 33.05 -0.04
N THR B 222 -10.45 32.43 -1.03
CA THR B 222 -11.01 31.25 -1.66
C THR B 222 -10.42 30.04 -0.94
N ILE B 223 -11.27 29.19 -0.37
CA ILE B 223 -10.84 27.97 0.32
C ILE B 223 -11.17 26.77 -0.56
N VAL B 224 -10.14 26.07 -1.00
CA VAL B 224 -10.34 24.89 -1.82
C VAL B 224 -9.95 23.68 -0.99
N PRO B 225 -10.89 22.99 -0.36
CA PRO B 225 -10.58 21.79 0.44
C PRO B 225 -10.50 20.56 -0.47
N GLU B 226 -10.17 19.44 0.15
CA GLU B 226 -10.21 18.12 -0.52
C GLU B 226 -9.33 18.09 -1.77
N VAL B 227 -8.20 18.80 -1.74
CA VAL B 227 -7.26 18.76 -2.84
C VAL B 227 -5.89 18.41 -2.31
N HIS B 228 -5.20 17.54 -3.02
CA HIS B 228 -3.90 17.00 -2.64
C HIS B 228 -2.84 17.62 -3.53
N SER B 229 -1.87 18.29 -2.94
CA SER B 229 -0.89 19.04 -3.74
C SER B 229 0.02 18.10 -4.51
N LYS B 230 0.40 18.50 -5.72
CA LYS B 230 1.33 17.72 -6.52
C LYS B 230 2.74 18.29 -6.53
N ARG B 231 2.86 19.60 -6.69
CA ARG B 231 4.16 20.20 -6.97
C ARG B 231 3.96 21.70 -6.90
N LEU B 232 4.99 22.41 -6.44
CA LEU B 232 5.06 23.84 -6.64
C LEU B 232 5.45 24.13 -8.09
N ILE B 233 4.87 25.19 -8.64
CA ILE B 233 5.17 25.59 -10.01
C ILE B 233 6.37 26.53 -9.90
N ILE B 234 7.54 26.07 -10.33
CA ILE B 234 8.79 26.82 -10.26
C ILE B 234 9.21 27.15 -11.69
N ASN B 235 9.41 28.44 -11.97
CA ASN B 235 10.01 28.86 -13.22
C ASN B 235 11.53 28.88 -13.05
N GLU B 236 12.24 28.02 -13.78
CA GLU B 236 13.66 27.83 -13.55
C GLU B 236 14.47 29.06 -13.95
N ALA B 237 14.23 29.58 -15.16
CA ALA B 237 14.96 30.75 -15.64
C ALA B 237 14.82 31.90 -14.66
N ASP B 238 13.60 32.15 -14.16
CA ASP B 238 13.37 33.24 -13.23
C ASP B 238 13.71 32.86 -11.78
N ARG B 239 13.83 31.58 -11.47
CA ARG B 239 14.06 31.12 -10.10
C ARG B 239 12.89 31.56 -9.20
N THR B 240 11.68 31.55 -9.76
CA THR B 240 10.52 32.15 -9.13
C THR B 240 9.45 31.08 -8.92
N CYS B 241 8.77 31.11 -7.77
CA CYS B 241 7.62 30.23 -7.57
C CYS B 241 6.36 30.91 -8.10
N LYS B 242 5.65 30.22 -9.01
CA LYS B 242 4.48 30.78 -9.69
C LYS B 242 3.17 30.39 -9.05
N GLY B 243 3.14 29.32 -8.28
CA GLY B 243 1.87 28.80 -7.81
C GLY B 243 2.03 27.34 -7.41
N VAL B 244 0.94 26.60 -7.53
CA VAL B 244 0.93 25.21 -7.08
C VAL B 244 -0.05 24.42 -7.94
N THR B 245 0.27 23.16 -8.15
CA THR B 245 -0.60 22.20 -8.83
C THR B 245 -1.19 21.25 -7.80
N VAL B 246 -2.50 21.07 -7.82
CA VAL B 246 -3.16 20.13 -6.92
C VAL B 246 -4.00 19.16 -7.73
N VAL B 247 -4.38 18.08 -7.08
CA VAL B 247 -5.24 17.05 -7.66
C VAL B 247 -6.52 17.02 -6.85
N THR B 248 -7.67 16.98 -7.53
CA THR B 248 -9.00 16.95 -6.93
C THR B 248 -9.46 15.54 -6.60
N ALA B 249 -10.57 15.48 -5.84
CA ALA B 249 -11.21 14.21 -5.52
C ALA B 249 -11.51 13.37 -6.74
N ALA B 250 -11.86 14.00 -7.85
CA ALA B 250 -12.15 13.30 -9.10
C ALA B 250 -10.90 12.96 -9.90
N GLY B 251 -9.71 13.34 -9.40
CA GLY B 251 -8.47 13.05 -10.09
C GLY B 251 -8.03 14.01 -11.17
N ASN B 252 -8.42 15.28 -11.11
CA ASN B 252 -8.02 16.24 -12.13
C ASN B 252 -6.96 17.17 -11.56
N GLU B 253 -6.01 17.55 -12.40
CA GLU B 253 -4.89 18.37 -11.97
C GLU B 253 -5.21 19.82 -12.30
N LEU B 254 -5.12 20.67 -11.28
CA LEU B 254 -5.42 22.10 -11.37
C LEU B 254 -4.19 22.90 -10.98
N ASN B 255 -3.97 24.01 -11.67
CA ASN B 255 -2.91 24.95 -11.32
C ASN B 255 -3.53 26.24 -10.83
N PHE B 256 -3.08 26.71 -9.67
CA PHE B 256 -3.46 28.01 -9.17
C PHE B 256 -2.21 28.87 -9.04
N PHE B 257 -2.33 30.14 -9.41
CA PHE B 257 -1.17 31.02 -9.51
C PHE B 257 -1.27 32.12 -8.47
N ALA B 258 -0.10 32.50 -7.95
CA ALA B 258 -0.02 33.62 -7.04
C ALA B 258 0.61 34.79 -7.77
N ASP B 259 -0.04 35.94 -7.68
CA ASP B 259 0.51 37.13 -8.30
C ASP B 259 1.52 37.83 -7.39
N ARG B 260 1.47 37.63 -6.07
CA ARG B 260 2.49 38.20 -5.21
C ARG B 260 3.39 37.13 -4.62
N GLU B 261 2.85 36.18 -3.86
CA GLU B 261 3.70 35.21 -3.18
C GLU B 261 2.91 33.94 -2.91
N VAL B 262 3.64 32.83 -2.91
CA VAL B 262 3.15 31.55 -2.44
C VAL B 262 3.71 31.31 -1.04
N ILE B 263 2.85 30.85 -0.13
CA ILE B 263 3.27 30.49 1.23
C ILE B 263 3.05 29.00 1.41
N LEU B 264 4.12 28.26 1.64
CA LEU B 264 4.06 26.80 1.82
C LEU B 264 3.87 26.50 3.31
N SER B 265 2.77 25.84 3.64
CA SER B 265 2.37 25.68 5.04
C SER B 265 1.82 24.29 5.31
N GLN B 266 2.48 23.26 4.77
CA GLN B 266 1.98 21.90 4.90
C GLN B 266 2.46 21.21 6.17
N GLY B 267 3.17 21.93 7.05
CA GLY B 267 3.64 21.36 8.28
C GLY B 267 4.93 20.59 8.11
N VAL B 268 5.49 20.17 9.25
CA VAL B 268 6.87 19.68 9.34
C VAL B 268 7.15 18.49 8.43
N PHE B 269 6.13 17.69 8.09
CA PHE B 269 6.39 16.49 7.32
C PHE B 269 6.17 16.67 5.82
N GLU B 270 5.08 17.32 5.39
CA GLU B 270 4.76 17.45 3.98
C GLU B 270 5.39 18.66 3.33
N THR B 271 5.70 19.69 4.10
CA THR B 271 6.43 20.84 3.54
C THR B 271 7.76 20.44 2.92
N PRO B 272 8.68 19.74 3.60
CA PRO B 272 9.91 19.33 2.92
C PRO B 272 9.67 18.35 1.79
N LYS B 273 8.65 17.50 1.92
CA LYS B 273 8.31 16.60 0.82
C LYS B 273 7.96 17.39 -0.43
N LEU B 274 6.99 18.33 -0.32
CA LEU B 274 6.59 19.12 -1.49
C LEU B 274 7.75 19.92 -2.05
N LEU B 275 8.57 20.51 -1.18
CA LEU B 275 9.77 21.20 -1.65
C LEU B 275 10.64 20.26 -2.50
N MET B 276 10.90 19.06 -2.00
CA MET B 276 11.77 18.14 -2.74
C MET B 276 11.11 17.69 -4.05
N LEU B 277 9.80 17.42 -4.02
CA LEU B 277 9.10 17.05 -5.25
C LEU B 277 9.15 18.18 -6.29
N SER B 278 9.38 19.42 -5.85
CA SER B 278 9.44 20.57 -6.73
C SER B 278 10.85 20.92 -7.15
N GLY B 279 11.85 20.14 -6.72
CA GLY B 279 13.22 20.38 -7.10
C GLY B 279 14.02 21.22 -6.10
N ILE B 280 13.52 21.40 -4.89
CA ILE B 280 14.23 22.17 -3.88
C ILE B 280 14.52 21.20 -2.74
N GLY B 281 15.78 20.74 -2.64
CA GLY B 281 16.20 19.81 -1.63
C GLY B 281 17.63 19.32 -1.85
N PRO B 282 18.03 18.28 -1.10
CA PRO B 282 19.39 17.73 -1.24
C PRO B 282 19.56 17.02 -2.57
N THR B 283 20.50 17.51 -3.39
CA THR B 283 20.54 17.16 -4.81
C THR B 283 20.67 15.65 -5.05
N ARG B 284 21.50 14.96 -4.25
CA ARG B 284 21.63 13.52 -4.42
C ARG B 284 20.36 12.80 -3.97
N GLU B 285 19.64 13.33 -2.99
CA GLU B 285 18.34 12.73 -2.66
C GLU B 285 17.33 12.88 -3.80
N LEU B 286 17.28 14.07 -4.43
CA LEU B 286 16.39 14.24 -5.59
C LEU B 286 16.78 13.32 -6.73
N SER B 287 18.08 13.23 -7.04
CA SER B 287 18.52 12.38 -8.15
C SER B 287 18.05 10.95 -7.95
N ARG B 288 18.17 10.44 -6.73
CA ARG B 288 17.79 9.08 -6.42
C ARG B 288 16.30 8.81 -6.66
N HIS B 289 15.46 9.83 -6.77
CA HIS B 289 14.04 9.62 -7.06
C HIS B 289 13.61 10.25 -8.36
N GLY B 290 14.56 10.52 -9.27
CA GLY B 290 14.26 11.01 -10.60
C GLY B 290 13.75 12.43 -10.68
N ILE B 291 14.01 13.25 -9.65
CA ILE B 291 13.61 14.65 -9.61
C ILE B 291 14.80 15.53 -9.97
N ASN B 292 14.57 16.50 -10.85
CA ASN B 292 15.60 17.46 -11.22
C ASN B 292 15.90 18.35 -10.03
N THR B 293 17.17 18.73 -9.88
CA THR B 293 17.55 19.67 -8.83
C THR B 293 17.43 21.08 -9.38
N ILE B 294 16.51 21.85 -8.82
CA ILE B 294 16.43 23.26 -9.16
C ILE B 294 17.24 24.09 -8.17
N VAL B 295 17.16 23.76 -6.89
CA VAL B 295 18.01 24.39 -5.89
C VAL B 295 18.54 23.30 -4.98
N ASP B 296 19.85 23.21 -4.88
CA ASP B 296 20.52 22.27 -3.98
C ASP B 296 20.43 22.85 -2.58
N SER B 297 19.43 22.43 -1.82
CA SER B 297 19.15 22.95 -0.49
C SER B 297 19.32 21.79 0.47
N ARG B 298 20.53 21.63 1.02
CA ARG B 298 20.89 20.39 1.68
C ARG B 298 20.06 20.13 2.92
N HIS B 299 19.48 21.18 3.51
CA HIS B 299 18.77 21.08 4.78
C HIS B 299 17.29 20.71 4.64
N VAL B 300 16.77 20.56 3.42
CA VAL B 300 15.36 20.24 3.24
C VAL B 300 15.10 18.84 3.78
N GLY B 301 14.22 18.73 4.78
CA GLY B 301 13.94 17.50 5.48
C GLY B 301 14.89 17.16 6.60
N GLN B 302 16.04 17.83 6.68
CA GLN B 302 17.00 17.62 7.75
C GLN B 302 16.59 18.40 8.98
N ASN B 303 17.28 18.13 10.09
CA ASN B 303 17.09 18.86 11.34
C ASN B 303 15.73 18.61 11.93
N LEU B 304 15.08 17.52 11.53
CA LEU B 304 13.85 17.11 12.19
C LEU B 304 14.10 16.90 13.67
N MET B 305 13.43 17.70 14.49
CA MET B 305 13.52 17.58 15.94
C MET B 305 12.12 17.55 16.53
N ASP B 306 11.92 16.62 17.46
CA ASP B 306 10.65 16.40 18.14
C ASP B 306 10.97 16.12 19.60
N HIS B 307 9.98 16.18 20.43
CA HIS B 307 10.13 15.82 21.84
C HIS B 307 9.82 14.35 22.04
N PRO B 308 10.67 13.58 22.72
CA PRO B 308 10.28 12.23 23.13
C PRO B 308 9.46 12.26 24.41
N GLY B 309 8.51 11.33 24.50
CA GLY B 309 7.74 11.21 25.71
C GLY B 309 7.53 9.77 26.16
N VAL B 310 7.71 9.52 27.45
CA VAL B 310 7.33 8.25 28.01
C VAL B 310 6.13 8.46 28.93
N PRO B 311 4.92 8.21 28.45
CA PRO B 311 3.75 8.23 29.33
C PRO B 311 3.70 6.95 30.15
N PHE B 312 3.02 7.06 31.29
CA PHE B 312 2.72 5.92 32.15
C PHE B 312 1.40 6.21 32.84
N VAL B 313 0.73 5.14 33.23
CA VAL B 313 -0.62 5.21 33.75
C VAL B 313 -0.60 4.67 35.17
N LEU B 314 -1.21 5.41 36.09
CA LEU B 314 -1.51 4.94 37.43
C LEU B 314 -3.00 4.83 37.57
N ARG B 315 -3.47 3.73 38.12
CA ARG B 315 -4.85 3.63 38.56
C ARG B 315 -4.96 4.36 39.89
N VAL B 316 -5.95 5.23 40.00
CA VAL B 316 -6.11 6.05 41.18
C VAL B 316 -7.44 5.73 41.83
N LYS B 317 -7.54 6.09 43.11
CA LYS B 317 -8.76 5.90 43.88
C LYS B 317 -9.93 6.46 43.09
N ASP B 318 -11.08 5.79 43.22
CA ASP B 318 -12.25 6.17 42.45
C ASP B 318 -12.57 7.65 42.64
N GLY B 319 -13.13 8.26 41.59
CA GLY B 319 -13.51 9.66 41.60
C GLY B 319 -12.38 10.66 41.43
N PHE B 320 -11.14 10.19 41.29
CA PHE B 320 -9.98 11.05 41.07
C PHE B 320 -9.49 10.98 39.62
N GLY B 321 -10.29 10.39 38.72
CA GLY B 321 -10.11 10.49 37.29
C GLY B 321 -11.49 10.47 36.65
N MET B 322 -11.53 10.82 35.36
CA MET B 322 -12.81 10.95 34.67
C MET B 322 -13.23 9.68 33.94
N ASP B 323 -12.49 8.59 34.08
CA ASP B 323 -12.75 7.37 33.30
C ASP B 323 -14.22 6.96 33.40
N ASP B 324 -14.75 6.95 34.62
CA ASP B 324 -16.12 6.50 34.87
C ASP B 324 -17.17 7.46 34.34
N VAL B 325 -16.81 8.72 34.10
CA VAL B 325 -17.72 9.73 33.58
C VAL B 325 -17.69 9.79 32.06
N LEU B 326 -16.50 9.83 31.44
CA LEU B 326 -16.38 10.07 30.01
C LEU B 326 -15.99 8.85 29.18
N LEU B 327 -15.19 7.91 29.73
CA LEU B 327 -14.68 6.81 28.91
C LEU B 327 -15.68 5.66 28.80
N ARG B 328 -16.39 5.35 29.88
CA ARG B 328 -17.27 4.19 29.93
C ARG B 328 -18.72 4.63 29.84
N HIS B 329 -19.53 3.84 29.14
CA HIS B 329 -20.92 4.21 28.92
C HIS B 329 -21.75 3.90 30.16
N GLY B 330 -22.85 4.64 30.32
CA GLY B 330 -23.69 4.48 31.47
C GLY B 330 -24.40 5.77 31.86
N PRO B 331 -25.05 5.77 33.02
CA PRO B 331 -25.75 6.97 33.47
C PRO B 331 -24.84 8.18 33.63
N LYS B 332 -23.66 8.00 34.26
CA LYS B 332 -22.75 9.14 34.45
C LYS B 332 -22.40 9.78 33.12
N ARG B 333 -22.08 8.96 32.11
CA ARG B 333 -21.75 9.49 30.79
C ARG B 333 -22.98 10.07 30.10
N ASP B 334 -24.10 9.36 30.18
CA ASP B 334 -25.37 9.87 29.66
C ASP B 334 -25.69 11.25 30.22
N ALA B 335 -25.39 11.48 31.49
CA ALA B 335 -25.64 12.79 32.09
C ALA B 335 -24.84 13.88 31.39
N VAL B 336 -23.52 13.71 31.32
CA VAL B 336 -22.66 14.79 30.84
C VAL B 336 -22.81 14.99 29.32
N VAL B 337 -23.11 13.92 28.56
CA VAL B 337 -23.38 14.08 27.13
C VAL B 337 -24.63 14.92 26.92
N SER B 338 -25.69 14.66 27.70
CA SER B 338 -26.92 15.41 27.55
C SER B 338 -26.71 16.89 27.84
N ALA B 339 -25.99 17.19 28.93
CA ALA B 339 -25.69 18.58 29.26
C ALA B 339 -24.93 19.27 28.14
N TYR B 340 -23.93 18.59 27.57
CA TYR B 340 -23.16 19.20 26.50
C TYR B 340 -24.03 19.43 25.27
N ASN B 341 -24.85 18.45 24.91
CA ASN B 341 -25.67 18.58 23.71
C ASN B 341 -26.64 19.74 23.80
N LYS B 342 -26.94 20.21 25.00
CA LYS B 342 -27.93 21.25 25.19
C LYS B 342 -27.33 22.65 25.33
N ASN B 343 -26.20 22.82 26.04
CA ASN B 343 -25.59 24.14 26.15
C ASN B 343 -24.06 24.10 26.12
N ARG B 344 -23.46 22.92 25.90
CA ARG B 344 -22.00 22.74 25.84
C ARG B 344 -21.30 23.12 27.15
N SER B 345 -21.95 22.81 28.26
CA SER B 345 -21.34 22.89 29.57
C SER B 345 -20.93 21.49 30.03
N GLY B 346 -20.27 21.45 31.19
CA GLY B 346 -19.92 20.17 31.77
C GLY B 346 -18.59 19.67 31.24
N PRO B 347 -18.16 18.50 31.73
CA PRO B 347 -16.81 18.03 31.42
C PRO B 347 -16.64 17.49 30.00
N VAL B 348 -17.73 17.21 29.27
CA VAL B 348 -17.59 16.85 27.85
C VAL B 348 -16.86 17.94 27.07
N GLY B 349 -16.95 19.18 27.53
CA GLY B 349 -16.24 20.31 26.98
C GLY B 349 -14.84 20.52 27.54
N SER B 350 -14.30 19.53 28.25
CA SER B 350 -12.98 19.62 28.86
C SER B 350 -11.90 19.01 27.99
N GLY B 351 -10.69 19.59 28.08
CA GLY B 351 -9.52 18.99 27.49
C GLY B 351 -8.81 18.00 28.39
N LEU B 352 -9.28 17.82 29.62
CA LEU B 352 -8.81 16.82 30.57
C LEU B 352 -7.38 17.03 31.03
N LEU B 353 -6.81 18.22 30.84
CA LEU B 353 -5.46 18.52 31.31
C LEU B 353 -5.48 19.91 31.91
N GLU B 354 -5.31 20.00 33.23
CA GLU B 354 -5.51 21.25 33.96
C GLU B 354 -4.29 21.71 34.73
N LEU B 355 -3.44 20.81 35.20
CA LEU B 355 -2.15 21.18 35.76
C LEU B 355 -1.05 20.53 34.94
N VAL B 356 0.00 21.31 34.66
CA VAL B 356 1.17 20.86 33.92
C VAL B 356 2.40 21.35 34.67
N GLY B 357 3.36 20.45 34.88
CA GLY B 357 4.58 20.79 35.58
C GLY B 357 5.72 20.98 34.59
N PHE B 358 6.57 21.96 34.89
CA PHE B 358 7.77 22.22 34.11
C PHE B 358 8.98 22.24 35.03
N PRO B 359 9.34 21.09 35.61
CA PRO B 359 10.43 21.06 36.58
C PRO B 359 11.80 20.90 35.94
N ARG B 360 12.83 21.25 36.71
CA ARG B 360 14.18 20.79 36.46
C ARG B 360 14.47 19.61 37.38
N ILE B 361 15.43 18.77 36.96
CA ILE B 361 15.76 17.56 37.71
C ILE B 361 17.26 17.41 37.94
N ASP B 362 17.99 18.52 38.10
CA ASP B 362 19.44 18.41 38.29
C ASP B 362 19.82 17.39 39.37
N LYS B 363 19.08 17.33 40.48
CA LYS B 363 19.51 16.45 41.56
C LYS B 363 19.38 14.97 41.18
N TYR B 364 18.43 14.62 40.32
CA TYR B 364 18.35 13.24 39.83
C TYR B 364 19.46 12.96 38.83
N LEU B 365 19.65 13.88 37.88
CA LEU B 365 20.69 13.74 36.86
C LEU B 365 22.07 13.57 37.47
N GLU B 366 22.37 14.32 38.54
CA GLU B 366 23.70 14.32 39.12
C GLU B 366 24.09 12.94 39.67
N LYS B 367 23.10 12.08 39.98
CA LYS B 367 23.42 10.76 40.53
C LYS B 367 23.96 9.80 39.49
N ASP B 368 23.94 10.16 38.21
CA ASP B 368 24.38 9.26 37.15
C ASP B 368 25.78 9.63 36.68
N ALA B 369 26.68 8.64 36.70
CA ALA B 369 28.07 8.89 36.34
C ALA B 369 28.21 9.39 34.90
N GLU B 370 27.39 8.87 33.97
CA GLU B 370 27.52 9.31 32.58
C GLU B 370 27.18 10.79 32.45
N TYR B 371 26.13 11.23 33.13
CA TYR B 371 25.76 12.64 33.08
C TYR B 371 26.88 13.52 33.61
N ARG B 372 27.47 13.10 34.75
CA ARG B 372 28.51 13.89 35.40
C ARG B 372 29.70 14.07 34.48
N LYS B 373 30.11 12.99 33.83
CA LYS B 373 31.16 13.06 32.82
C LYS B 373 30.80 14.04 31.72
N ALA B 374 29.55 13.98 31.24
CA ALA B 374 29.13 14.83 30.13
C ALA B 374 28.99 16.29 30.58
N LYS B 375 28.47 16.51 31.79
CA LYS B 375 28.39 17.87 32.31
C LYS B 375 29.79 18.46 32.50
N ALA B 376 30.71 17.68 33.09
CA ALA B 376 32.09 18.15 33.21
C ALA B 376 32.72 18.41 31.84
N ALA B 377 32.54 17.48 30.90
CA ALA B 377 33.12 17.66 29.56
C ALA B 377 32.51 18.82 28.80
N ASN B 378 31.33 19.29 29.20
CA ASN B 378 30.66 20.46 28.65
C ASN B 378 31.02 21.73 29.40
N GLY B 379 32.22 21.81 29.95
CA GLY B 379 32.63 23.00 30.66
C GLY B 379 31.86 23.22 31.95
N GLY B 380 31.35 22.13 32.53
CA GLY B 380 30.62 22.21 33.78
C GLY B 380 29.17 22.61 33.65
N LYS B 381 28.67 22.88 32.44
CA LYS B 381 27.27 23.25 32.26
C LYS B 381 26.39 22.05 31.89
N ASP B 382 25.19 22.03 32.46
CA ASP B 382 24.18 21.05 32.11
C ASP B 382 24.01 20.96 30.60
N PRO B 383 24.16 19.77 30.00
CA PRO B 383 23.98 19.68 28.54
C PRO B 383 22.56 19.92 28.07
N PHE B 384 21.55 19.56 28.86
CA PHE B 384 20.18 19.63 28.36
C PHE B 384 19.68 21.06 28.32
N SER B 385 19.75 21.75 29.47
CA SER B 385 19.20 23.08 29.62
C SER B 385 20.24 23.93 30.31
N PRO B 386 21.29 24.34 29.58
CA PRO B 386 22.37 25.12 30.20
C PRO B 386 21.95 26.50 30.65
N LEU B 387 20.81 27.01 30.19
CA LEU B 387 20.36 28.36 30.46
C LEU B 387 19.14 28.39 31.37
N GLY B 388 18.98 27.38 32.24
CA GLY B 388 17.92 27.39 33.22
C GLY B 388 16.58 26.90 32.71
N GLN B 389 16.51 26.48 31.44
CA GLN B 389 15.25 26.02 30.91
C GLN B 389 14.80 24.78 31.69
N PRO B 390 13.50 24.48 31.63
CA PRO B 390 13.02 23.24 32.24
C PRO B 390 13.68 22.02 31.60
N HIS B 391 13.62 20.91 32.32
CA HIS B 391 14.02 19.64 31.73
C HIS B 391 12.82 18.91 31.15
N PHE B 392 11.67 19.02 31.80
CA PHE B 392 10.50 18.29 31.36
C PHE B 392 9.29 19.19 31.33
N GLU B 393 8.32 18.78 30.53
CA GLU B 393 6.93 19.15 30.70
C GLU B 393 6.18 17.89 31.13
N LEU B 394 5.59 17.91 32.31
CA LEU B 394 4.85 16.77 32.82
C LEU B 394 3.37 17.07 32.68
N ASP B 395 2.69 16.35 31.78
CA ASP B 395 1.26 16.52 31.58
C ASP B 395 0.52 15.53 32.47
N PHE B 396 -0.33 16.06 33.35
CA PHE B 396 -1.10 15.25 34.28
C PHE B 396 -2.53 15.12 33.75
N VAL B 397 -2.71 14.17 32.86
CA VAL B 397 -4.00 13.93 32.22
C VAL B 397 -4.87 13.09 33.16
N CYS B 398 -6.05 13.60 33.51
CA CYS B 398 -6.84 13.00 34.60
C CYS B 398 -7.79 11.93 34.09
N MET B 399 -7.25 11.01 33.33
CA MET B 399 -8.03 9.96 32.70
C MET B 399 -7.08 8.99 32.02
N PHE B 400 -7.55 7.77 31.76
CA PHE B 400 -6.78 6.90 30.89
C PHE B 400 -6.77 7.52 29.50
N GLY B 401 -5.57 7.80 29.00
CA GLY B 401 -5.45 8.43 27.70
C GLY B 401 -4.97 7.49 26.63
N THR B 402 -5.89 7.02 25.81
CA THR B 402 -5.56 6.07 24.76
C THR B 402 -4.49 6.59 23.81
N ALA B 403 -4.47 7.91 23.57
CA ALA B 403 -3.47 8.48 22.69
C ALA B 403 -2.06 8.47 23.30
N PHE B 404 -1.92 8.05 24.56
CA PHE B 404 -0.60 7.96 25.17
C PHE B 404 -0.25 6.55 25.61
N GLN B 405 -1.04 5.54 25.21
CA GLN B 405 -0.78 4.13 25.52
C GLN B 405 -0.98 3.32 24.24
N TRP B 406 -0.01 3.40 23.34
CA TRP B 406 -0.19 2.91 21.97
C TRP B 406 -0.29 1.39 21.87
N HIS B 407 0.17 0.65 22.88
CA HIS B 407 0.26 -0.80 22.82
C HIS B 407 -0.43 -1.52 23.95
N PHE B 408 -1.14 -0.79 24.82
CA PHE B 408 -1.88 -1.36 25.93
C PHE B 408 -3.37 -1.18 25.69
N PRO B 409 -4.19 -2.14 26.11
CA PRO B 409 -5.65 -1.96 26.03
C PRO B 409 -6.15 -0.98 27.07
N THR B 410 -7.33 -0.45 26.80
CA THR B 410 -7.99 0.40 27.77
C THR B 410 -8.41 -0.40 29.00
N PRO B 411 -8.08 0.06 30.22
CA PRO B 411 -8.56 -0.65 31.42
C PRO B 411 -10.08 -0.73 31.45
N LYS B 412 -10.57 -1.91 31.84
CA LYS B 412 -11.99 -2.18 31.81
C LYS B 412 -12.73 -1.59 33.00
N THR B 413 -12.03 -1.35 34.10
CA THR B 413 -12.59 -0.72 35.28
C THR B 413 -11.59 0.31 35.80
N GLY B 414 -12.10 1.20 36.63
CA GLY B 414 -11.26 2.06 37.42
C GLY B 414 -10.99 3.40 36.76
N ASP B 415 -10.62 4.36 37.62
CA ASP B 415 -10.21 5.68 37.19
C ASP B 415 -8.69 5.70 37.22
N HIS B 416 -8.10 6.43 36.28
CA HIS B 416 -6.65 6.42 36.11
C HIS B 416 -6.15 7.83 35.91
N LEU B 417 -4.85 7.99 36.14
CA LEU B 417 -4.12 9.19 35.77
C LEU B 417 -3.07 8.80 34.74
N THR B 418 -3.04 9.54 33.64
CA THR B 418 -1.99 9.41 32.63
C THR B 418 -1.01 10.57 32.78
N VAL B 419 0.25 10.25 33.07
CA VAL B 419 1.32 11.23 33.17
C VAL B 419 2.16 11.15 31.91
N VAL B 420 2.29 12.25 31.17
CA VAL B 420 3.13 12.31 29.98
C VAL B 420 4.47 12.89 30.39
N VAL B 421 5.48 12.04 30.56
CA VAL B 421 6.81 12.55 30.90
C VAL B 421 7.47 12.95 29.57
N ASP B 422 7.52 14.25 29.33
CA ASP B 422 7.90 14.85 28.06
C ASP B 422 9.25 15.52 28.23
N LEU B 423 10.31 14.91 27.67
CA LEU B 423 11.63 15.52 27.71
C LEU B 423 11.66 16.65 26.70
N VAL B 424 11.56 17.90 27.18
CA VAL B 424 11.39 19.04 26.28
C VAL B 424 12.71 19.64 25.84
N ARG B 425 13.83 19.23 26.42
CA ARG B 425 15.15 19.69 26.02
C ARG B 425 16.09 18.51 25.73
N PRO B 426 15.77 17.69 24.73
CA PRO B 426 16.68 16.59 24.39
C PRO B 426 17.94 17.10 23.71
N ILE B 427 18.97 16.26 23.73
CA ILE B 427 20.22 16.57 23.07
C ILE B 427 20.57 15.55 21.98
N SER B 428 19.68 14.61 21.69
CA SER B 428 19.95 13.72 20.57
C SER B 428 20.01 14.48 19.25
N ASP B 429 20.88 14.03 18.36
CA ASP B 429 20.95 14.55 17.00
C ASP B 429 19.57 14.47 16.33
N PRO B 430 19.30 15.33 15.35
CA PRO B 430 17.98 15.32 14.72
C PRO B 430 17.75 14.10 13.84
N GLY B 431 16.48 13.87 13.55
CA GLY B 431 16.10 12.90 12.54
C GLY B 431 16.02 13.55 11.17
N GLU B 432 15.22 12.95 10.30
CA GLU B 432 15.16 13.42 8.92
C GLU B 432 13.84 13.01 8.30
N VAL B 433 13.37 13.83 7.37
CA VAL B 433 12.25 13.51 6.50
C VAL B 433 12.83 13.33 5.10
N THR B 434 12.68 12.14 4.55
CA THR B 434 13.18 11.84 3.23
C THR B 434 12.07 11.35 2.31
N LEU B 435 12.35 11.35 1.01
CA LEU B 435 11.41 10.83 0.03
C LEU B 435 11.38 9.31 0.02
N ASN B 436 10.16 8.75 -0.04
CA ASN B 436 9.96 7.35 -0.40
C ASN B 436 10.01 7.16 -1.91
N SER B 437 9.53 8.15 -2.64
CA SER B 437 9.49 8.10 -4.09
C SER B 437 9.06 9.49 -4.53
N ALA B 438 8.89 9.66 -5.84
CA ALA B 438 8.38 10.92 -6.39
C ALA B 438 6.86 10.98 -6.38
N ASP B 439 6.20 10.02 -5.75
CA ASP B 439 4.76 9.96 -5.76
C ASP B 439 4.21 10.99 -4.77
N PRO B 440 3.46 12.00 -5.23
CA PRO B 440 2.92 13.01 -4.31
C PRO B 440 1.90 12.47 -3.33
N PHE B 441 1.38 11.25 -3.57
CA PHE B 441 0.38 10.62 -2.74
C PHE B 441 0.97 9.59 -1.78
N GLN B 442 2.28 9.42 -1.76
CA GLN B 442 2.93 8.60 -0.74
C GLN B 442 3.41 9.49 0.41
N GLN B 443 3.30 8.97 1.63
CA GLN B 443 3.84 9.71 2.77
C GLN B 443 5.35 9.80 2.61
N PRO B 444 5.98 10.84 3.15
CA PRO B 444 7.44 10.84 3.19
C PRO B 444 7.93 9.86 4.26
N ASN B 445 9.20 9.49 4.16
CA ASN B 445 9.84 8.72 5.22
C ASN B 445 10.21 9.63 6.38
N ILE B 446 9.87 9.18 7.59
CA ILE B 446 9.99 10.01 8.77
C ILE B 446 10.76 9.20 9.82
N ASN B 447 11.91 9.71 10.22
CA ASN B 447 12.72 9.12 11.27
C ASN B 447 12.93 10.18 12.35
N LEU B 448 12.35 9.96 13.52
CA LEU B 448 12.46 10.92 14.61
C LEU B 448 13.79 10.81 15.34
N ASN B 449 14.45 9.65 15.26
CA ASN B 449 15.78 9.46 15.84
C ASN B 449 15.78 9.83 17.33
N PHE B 450 14.73 9.43 18.04
CA PHE B 450 14.69 9.65 19.48
C PHE B 450 15.78 8.84 20.18
N PHE B 451 16.41 9.45 21.18
CA PHE B 451 17.31 8.73 22.09
C PHE B 451 18.54 8.19 21.36
N ALA B 452 18.93 8.81 20.25
CA ALA B 452 20.21 8.48 19.62
C ALA B 452 21.34 8.65 20.62
N ASN B 453 21.26 9.66 21.48
CA ASN B 453 22.23 9.91 22.54
C ASN B 453 21.74 9.22 23.81
N ASP B 454 22.57 8.34 24.38
CA ASP B 454 22.22 7.65 25.63
C ASP B 454 21.83 8.63 26.73
N LEU B 455 22.38 9.85 26.69
CA LEU B 455 22.09 10.85 27.72
C LEU B 455 20.60 11.21 27.79
N ASP B 456 19.90 11.20 26.65
CA ASP B 456 18.46 11.46 26.68
C ASP B 456 17.73 10.35 27.41
N ILE B 457 18.17 9.10 27.24
CA ILE B 457 17.57 7.97 27.94
C ILE B 457 17.74 8.14 29.44
N ILE B 458 18.92 8.58 29.86
CA ILE B 458 19.21 8.82 31.28
C ILE B 458 18.27 9.88 31.83
N ALA B 459 18.18 11.02 31.13
CA ALA B 459 17.31 12.10 31.59
C ALA B 459 15.87 11.62 31.70
N MET B 460 15.38 10.99 30.64
CA MET B 460 14.01 10.51 30.63
C MET B 460 13.76 9.53 31.75
N ARG B 461 14.72 8.63 32.00
CA ARG B 461 14.59 7.70 33.11
C ARG B 461 14.42 8.46 34.42
N GLU B 462 15.26 9.48 34.65
CA GLU B 462 15.21 10.24 35.89
C GLU B 462 13.99 11.16 35.95
N GLY B 463 13.51 11.64 34.80
CA GLY B 463 12.24 12.35 34.80
C GLY B 463 11.09 11.46 35.16
N ILE B 464 11.16 10.18 34.78
CA ILE B 464 10.13 9.23 35.21
C ILE B 464 10.24 8.99 36.71
N ARG B 465 11.46 8.83 37.22
CA ARG B 465 11.63 8.58 38.65
C ARG B 465 11.05 9.76 39.45
N PHE B 466 11.41 10.98 39.04
CA PHE B 466 10.83 12.18 39.63
C PHE B 466 9.31 12.11 39.67
N SER B 467 8.69 11.88 38.51
CA SER B 467 7.24 11.83 38.47
C SER B 467 6.73 10.75 39.41
N TYR B 468 7.46 9.64 39.53
CA TYR B 468 7.08 8.59 40.48
C TYR B 468 7.30 9.05 41.91
N ASP B 469 8.45 9.67 42.21
CA ASP B 469 8.65 10.27 43.52
C ASP B 469 7.51 11.23 43.87
N LEU B 470 7.06 12.02 42.88
CA LEU B 470 6.03 13.00 43.12
C LEU B 470 4.72 12.34 43.51
N LEU B 471 4.29 11.34 42.75
CA LEU B 471 2.97 10.78 42.98
C LEU B 471 2.94 9.69 44.04
N PHE B 472 4.06 9.00 44.27
CA PHE B 472 4.08 7.94 45.25
C PHE B 472 4.58 8.40 46.61
N LYS B 473 5.46 9.39 46.65
CA LYS B 473 5.96 9.92 47.91
C LYS B 473 5.36 11.28 48.26
N GLY B 474 5.00 12.09 47.29
CA GLY B 474 4.50 13.42 47.58
C GLY B 474 3.19 13.39 48.34
N GLU B 475 2.93 14.49 49.02
CA GLU B 475 1.90 14.49 50.05
C GLU B 475 0.50 14.60 49.45
N GLY B 476 -0.45 13.99 50.13
CA GLY B 476 -1.82 13.97 49.66
C GLY B 476 -2.06 13.03 48.49
N PHE B 477 -1.29 13.19 47.41
CA PHE B 477 -1.55 12.36 46.24
C PHE B 477 -1.17 10.91 46.50
N LYS B 478 -0.09 10.69 47.27
CA LYS B 478 0.38 9.34 47.63
C LYS B 478 -0.74 8.48 48.19
N ASP B 479 -1.72 9.07 48.85
CA ASP B 479 -2.82 8.26 49.32
C ASP B 479 -3.74 7.82 48.19
N LEU B 480 -3.64 8.42 47.01
CA LEU B 480 -4.60 8.20 45.95
C LEU B 480 -4.23 7.06 45.01
N VAL B 481 -2.96 6.66 44.98
CA VAL B 481 -2.48 5.71 43.98
C VAL B 481 -2.80 4.30 44.44
N GLU B 482 -3.60 3.60 43.63
CA GLU B 482 -3.97 2.20 43.87
C GLU B 482 -2.96 1.24 43.23
N SER B 483 -2.69 1.38 41.94
CA SER B 483 -1.80 0.46 41.25
C SER B 483 -1.22 1.09 39.99
N GLU B 484 -0.22 0.41 39.42
CA GLU B 484 0.38 0.78 38.14
C GLU B 484 -0.28 -0.03 37.02
N TYR B 485 -0.44 0.60 35.86
CA TYR B 485 -1.02 -0.07 34.71
C TYR B 485 -0.12 0.10 33.51
N PRO B 486 0.20 -0.98 32.76
CA PRO B 486 -0.26 -2.35 33.01
C PRO B 486 0.66 -3.19 33.91
N TRP B 487 1.83 -2.67 34.30
CA TRP B 487 2.73 -3.37 35.21
C TRP B 487 3.63 -2.34 35.87
N GLU B 488 4.52 -2.81 36.75
CA GLU B 488 5.39 -1.89 37.47
C GLU B 488 6.41 -1.27 36.53
N MET B 489 6.69 0.01 36.72
CA MET B 489 7.79 0.65 36.02
C MET B 489 9.11 0.24 36.67
N PRO B 490 10.04 -0.39 35.93
CA PRO B 490 11.21 -1.00 36.57
C PRO B 490 12.27 -0.03 37.05
N LEU B 491 11.87 0.93 37.89
CA LEU B 491 12.75 2.01 38.31
C LEU B 491 13.95 1.55 39.15
N ASP B 492 13.96 0.32 39.60
CA ASP B 492 15.08 -0.18 40.38
C ASP B 492 16.26 -0.64 39.53
N SER B 493 16.12 -0.67 38.20
CA SER B 493 17.16 -1.22 37.33
C SER B 493 17.41 -0.30 36.15
N ASP B 494 18.62 0.25 36.07
CA ASP B 494 19.01 1.07 34.94
C ASP B 494 18.95 0.29 33.63
N LYS B 495 19.38 -0.96 33.64
CA LYS B 495 19.35 -1.74 32.41
C LYS B 495 17.90 -1.99 31.98
N GLU B 496 17.01 -2.25 32.95
CA GLU B 496 15.59 -2.41 32.61
C GLU B 496 14.95 -1.09 32.18
N MET B 497 15.33 0.03 32.82
CA MET B 497 14.78 1.32 32.44
C MET B 497 15.18 1.69 31.02
N HIS B 498 16.43 1.40 30.66
CA HIS B 498 16.92 1.59 29.29
C HIS B 498 15.95 0.99 28.29
N ARG B 499 15.56 -0.27 28.50
CA ARG B 499 14.60 -0.93 27.62
C ARG B 499 13.22 -0.29 27.72
N ALA B 500 12.78 0.03 28.94
CA ALA B 500 11.44 0.56 29.13
C ALA B 500 11.29 1.92 28.45
N VAL B 501 12.28 2.79 28.57
CA VAL B 501 12.24 4.10 27.91
C VAL B 501 12.19 3.93 26.40
N LEU B 502 13.08 3.11 25.84
CA LEU B 502 13.07 2.94 24.40
C LEU B 502 11.77 2.31 23.91
N ASP B 503 11.26 1.29 24.62
CA ASP B 503 10.11 0.54 24.12
C ASP B 503 8.78 1.19 24.43
N ARG B 504 8.74 2.09 25.41
CA ARG B 504 7.48 2.74 25.81
C ARG B 504 7.37 4.18 25.36
N CYS B 505 8.44 4.77 24.84
CA CYS B 505 8.38 6.17 24.43
C CYS B 505 7.49 6.33 23.20
N GLN B 506 7.14 7.58 22.93
CA GLN B 506 6.39 7.96 21.75
C GLN B 506 6.68 9.43 21.49
N THR B 507 6.21 9.92 20.35
CA THR B 507 6.29 11.34 20.08
C THR B 507 5.38 12.09 21.05
N ALA B 508 5.85 13.24 21.51
CA ALA B 508 4.99 14.19 22.22
C ALA B 508 4.15 15.02 21.28
N PHE B 509 4.23 14.78 19.97
CA PHE B 509 3.48 15.46 18.93
C PHE B 509 3.95 16.89 18.71
N HIS B 510 5.25 17.16 18.85
CA HIS B 510 5.78 18.49 18.59
C HIS B 510 6.88 18.48 17.53
N PRO B 511 6.73 17.80 16.38
CA PRO B 511 7.84 17.78 15.41
C PRO B 511 8.07 19.15 14.78
N THR B 512 9.34 19.48 14.52
CA THR B 512 9.73 20.76 13.98
C THR B 512 10.96 20.60 13.10
N GLY B 513 11.30 21.67 12.37
CA GLY B 513 12.66 21.98 11.98
C GLY B 513 13.11 21.57 10.59
N THR B 514 12.25 20.92 9.80
CA THR B 514 12.68 20.31 8.54
C THR B 514 12.88 21.30 7.43
N ALA B 515 12.56 22.58 7.63
CA ALA B 515 12.78 23.60 6.61
C ALA B 515 13.25 24.91 7.27
N ARG B 516 14.28 24.82 8.12
CA ARG B 516 14.50 25.81 9.17
C ARG B 516 14.98 27.17 8.67
N LEU B 517 14.58 28.20 9.40
CA LEU B 517 15.11 29.54 9.18
C LEU B 517 16.60 29.61 9.50
N SER B 518 17.28 30.51 8.81
CA SER B 518 18.74 30.52 8.78
C SER B 518 19.18 31.78 8.05
N LYS B 519 20.48 32.05 8.09
CA LYS B 519 20.99 33.23 7.40
C LYS B 519 21.44 32.94 5.97
N ASN B 520 21.65 31.68 5.61
CA ASN B 520 22.10 31.33 4.27
C ASN B 520 21.75 29.87 4.03
N ILE B 521 21.87 29.46 2.76
CA ILE B 521 21.41 28.13 2.36
C ILE B 521 22.32 27.04 2.87
N ASP B 522 23.54 27.39 3.27
CA ASP B 522 24.37 26.38 3.91
C ASP B 522 23.98 26.14 5.36
N GLN B 523 23.15 27.00 5.95
CA GLN B 523 22.67 26.79 7.32
C GLN B 523 21.24 26.26 7.41
N GLY B 524 20.36 26.65 6.50
CA GLY B 524 18.98 26.21 6.51
C GLY B 524 18.36 26.44 5.15
N VAL B 525 17.03 26.35 5.10
CA VAL B 525 16.35 26.41 3.81
C VAL B 525 15.58 27.71 3.60
N VAL B 526 15.16 28.41 4.67
CA VAL B 526 14.53 29.72 4.50
C VAL B 526 15.36 30.77 5.23
N ASP B 527 15.20 32.05 4.80
CA ASP B 527 15.97 33.17 5.33
C ASP B 527 15.21 33.84 6.48
N PRO B 528 15.74 34.88 7.14
CA PRO B 528 14.97 35.48 8.24
C PRO B 528 13.63 36.03 7.82
N LYS B 529 13.41 36.30 6.54
CA LYS B 529 12.09 36.69 6.05
C LYS B 529 11.22 35.49 5.67
N LEU B 530 11.67 34.27 6.01
CA LEU B 530 10.98 33.02 5.72
C LEU B 530 10.89 32.73 4.22
N LYS B 531 11.72 33.40 3.43
CA LYS B 531 11.83 33.14 2.01
C LYS B 531 12.79 31.97 1.76
N VAL B 532 12.38 31.04 0.89
CA VAL B 532 13.20 29.87 0.59
C VAL B 532 14.48 30.33 -0.12
N HIS B 533 15.64 30.00 0.45
CA HIS B 533 16.91 30.38 -0.16
C HIS B 533 16.95 29.90 -1.61
N GLY B 534 17.22 30.82 -2.53
CA GLY B 534 17.38 30.49 -3.92
C GLY B 534 16.13 30.55 -4.76
N ILE B 535 14.96 30.85 -4.18
CA ILE B 535 13.70 30.93 -4.93
C ILE B 535 12.98 32.21 -4.54
N LYS B 536 12.45 32.93 -5.54
CA LYS B 536 11.66 34.12 -5.29
C LYS B 536 10.17 33.82 -5.18
N LYS B 537 9.47 34.64 -4.38
CA LYS B 537 8.01 34.56 -4.19
C LYS B 537 7.58 33.27 -3.52
N LEU B 538 8.44 32.71 -2.68
CA LEU B 538 8.12 31.49 -1.96
C LEU B 538 8.56 31.63 -0.51
N ARG B 539 7.59 31.54 0.40
CA ARG B 539 7.87 31.54 1.82
C ARG B 539 7.36 30.25 2.42
N VAL B 540 7.96 29.84 3.53
CA VAL B 540 7.49 28.71 4.31
C VAL B 540 7.07 29.27 5.67
N ALA B 541 5.88 28.88 6.11
CA ALA B 541 5.33 29.30 7.40
C ALA B 541 4.58 28.13 8.00
N ASP B 542 5.26 27.37 8.87
CA ASP B 542 4.69 26.30 9.69
C ASP B 542 5.81 25.85 10.63
N ALA B 543 5.55 24.77 11.38
CA ALA B 543 6.54 24.30 12.36
C ALA B 543 7.87 23.93 11.75
N SER B 544 7.94 23.76 10.43
CA SER B 544 9.21 23.30 9.88
C SER B 544 10.29 24.37 9.92
N VAL B 545 9.93 25.64 10.13
CA VAL B 545 10.94 26.69 10.13
C VAL B 545 11.62 26.83 11.50
N ILE B 546 11.00 26.31 12.55
CA ILE B 546 11.48 26.42 13.93
C ILE B 546 12.89 25.84 14.00
N PRO B 547 13.91 26.65 14.37
CA PRO B 547 15.30 26.16 14.37
C PRO B 547 15.74 25.46 15.65
N ILE B 548 15.11 25.81 16.77
CA ILE B 548 15.37 25.20 18.07
C ILE B 548 14.04 24.98 18.75
N ILE B 549 13.71 23.73 19.07
CA ILE B 549 12.35 23.39 19.48
C ILE B 549 12.07 24.02 20.85
N PRO B 550 10.90 24.65 21.04
CA PRO B 550 10.56 25.23 22.35
C PRO B 550 10.63 24.22 23.47
N ASP B 551 10.54 24.73 24.70
CA ASP B 551 10.69 23.92 25.91
C ASP B 551 9.36 23.38 26.41
N CYS B 552 8.44 23.13 25.49
CA CYS B 552 7.04 22.86 25.83
C CYS B 552 6.26 22.54 24.57
N LYS B 553 4.96 22.28 24.70
CA LYS B 553 4.10 22.17 23.54
C LYS B 553 4.23 23.43 22.67
N ILE B 554 4.11 23.25 21.35
CA ILE B 554 4.67 24.20 20.39
C ILE B 554 3.63 24.93 19.56
N GLN B 555 2.34 24.69 19.76
CA GLN B 555 1.36 25.32 18.89
C GLN B 555 1.40 26.85 19.01
N ASN B 556 1.75 27.37 20.19
CA ASN B 556 1.88 28.80 20.40
C ASN B 556 2.98 29.37 19.53
N SER B 557 4.14 28.68 19.49
CA SER B 557 5.23 29.11 18.64
C SER B 557 4.88 29.02 17.16
N VAL B 558 4.01 28.08 16.79
CA VAL B 558 3.64 27.93 15.39
C VAL B 558 2.77 29.10 14.96
N TYR B 559 1.77 29.44 15.77
CA TYR B 559 0.97 30.64 15.50
C TYR B 559 1.86 31.88 15.37
N ALA B 560 2.83 32.01 16.27
CA ALA B 560 3.73 33.15 16.20
C ALA B 560 4.49 33.17 14.89
N VAL B 561 4.91 31.99 14.40
CA VAL B 561 5.58 31.94 13.12
C VAL B 561 4.66 32.46 12.02
N GLY B 562 3.39 32.06 12.04
CA GLY B 562 2.45 32.56 11.06
C GLY B 562 2.21 34.05 11.16
N GLU B 563 2.01 34.56 12.39
CA GLU B 563 1.81 35.99 12.60
C GLU B 563 3.02 36.78 12.11
N LYS B 564 4.23 36.35 12.45
CA LYS B 564 5.39 37.12 11.98
C LYS B 564 5.54 37.03 10.46
N CYS B 565 5.26 35.86 9.87
CA CYS B 565 5.31 35.76 8.40
C CYS B 565 4.38 36.77 7.73
N ALA B 566 3.16 36.89 8.24
CA ALA B 566 2.21 37.81 7.61
C ALA B 566 2.71 39.25 7.65
N ASP B 567 3.25 39.69 8.79
CA ASP B 567 3.77 41.05 8.89
C ASP B 567 4.87 41.29 7.88
N MET B 568 5.83 40.36 7.78
CA MET B 568 6.94 40.58 6.87
C MET B 568 6.48 40.58 5.40
N ILE B 569 5.40 39.85 5.09
CA ILE B 569 4.81 39.93 3.76
C ILE B 569 4.13 41.28 3.56
N LYS B 570 3.31 41.69 4.53
CA LYS B 570 2.63 42.98 4.44
C LYS B 570 3.62 44.12 4.31
N ALA B 571 4.73 44.05 5.05
CA ALA B 571 5.72 45.11 5.02
C ALA B 571 6.37 45.22 3.66
N GLU B 572 6.46 44.12 2.92
CA GLU B 572 7.14 44.15 1.62
C GLU B 572 6.25 44.73 0.53
N HIS B 573 4.94 44.47 0.57
CA HIS B 573 3.98 44.93 -0.44
C HIS B 573 3.34 46.23 0.04
N LYS B 574 4.12 47.31 -0.07
CA LYS B 574 3.69 48.62 0.41
C LYS B 574 2.47 49.11 -0.36
N ASP B 575 2.31 48.69 -1.62
CA ASP B 575 1.13 49.07 -2.39
C ASP B 575 -0.14 48.36 -1.95
N LEU B 576 -0.05 47.31 -1.12
CA LEU B 576 -1.25 46.64 -0.66
C LEU B 576 -1.52 46.81 0.83
N TYR B 577 -0.50 47.18 1.62
CA TYR B 577 -0.66 47.31 3.08
C TYR B 577 -0.09 48.59 3.68
N ALA C 1 44.84 -22.42 9.82
CA ALA C 1 44.81 -22.63 8.38
C ALA C 1 45.47 -21.45 7.66
N THR C 2 46.35 -21.78 6.72
CA THR C 2 47.18 -20.80 6.02
C THR C 2 46.45 -20.22 4.81
N ASP C 3 46.69 -18.92 4.57
CA ASP C 3 46.17 -18.24 3.40
C ASP C 3 46.50 -18.98 2.12
N GLY C 4 45.54 -19.06 1.21
CA GLY C 4 45.72 -19.68 -0.07
C GLY C 4 45.51 -21.18 -0.08
N SER C 5 45.07 -21.74 1.04
CA SER C 5 44.97 -23.19 1.18
C SER C 5 43.89 -23.76 0.27
N HIS C 6 44.13 -24.95 -0.25
CA HIS C 6 43.19 -25.66 -1.09
C HIS C 6 42.63 -26.83 -0.30
N PHE C 7 41.33 -27.07 -0.46
CA PHE C 7 40.64 -28.20 0.14
C PHE C 7 39.77 -28.81 -0.94
N ASP C 8 39.41 -30.07 -0.76
CA ASP C 8 38.52 -30.73 -1.71
C ASP C 8 37.13 -30.07 -1.71
N PHE C 9 36.60 -29.80 -0.52
CA PHE C 9 35.29 -29.19 -0.31
C PHE C 9 35.39 -28.04 0.70
N VAL C 10 34.68 -26.95 0.41
CA VAL C 10 34.60 -25.78 1.29
C VAL C 10 33.14 -25.58 1.66
N ILE C 11 32.85 -25.59 2.95
CA ILE C 11 31.51 -25.33 3.48
C ILE C 11 31.52 -23.91 4.03
N VAL C 12 30.66 -23.03 3.51
CA VAL C 12 30.61 -21.66 3.97
C VAL C 12 29.44 -21.56 4.95
N GLY C 13 29.75 -21.56 6.24
CA GLY C 13 28.79 -21.52 7.31
C GLY C 13 28.65 -22.86 8.00
N GLY C 14 29.31 -23.02 9.13
CA GLY C 14 29.28 -24.27 9.85
C GLY C 14 28.03 -24.41 10.69
N GLY C 15 26.88 -24.32 10.04
CA GLY C 15 25.61 -24.37 10.70
C GLY C 15 24.97 -25.73 10.64
N THR C 16 23.63 -25.74 10.63
CA THR C 16 22.89 -26.99 10.73
C THR C 16 23.12 -27.86 9.51
N ALA C 17 22.75 -27.36 8.33
CA ALA C 17 22.95 -28.12 7.10
C ALA C 17 24.41 -28.13 6.67
N GLY C 18 25.16 -27.07 6.97
CA GLY C 18 26.57 -27.02 6.58
C GLY C 18 27.42 -28.09 7.24
N ASN C 19 27.28 -28.24 8.57
CA ASN C 19 28.03 -29.27 9.29
C ASN C 19 27.59 -30.68 8.90
N THR C 20 26.34 -30.86 8.51
CA THR C 20 25.91 -32.16 8.01
C THR C 20 26.66 -32.52 6.72
N VAL C 21 26.70 -31.59 5.76
CA VAL C 21 27.40 -31.83 4.51
C VAL C 21 28.89 -32.06 4.76
N ALA C 22 29.51 -31.21 5.60
CA ALA C 22 30.94 -31.35 5.85
C ALA C 22 31.27 -32.70 6.50
N GLY C 23 30.49 -33.08 7.53
CA GLY C 23 30.72 -34.35 8.21
C GLY C 23 30.51 -35.56 7.33
N ARG C 24 29.49 -35.51 6.46
CA ARG C 24 29.25 -36.62 5.54
C ARG C 24 30.36 -36.74 4.51
N LEU C 25 30.78 -35.61 3.94
CA LEU C 25 31.80 -35.63 2.90
C LEU C 25 33.18 -36.05 3.43
N ALA C 26 33.47 -35.75 4.69
CA ALA C 26 34.75 -36.13 5.28
C ALA C 26 34.81 -37.62 5.63
N GLU C 27 33.75 -38.37 5.35
CA GLU C 27 33.71 -39.81 5.63
C GLU C 27 34.67 -40.59 4.74
N ASN C 28 35.11 -40.01 3.63
CA ASN C 28 36.30 -40.48 2.94
C ASN C 28 37.48 -39.80 3.59
N PRO C 29 38.28 -40.50 4.41
CA PRO C 29 39.32 -39.82 5.18
C PRO C 29 40.40 -39.18 4.33
N ASN C 30 40.40 -39.47 3.02
CA ASN C 30 41.35 -38.81 2.13
C ASN C 30 40.88 -37.46 1.64
N VAL C 31 39.57 -37.20 1.69
CA VAL C 31 39.02 -35.93 1.24
C VAL C 31 39.15 -34.89 2.34
N THR C 32 39.70 -33.72 2.01
CA THR C 32 39.86 -32.63 2.96
C THR C 32 38.67 -31.69 2.87
N VAL C 33 38.07 -31.36 4.01
CA VAL C 33 36.87 -30.52 4.08
C VAL C 33 37.20 -29.33 4.97
N LEU C 34 36.87 -28.13 4.49
CA LEU C 34 37.06 -26.89 5.22
C LEU C 34 35.72 -26.30 5.62
N ILE C 35 35.62 -25.81 6.86
CA ILE C 35 34.46 -25.07 7.33
C ILE C 35 34.91 -23.69 7.76
N VAL C 36 34.30 -22.65 7.16
CA VAL C 36 34.44 -21.27 7.64
C VAL C 36 33.15 -20.92 8.38
N GLU C 37 33.29 -20.26 9.54
CA GLU C 37 32.19 -19.99 10.44
C GLU C 37 32.43 -18.64 11.11
N ALA C 38 31.34 -17.87 11.27
CA ALA C 38 31.44 -16.55 11.89
C ALA C 38 31.62 -16.64 13.41
N GLY C 39 31.01 -17.65 14.06
CA GLY C 39 31.03 -17.76 15.49
C GLY C 39 32.16 -18.64 16.04
N ILE C 40 32.06 -18.93 17.35
CA ILE C 40 33.11 -19.69 18.03
C ILE C 40 33.20 -21.10 17.45
N GLY C 41 34.34 -21.74 17.69
CA GLY C 41 34.53 -23.10 17.22
C GLY C 41 34.22 -24.17 18.25
N ASN C 42 34.05 -23.79 19.52
CA ASN C 42 33.91 -24.75 20.62
C ASN C 42 32.57 -24.65 21.34
N PRO C 43 31.45 -24.86 20.62
CA PRO C 43 30.15 -24.79 21.29
C PRO C 43 29.93 -25.88 22.32
N GLU C 44 30.65 -27.01 22.22
CA GLU C 44 30.54 -28.09 23.19
C GLU C 44 31.04 -27.68 24.56
N ASP C 45 31.87 -26.64 24.62
CA ASP C 45 32.43 -26.11 25.85
C ASP C 45 31.52 -25.06 26.52
N ILE C 46 30.39 -24.71 25.91
CA ILE C 46 29.56 -23.60 26.38
C ILE C 46 28.36 -24.18 27.12
N PRO C 47 28.25 -23.97 28.43
CA PRO C 47 27.12 -24.57 29.16
C PRO C 47 25.76 -24.08 28.70
N GLU C 48 25.62 -22.79 28.32
CA GLU C 48 24.33 -22.31 27.86
C GLU C 48 23.93 -22.94 26.53
N ILE C 49 24.91 -23.30 25.71
CA ILE C 49 24.62 -23.99 24.46
C ILE C 49 24.25 -25.45 24.72
N THR C 50 24.99 -26.12 25.61
CA THR C 50 24.76 -27.56 25.81
C THR C 50 23.59 -27.86 26.72
N THR C 51 23.20 -26.92 27.59
CA THR C 51 22.13 -27.16 28.56
C THR C 51 20.77 -26.87 27.93
N PRO C 52 19.88 -27.86 27.84
CA PRO C 52 18.59 -27.61 27.17
C PRO C 52 17.78 -26.49 27.78
N SER C 53 17.59 -26.48 29.10
CA SER C 53 16.72 -25.49 29.73
C SER C 53 17.24 -24.07 29.58
N SER C 54 18.49 -23.89 29.19
CA SER C 54 19.14 -22.61 29.02
C SER C 54 18.91 -21.99 27.64
N ALA C 55 18.14 -22.65 26.76
CA ALA C 55 18.06 -22.26 25.36
C ALA C 55 17.57 -20.83 25.18
N MET C 56 16.46 -20.47 25.84
CA MET C 56 15.88 -19.14 25.65
C MET C 56 16.82 -18.02 26.09
N ASP C 57 17.68 -18.28 27.07
CA ASP C 57 18.62 -17.24 27.48
C ASP C 57 19.69 -16.97 26.43
N LEU C 58 19.74 -17.75 25.34
CA LEU C 58 20.71 -17.48 24.30
C LEU C 58 20.28 -16.34 23.38
N ARG C 59 18.97 -15.98 23.38
CA ARG C 59 18.53 -14.74 22.75
C ARG C 59 19.35 -13.57 23.28
N ASN C 60 19.92 -12.79 22.35
CA ASN C 60 20.77 -11.62 22.63
C ASN C 60 22.13 -11.94 23.22
N SER C 61 22.53 -13.21 23.27
CA SER C 61 23.86 -13.52 23.74
C SER C 61 24.87 -13.32 22.62
N LYS C 62 26.15 -13.52 22.94
CA LYS C 62 27.17 -13.45 21.91
C LYS C 62 26.97 -14.50 20.83
N TYR C 63 26.12 -15.50 21.08
CA TYR C 63 25.86 -16.57 20.12
C TYR C 63 24.58 -16.34 19.33
N ASP C 64 24.04 -15.12 19.37
CA ASP C 64 22.83 -14.75 18.62
C ASP C 64 23.17 -13.58 17.70
N TRP C 65 23.02 -13.79 16.39
CA TRP C 65 23.21 -12.73 15.40
C TRP C 65 22.39 -11.48 15.74
N ALA C 66 21.21 -11.67 16.33
CA ALA C 66 20.36 -10.58 16.81
C ALA C 66 19.97 -9.61 15.69
N TYR C 67 19.57 -10.14 14.53
CA TYR C 67 19.21 -9.29 13.40
C TYR C 67 17.99 -8.42 13.73
N LYS C 68 17.97 -7.21 13.16
CA LYS C 68 16.71 -6.49 13.00
C LYS C 68 15.91 -7.11 11.87
N THR C 69 14.60 -7.24 12.09
CA THR C 69 13.76 -7.80 11.04
C THR C 69 12.39 -7.15 11.10
N THR C 70 11.82 -6.87 9.92
CA THR C 70 10.44 -6.41 9.84
C THR C 70 9.49 -7.60 9.96
N MET C 71 8.68 -7.60 11.02
CA MET C 71 7.75 -8.71 11.24
C MET C 71 6.52 -8.60 10.36
N VAL C 72 5.94 -7.41 10.25
CA VAL C 72 4.74 -7.18 9.46
C VAL C 72 4.96 -5.90 8.65
N ARG C 73 4.51 -5.89 7.39
CA ARG C 73 4.53 -4.65 6.59
C ARG C 73 3.22 -4.60 5.81
N ARG C 74 2.19 -4.04 6.43
CA ARG C 74 0.89 -3.79 5.81
C ARG C 74 0.66 -2.29 5.76
N ASP C 75 -0.35 -1.87 5.00
CA ASP C 75 -0.64 -0.45 5.00
C ASP C 75 -1.20 -0.01 6.34
N ASP C 76 -1.87 -0.90 7.06
CA ASP C 76 -2.47 -0.51 8.33
C ASP C 76 -1.54 -0.75 9.51
N TYR C 77 -0.40 -1.40 9.30
CA TYR C 77 0.41 -1.82 10.43
C TYR C 77 1.78 -2.27 9.96
N GLU C 78 2.81 -1.87 10.70
CA GLU C 78 4.16 -2.26 10.39
C GLU C 78 4.94 -2.35 11.70
N ARG C 79 5.77 -3.38 11.82
CA ARG C 79 6.58 -3.53 13.04
C ARG C 79 7.90 -4.18 12.68
N ILE C 80 8.97 -3.60 13.22
CA ILE C 80 10.33 -4.11 13.09
C ILE C 80 10.81 -4.51 14.49
N GLU C 81 11.53 -5.64 14.56
CA GLU C 81 11.96 -6.15 15.84
C GLU C 81 13.45 -6.50 15.81
N LYS C 82 14.03 -6.62 17.01
CA LYS C 82 15.39 -7.07 17.27
C LYS C 82 15.42 -7.65 18.67
N PRO C 83 16.00 -8.84 18.88
CA PRO C 83 16.67 -9.72 17.94
C PRO C 83 15.75 -10.66 17.17
N ASN C 84 16.01 -10.84 15.89
CA ASN C 84 15.52 -11.98 15.14
C ASN C 84 16.60 -13.05 15.29
N THR C 85 16.36 -13.99 16.21
CA THR C 85 17.42 -14.84 16.75
C THR C 85 17.94 -15.83 15.69
N ARG C 86 19.27 -15.91 15.57
CA ARG C 86 19.93 -16.84 14.66
C ARG C 86 21.25 -17.26 15.31
N GLY C 87 21.59 -18.54 15.22
CA GLY C 87 22.81 -19.02 15.86
C GLY C 87 24.08 -18.44 15.22
N LYS C 88 24.99 -17.95 16.05
CA LYS C 88 26.32 -17.46 15.62
C LYS C 88 27.39 -18.21 16.42
N THR C 89 27.70 -19.40 15.93
CA THR C 89 28.58 -20.42 16.51
C THR C 89 28.56 -21.59 15.56
N LEU C 90 29.56 -22.47 15.69
CA LEU C 90 29.44 -23.71 14.95
C LEU C 90 28.18 -24.43 15.45
N GLY C 91 27.49 -25.08 14.52
CA GLY C 91 26.15 -25.58 14.75
C GLY C 91 25.05 -24.64 14.29
N GLY C 92 25.37 -23.38 14.03
CA GLY C 92 24.36 -22.43 13.59
C GLY C 92 23.24 -22.33 14.60
N SER C 93 22.01 -22.30 14.08
CA SER C 93 20.83 -22.22 14.93
C SER C 93 20.50 -23.54 15.61
N SER C 94 21.08 -24.65 15.16
CA SER C 94 20.91 -25.91 15.89
C SER C 94 21.62 -25.89 17.24
N SER C 95 22.48 -24.89 17.48
CA SER C 95 23.10 -24.68 18.77
C SER C 95 22.25 -23.84 19.70
N LEU C 96 21.17 -23.22 19.21
CA LEU C 96 20.33 -22.42 20.10
C LEU C 96 18.84 -22.62 19.88
N ASN C 97 18.40 -23.68 19.20
CA ASN C 97 16.97 -23.83 18.98
C ASN C 97 16.30 -24.54 20.15
N TYR C 98 14.98 -24.78 20.04
CA TYR C 98 14.20 -25.35 21.13
C TYR C 98 13.87 -26.81 20.86
N PHE C 99 14.75 -27.46 20.12
CA PHE C 99 14.98 -28.90 20.16
C PHE C 99 13.91 -29.78 19.51
N THR C 100 12.73 -29.27 19.20
CA THR C 100 11.69 -30.15 18.71
C THR C 100 12.10 -30.74 17.35
N TRP C 101 11.81 -32.02 17.17
CA TRP C 101 12.23 -32.79 15.98
C TRP C 101 10.96 -33.34 15.35
N VAL C 102 10.50 -32.71 14.28
CA VAL C 102 9.23 -33.06 13.65
C VAL C 102 9.41 -32.92 12.14
N PRO C 103 9.06 -33.94 11.36
CA PRO C 103 9.31 -33.88 9.91
C PRO C 103 8.41 -32.91 9.16
N GLY C 104 7.10 -33.07 9.28
CA GLY C 104 6.12 -32.40 8.43
C GLY C 104 5.18 -33.38 7.75
N HIS C 105 4.26 -32.83 6.97
CA HIS C 105 3.15 -33.61 6.43
C HIS C 105 3.47 -34.16 5.05
N LYS C 106 3.02 -35.39 4.79
CA LYS C 106 3.35 -36.05 3.53
C LYS C 106 2.85 -35.23 2.33
N ALA C 107 1.64 -34.68 2.41
CA ALA C 107 1.08 -33.97 1.25
C ALA C 107 1.92 -32.75 0.88
N THR C 108 2.45 -32.05 1.88
CA THR C 108 3.25 -30.87 1.63
C THR C 108 4.57 -31.22 0.96
N PHE C 109 5.31 -32.18 1.53
CA PHE C 109 6.56 -32.60 0.91
C PHE C 109 6.31 -33.16 -0.48
N ASP C 110 5.16 -33.81 -0.69
CA ASP C 110 4.84 -34.28 -2.04
C ASP C 110 4.75 -33.11 -3.02
N GLN C 111 4.28 -31.95 -2.55
CA GLN C 111 4.12 -30.81 -3.44
C GLN C 111 5.44 -30.13 -3.78
N TRP C 112 6.54 -30.48 -3.12
CA TRP C 112 7.85 -30.03 -3.57
C TRP C 112 8.15 -30.50 -4.99
N GLU C 113 7.40 -31.47 -5.50
CA GLU C 113 7.70 -32.01 -6.81
C GLU C 113 7.70 -30.92 -7.86
N GLU C 114 6.79 -29.95 -7.74
CA GLU C 114 6.73 -28.82 -8.66
C GLU C 114 8.06 -28.12 -8.79
N PHE C 115 8.90 -28.17 -7.75
CA PHE C 115 10.18 -27.48 -7.73
C PHE C 115 11.36 -28.41 -7.95
N GLY C 116 11.36 -29.61 -7.35
CA GLY C 116 12.51 -30.50 -7.39
C GLY C 116 12.37 -31.80 -8.13
N GLY C 117 11.25 -32.05 -8.82
CA GLY C 117 11.04 -33.33 -9.46
C GLY C 117 10.71 -34.38 -8.43
N LYS C 118 10.56 -35.62 -8.91
CA LYS C 118 10.00 -36.67 -8.07
C LYS C 118 10.91 -37.01 -6.89
N GLU C 119 12.22 -36.78 -7.02
CA GLU C 119 13.15 -37.12 -5.96
C GLU C 119 13.00 -36.24 -4.73
N TRP C 120 12.34 -35.09 -4.85
CA TRP C 120 12.06 -34.23 -3.71
C TRP C 120 10.63 -34.36 -3.26
N THR C 121 10.11 -35.57 -3.23
CA THR C 121 8.79 -35.81 -2.67
C THR C 121 8.96 -36.61 -1.39
N TRP C 122 7.84 -36.91 -0.73
CA TRP C 122 7.88 -37.49 0.60
C TRP C 122 8.62 -38.83 0.61
N ASP C 123 8.14 -39.80 -0.17
CA ASP C 123 8.67 -41.17 -0.10
C ASP C 123 10.19 -41.24 -0.31
N PRO C 124 10.77 -40.65 -1.36
CA PRO C 124 12.24 -40.67 -1.44
C PRO C 124 12.91 -39.87 -0.33
N LEU C 125 12.21 -38.95 0.32
CA LEU C 125 12.84 -38.10 1.33
C LEU C 125 12.80 -38.67 2.74
N VAL C 126 11.86 -39.56 3.06
CA VAL C 126 11.78 -40.13 4.41
C VAL C 126 13.10 -40.74 4.86
N PRO C 127 13.88 -41.44 4.03
CA PRO C 127 15.20 -41.89 4.53
C PRO C 127 16.09 -40.71 4.85
N TYR C 128 15.98 -39.63 4.09
CA TYR C 128 16.78 -38.43 4.37
C TYR C 128 16.29 -37.70 5.61
N LEU C 129 15.00 -37.77 5.92
CA LEU C 129 14.52 -37.22 7.18
C LEU C 129 14.95 -38.03 8.41
N ARG C 130 15.47 -39.25 8.22
CA ARG C 130 15.86 -40.10 9.35
C ARG C 130 17.36 -40.32 9.45
N LYS C 131 18.13 -40.02 8.39
CA LYS C 131 19.53 -40.43 8.30
C LYS C 131 20.42 -39.71 9.32
N SER C 132 20.08 -38.49 9.73
CA SER C 132 20.99 -37.82 10.66
C SER C 132 20.84 -38.28 12.10
N ALA C 133 19.78 -39.01 12.45
CA ALA C 133 19.43 -39.25 13.85
C ALA C 133 19.58 -40.72 14.24
N THR C 134 20.04 -40.93 15.47
CA THR C 134 19.86 -42.14 16.27
C THR C 134 18.83 -41.95 17.36
N TYR C 135 17.73 -42.69 17.23
CA TYR C 135 16.62 -42.64 18.18
C TYR C 135 16.95 -43.44 19.44
N HIS C 136 16.56 -42.89 20.60
CA HIS C 136 16.60 -43.64 21.85
C HIS C 136 15.22 -43.57 22.49
N ASP C 137 14.78 -44.64 23.13
CA ASP C 137 13.58 -44.66 23.96
C ASP C 137 13.92 -45.35 25.29
N ASP C 138 14.91 -44.79 25.99
CA ASP C 138 15.48 -45.42 27.19
C ASP C 138 14.47 -45.97 28.19
N PRO C 139 13.42 -45.26 28.61
CA PRO C 139 12.43 -45.87 29.51
C PRO C 139 11.36 -46.68 28.79
N ARG C 140 11.59 -46.87 27.49
CA ARG C 140 10.76 -47.64 26.56
C ARG C 140 9.30 -47.32 26.82
N LEU C 141 9.03 -46.00 26.79
CA LEU C 141 7.72 -45.41 27.06
C LEU C 141 6.81 -45.34 25.84
N TYR C 142 7.36 -45.52 24.63
CA TYR C 142 6.56 -45.40 23.42
C TYR C 142 6.86 -46.58 22.50
N SER C 143 5.94 -46.85 21.57
CA SER C 143 6.02 -47.97 20.61
C SER C 143 7.43 -48.21 20.08
N PRO C 144 7.92 -49.45 20.18
CA PRO C 144 9.23 -49.77 19.60
C PRO C 144 9.34 -49.49 18.09
N GLU C 145 8.20 -49.36 17.34
CA GLU C 145 8.33 -48.98 15.94
C GLU C 145 9.17 -47.75 15.73
N LEU C 146 8.98 -46.79 16.60
CA LEU C 146 9.37 -45.45 16.23
C LEU C 146 10.87 -45.35 16.26
N GLU C 147 11.54 -46.46 16.57
CA GLU C 147 12.99 -46.47 16.43
C GLU C 147 13.39 -46.31 14.97
N LYS C 148 12.49 -46.58 14.02
CA LYS C 148 12.81 -46.42 12.60
C LYS C 148 13.11 -44.97 12.24
N ILE C 149 12.60 -44.00 13.00
CA ILE C 149 12.83 -42.60 12.67
C ILE C 149 14.26 -42.19 12.97
N GLY C 150 15.03 -43.06 13.60
CA GLY C 150 16.45 -42.81 13.75
C GLY C 150 17.24 -43.73 12.85
N GLY C 151 17.95 -43.15 11.88
CA GLY C 151 18.76 -43.85 10.91
C GLY C 151 20.20 -44.14 11.29
N GLY C 152 20.71 -43.68 12.43
CA GLY C 152 22.05 -43.99 12.87
C GLY C 152 23.06 -42.88 12.82
N GLY C 153 22.63 -41.65 12.60
CA GLY C 153 23.54 -40.53 12.48
C GLY C 153 23.93 -39.98 13.83
N PRO C 154 24.74 -38.93 13.81
CA PRO C 154 25.32 -38.39 15.05
C PRO C 154 24.38 -37.49 15.85
N ILE C 155 23.10 -37.40 15.50
CA ILE C 155 22.18 -36.56 16.26
C ILE C 155 21.32 -37.42 17.18
N PRO C 156 21.65 -37.53 18.47
CA PRO C 156 20.82 -38.34 19.37
C PRO C 156 19.50 -37.64 19.63
N ILE C 157 18.41 -38.36 19.37
CA ILE C 157 17.08 -37.84 19.64
C ILE C 157 16.33 -38.83 20.52
N SER C 158 15.31 -38.30 21.18
CA SER C 158 14.44 -39.08 22.04
C SER C 158 13.14 -38.31 22.19
N HIS C 159 12.07 -39.03 22.51
CA HIS C 159 10.91 -38.36 23.08
C HIS C 159 11.37 -37.50 24.24
N ALA C 160 10.67 -36.40 24.48
CA ALA C 160 11.03 -35.54 25.60
C ALA C 160 11.23 -36.38 26.86
N GLU C 161 12.36 -36.13 27.54
CA GLU C 161 12.69 -36.82 28.80
C GLU C 161 11.86 -36.18 29.91
N LEU C 162 10.71 -36.79 30.21
CA LEU C 162 9.65 -36.09 30.91
C LEU C 162 10.05 -35.64 32.31
N ILE C 163 9.62 -34.42 32.64
CA ILE C 163 9.68 -33.90 34.00
C ILE C 163 8.56 -34.55 34.80
N ASP C 164 8.90 -35.10 35.96
CA ASP C 164 7.91 -35.84 36.71
C ASP C 164 6.86 -34.91 37.35
N GLU C 165 7.28 -33.75 37.86
CA GLU C 165 6.30 -32.84 38.46
C GLU C 165 5.28 -32.34 37.45
N MET C 166 5.61 -32.39 36.16
CA MET C 166 4.70 -31.94 35.13
C MET C 166 3.74 -33.04 34.70
N ALA C 167 3.77 -34.19 35.38
CA ALA C 167 2.88 -35.27 35.04
C ALA C 167 1.41 -34.91 35.20
N PRO C 168 0.97 -34.26 36.29
CA PRO C 168 -0.44 -33.83 36.34
C PRO C 168 -0.81 -32.84 35.26
N PHE C 169 0.08 -31.87 35.00
CA PHE C 169 -0.09 -30.98 33.86
C PHE C 169 -0.34 -31.77 32.57
N ARG C 170 0.57 -32.70 32.24
CA ARG C 170 0.40 -33.48 31.03
C ARG C 170 -0.89 -34.26 31.06
N GLU C 171 -1.32 -34.72 32.23
CA GLU C 171 -2.60 -35.40 32.25
C GLU C 171 -3.79 -34.51 32.00
N ASN C 172 -3.80 -33.31 32.56
CA ASN C 172 -4.98 -32.48 32.35
C ASN C 172 -5.00 -31.91 30.94
N LEU C 173 -3.82 -31.63 30.37
CA LEU C 173 -3.79 -31.15 29.00
C LEU C 173 -4.31 -32.22 28.05
N THR C 174 -3.91 -33.48 28.25
CA THR C 174 -4.36 -34.57 27.38
C THR C 174 -5.86 -34.79 27.52
N LYS C 175 -6.35 -34.86 28.76
CA LYS C 175 -7.78 -34.97 29.02
C LYS C 175 -8.55 -33.86 28.32
N ALA C 176 -8.07 -32.61 28.47
CA ALA C 176 -8.75 -31.48 27.87
C ALA C 176 -8.76 -31.58 26.35
N TRP C 177 -7.61 -31.94 25.75
CA TRP C 177 -7.54 -32.18 24.31
C TRP C 177 -8.59 -33.20 23.87
N LYS C 178 -8.66 -34.34 24.56
CA LYS C 178 -9.66 -35.36 24.24
C LYS C 178 -11.06 -34.85 24.50
N SER C 179 -11.23 -33.99 25.50
CA SER C 179 -12.56 -33.52 25.86
C SER C 179 -13.19 -32.61 24.81
N MET C 180 -12.43 -32.11 23.83
CA MET C 180 -12.99 -31.36 22.70
C MET C 180 -12.96 -32.14 21.39
N GLY C 181 -12.77 -33.46 21.46
CA GLY C 181 -12.90 -34.29 20.29
C GLY C 181 -11.73 -34.32 19.35
N GLN C 182 -10.52 -34.10 19.84
CA GLN C 182 -9.40 -34.13 18.95
C GLN C 182 -8.46 -35.27 19.31
N PRO C 183 -7.88 -35.94 18.32
CA PRO C 183 -7.20 -37.22 18.57
C PRO C 183 -5.88 -37.02 19.30
N LEU C 184 -5.41 -38.12 19.90
CA LEU C 184 -4.02 -38.29 20.26
C LEU C 184 -3.29 -39.00 19.15
N ILE C 185 -1.99 -38.73 19.03
CA ILE C 185 -1.17 -39.39 18.02
C ILE C 185 0.27 -39.39 18.46
N GLU C 186 0.96 -40.52 18.26
CA GLU C 186 2.38 -40.59 18.58
C GLU C 186 3.27 -40.81 17.38
N ASN C 187 2.79 -41.46 16.33
CA ASN C 187 3.56 -41.66 15.11
C ASN C 187 3.18 -40.56 14.12
N ILE C 188 3.89 -39.44 14.20
CA ILE C 188 3.73 -38.35 13.26
C ILE C 188 4.90 -38.30 12.28
N TYR C 189 5.58 -39.43 12.10
CA TYR C 189 6.84 -39.50 11.36
C TYR C 189 6.70 -40.27 10.07
N ASP C 190 5.49 -40.72 9.72
CA ASP C 190 5.21 -41.45 8.50
C ASP C 190 4.34 -40.65 7.53
N GLY C 191 4.17 -39.33 7.74
CA GLY C 191 3.39 -38.49 6.85
C GLY C 191 2.08 -37.97 7.41
N GLU C 192 1.60 -38.49 8.53
CA GLU C 192 0.37 -38.01 9.15
C GLU C 192 0.69 -37.39 10.50
N MET C 193 0.04 -36.27 10.83
CA MET C 193 0.39 -35.58 12.07
C MET C 193 -0.82 -34.95 12.73
N ASP C 194 -1.99 -35.56 12.63
CA ASP C 194 -3.20 -34.96 13.17
C ASP C 194 -3.36 -35.34 14.64
N GLY C 195 -3.15 -34.38 15.56
CA GLY C 195 -3.53 -34.59 16.94
C GLY C 195 -2.49 -34.07 17.92
N LEU C 196 -2.61 -34.51 19.16
CA LEU C 196 -1.71 -34.12 20.24
C LEU C 196 -0.65 -35.21 20.41
N THR C 197 0.61 -34.81 20.55
CA THR C 197 1.69 -35.78 20.55
C THR C 197 2.69 -35.48 21.66
N HIS C 198 3.38 -36.55 22.12
CA HIS C 198 4.59 -36.42 22.91
C HIS C 198 5.73 -36.22 21.93
N CYS C 199 6.23 -35.00 21.85
CA CYS C 199 7.18 -34.69 20.79
C CYS C 199 8.53 -35.33 21.08
N CYS C 200 9.33 -35.43 20.01
CA CYS C 200 10.72 -35.81 20.13
C CYS C 200 11.59 -34.57 20.06
N ASP C 201 12.84 -34.72 20.50
CA ASP C 201 13.72 -33.58 20.68
C ASP C 201 15.17 -33.95 20.35
N THR C 202 15.91 -32.97 19.85
CA THR C 202 17.36 -33.13 19.79
C THR C 202 17.90 -32.89 21.20
N ILE C 203 17.32 -33.60 22.16
CA ILE C 203 17.88 -33.73 23.50
C ILE C 203 17.95 -35.20 23.80
N TYR C 204 19.13 -35.63 24.24
CA TYR C 204 19.29 -36.95 24.79
C TYR C 204 20.22 -36.82 25.96
N ARG C 205 19.75 -37.34 27.10
CA ARG C 205 20.59 -37.57 28.24
C ARG C 205 21.02 -36.22 28.85
N GLY C 206 20.06 -35.28 28.82
CA GLY C 206 20.11 -33.91 29.37
C GLY C 206 20.97 -32.93 28.63
N GLN C 207 21.32 -33.25 27.38
CA GLN C 207 22.24 -32.42 26.62
C GLN C 207 21.71 -32.16 25.22
N ARG C 208 22.11 -31.01 24.67
CA ARG C 208 21.70 -30.62 23.34
C ARG C 208 22.44 -31.41 22.26
N SER C 209 21.69 -31.89 21.26
CA SER C 209 22.27 -32.53 20.09
C SER C 209 22.27 -31.49 18.98
N GLY C 210 23.34 -30.71 18.90
CA GLY C 210 23.47 -29.75 17.84
C GLY C 210 24.25 -30.34 16.69
N SER C 211 24.18 -29.67 15.55
CA SER C 211 24.82 -30.20 14.35
C SER C 211 26.34 -30.27 14.47
N PHE C 212 26.94 -29.63 15.48
CA PHE C 212 28.39 -29.73 15.66
C PHE C 212 28.86 -31.18 15.91
N LEU C 213 27.94 -32.08 16.28
CA LEU C 213 28.28 -33.49 16.43
C LEU C 213 28.67 -34.17 15.11
N PHE C 214 28.40 -33.53 13.97
CA PHE C 214 28.71 -34.11 12.66
C PHE C 214 30.19 -34.00 12.30
N VAL C 215 30.88 -32.97 12.79
CA VAL C 215 32.19 -32.57 12.34
C VAL C 215 33.15 -32.76 13.50
N LYS C 216 32.80 -33.72 14.38
CA LYS C 216 33.50 -34.05 15.61
C LYS C 216 34.46 -35.19 15.37
N ASN C 217 35.62 -35.12 16.02
CA ASN C 217 36.80 -36.02 15.86
C ASN C 217 36.94 -36.48 14.42
N LYS C 218 36.99 -35.58 13.45
CA LYS C 218 37.27 -36.03 12.08
C LYS C 218 38.40 -35.16 11.55
N PRO C 219 39.63 -35.70 11.54
CA PRO C 219 40.81 -34.85 11.36
C PRO C 219 40.96 -34.27 9.98
N ASN C 220 40.24 -34.77 8.99
CA ASN C 220 40.30 -34.17 7.66
C ASN C 220 39.40 -32.94 7.52
N ILE C 221 38.67 -32.57 8.57
CA ILE C 221 37.86 -31.35 8.60
C ILE C 221 38.69 -30.26 9.26
N THR C 222 38.93 -29.18 8.53
CA THR C 222 39.52 -27.96 9.07
C THR C 222 38.42 -26.98 9.42
N ILE C 223 38.36 -26.56 10.68
CA ILE C 223 37.36 -25.62 11.15
C ILE C 223 38.05 -24.28 11.42
N VAL C 224 37.64 -23.24 10.70
CA VAL C 224 38.19 -21.91 10.91
C VAL C 224 37.09 -21.03 11.48
N PRO C 225 36.95 -20.90 12.79
CA PRO C 225 35.87 -20.08 13.34
C PRO C 225 36.23 -18.60 13.40
N GLU C 226 35.23 -17.79 13.78
CA GLU C 226 35.40 -16.34 14.00
C GLU C 226 35.97 -15.64 12.76
N VAL C 227 35.51 -16.09 11.60
CA VAL C 227 35.82 -15.45 10.34
C VAL C 227 34.50 -15.09 9.67
N HIS C 228 34.43 -13.88 9.14
CA HIS C 228 33.22 -13.34 8.56
C HIS C 228 33.43 -13.28 7.04
N SER C 229 32.56 -13.96 6.28
CA SER C 229 32.81 -14.09 4.85
C SER C 229 32.66 -12.74 4.15
N LYS C 230 33.53 -12.50 3.17
CA LYS C 230 33.51 -11.29 2.38
C LYS C 230 32.89 -11.50 1.00
N ARG C 231 33.20 -12.62 0.35
CA ARG C 231 32.76 -12.83 -1.02
C ARG C 231 33.07 -14.27 -1.44
N LEU C 232 32.19 -14.84 -2.25
CA LEU C 232 32.54 -16.05 -2.98
C LEU C 232 33.47 -15.69 -4.14
N ILE C 233 34.44 -16.55 -4.41
CA ILE C 233 35.40 -16.32 -5.49
C ILE C 233 34.88 -16.99 -6.75
N ILE C 234 34.45 -16.18 -7.72
CA ILE C 234 33.88 -16.68 -8.97
C ILE C 234 34.81 -16.30 -10.12
N ASN C 235 35.22 -17.30 -10.90
CA ASN C 235 35.93 -17.00 -12.14
C ASN C 235 34.88 -16.63 -13.17
N GLU C 236 34.88 -15.37 -13.60
CA GLU C 236 33.77 -14.89 -14.41
C GLU C 236 33.77 -15.53 -15.78
N ALA C 237 34.92 -15.53 -16.46
CA ALA C 237 35.01 -16.23 -17.73
C ALA C 237 34.64 -17.70 -17.58
N ASP C 238 35.06 -18.31 -16.48
CA ASP C 238 34.92 -19.74 -16.28
C ASP C 238 33.55 -20.20 -15.80
N ARG C 239 32.64 -19.31 -15.35
CA ARG C 239 31.37 -19.79 -14.86
C ARG C 239 31.50 -20.47 -13.49
N THR C 240 32.66 -20.35 -12.87
CA THR C 240 33.05 -21.29 -11.82
C THR C 240 33.44 -20.61 -10.52
N CYS C 241 32.97 -21.20 -9.42
CA CYS C 241 33.35 -20.77 -8.08
C CYS C 241 34.64 -21.48 -7.69
N LYS C 242 35.65 -20.70 -7.30
CA LYS C 242 36.95 -21.25 -6.94
C LYS C 242 37.12 -21.44 -5.44
N GLY C 243 36.31 -20.76 -4.63
CA GLY C 243 36.49 -20.73 -3.18
C GLY C 243 35.80 -19.52 -2.58
N VAL C 244 36.36 -19.03 -1.46
CA VAL C 244 35.72 -17.98 -0.68
C VAL C 244 36.78 -17.09 -0.04
N THR C 245 36.44 -15.81 0.12
CA THR C 245 37.24 -14.85 0.87
C THR C 245 36.56 -14.59 2.22
N VAL C 246 37.35 -14.68 3.29
CA VAL C 246 36.85 -14.43 4.64
C VAL C 246 37.73 -13.37 5.30
N VAL C 247 37.20 -12.78 6.37
CA VAL C 247 37.92 -11.78 7.16
C VAL C 247 37.97 -12.25 8.61
N THR C 248 39.17 -12.20 9.21
CA THR C 248 39.30 -12.57 10.61
C THR C 248 38.98 -11.36 11.48
N ALA C 249 38.77 -11.62 12.76
CA ALA C 249 38.48 -10.56 13.71
C ALA C 249 39.48 -9.43 13.59
N ALA C 250 40.71 -9.73 13.17
CA ALA C 250 41.79 -8.75 12.99
C ALA C 250 41.65 -7.95 11.71
N GLY C 251 40.68 -8.25 10.85
CA GLY C 251 40.51 -7.49 9.63
C GLY C 251 41.41 -7.92 8.49
N ASN C 252 41.83 -9.18 8.47
CA ASN C 252 42.72 -9.69 7.44
C ASN C 252 41.95 -10.59 6.50
N GLU C 253 42.33 -10.56 5.22
CA GLU C 253 41.62 -11.32 4.21
C GLU C 253 42.34 -12.63 3.93
N LEU C 254 41.60 -13.73 4.05
CA LEU C 254 42.12 -15.05 3.76
C LEU C 254 41.28 -15.61 2.62
N ASN C 255 41.93 -16.21 1.64
CA ASN C 255 41.24 -16.83 0.53
C ASN C 255 41.47 -18.33 0.62
N PHE C 256 40.39 -19.08 0.67
CA PHE C 256 40.46 -20.53 0.70
C PHE C 256 39.80 -21.08 -0.55
N PHE C 257 40.42 -22.08 -1.17
CA PHE C 257 39.95 -22.57 -2.46
C PHE C 257 39.44 -23.99 -2.32
N ALA C 258 38.40 -24.30 -3.07
CA ALA C 258 37.85 -25.65 -3.15
C ALA C 258 38.26 -26.26 -4.49
N ASP C 259 38.80 -27.48 -4.43
CA ASP C 259 39.20 -28.19 -5.63
C ASP C 259 38.03 -28.92 -6.28
N ARG C 260 37.00 -29.26 -5.51
CA ARG C 260 35.81 -29.86 -6.09
C ARG C 260 34.63 -28.91 -6.10
N GLU C 261 34.16 -28.44 -4.95
CA GLU C 261 32.93 -27.66 -4.87
C GLU C 261 32.94 -26.84 -3.60
N VAL C 262 32.31 -25.67 -3.68
CA VAL C 262 31.97 -24.86 -2.51
C VAL C 262 30.49 -25.09 -2.23
N ILE C 263 30.14 -25.36 -0.97
CA ILE C 263 28.75 -25.49 -0.57
C ILE C 263 28.44 -24.35 0.39
N LEU C 264 27.49 -23.50 -0.01
CA LEU C 264 27.12 -22.30 0.74
C LEU C 264 26.00 -22.63 1.72
N SER C 265 26.26 -22.44 3.01
CA SER C 265 25.33 -22.88 4.04
C SER C 265 25.19 -21.84 5.14
N GLN C 266 25.05 -20.57 4.75
CA GLN C 266 24.99 -19.49 5.73
C GLN C 266 23.58 -19.24 6.25
N GLY C 267 22.61 -20.08 5.90
CA GLY C 267 21.25 -19.91 6.37
C GLY C 267 20.47 -18.88 5.58
N VAL C 268 19.16 -18.80 5.88
CA VAL C 268 18.19 -18.07 5.04
C VAL C 268 18.55 -16.62 4.84
N PHE C 269 19.25 -16.00 5.79
CA PHE C 269 19.44 -14.56 5.70
C PHE C 269 20.77 -14.20 5.10
N GLU C 270 21.82 -14.95 5.43
CA GLU C 270 23.14 -14.63 4.94
C GLU C 270 23.51 -15.36 3.64
N THR C 271 22.94 -16.54 3.36
CA THR C 271 23.20 -17.17 2.06
C THR C 271 22.80 -16.27 0.90
N PRO C 272 21.58 -15.76 0.81
CA PRO C 272 21.28 -14.84 -0.29
C PRO C 272 22.12 -13.58 -0.27
N LYS C 273 22.47 -13.08 0.91
CA LYS C 273 23.34 -11.92 0.99
C LYS C 273 24.68 -12.18 0.32
N LEU C 274 25.36 -13.26 0.73
CA LEU C 274 26.65 -13.57 0.14
C LEU C 274 26.53 -13.79 -1.36
N LEU C 275 25.48 -14.49 -1.78
CA LEU C 275 25.23 -14.67 -3.21
C LEU C 275 25.21 -13.33 -3.91
N MET C 276 24.45 -12.38 -3.37
CA MET C 276 24.31 -11.07 -4.00
C MET C 276 25.61 -10.29 -3.94
N LEU C 277 26.30 -10.33 -2.80
CA LEU C 277 27.61 -9.68 -2.70
C LEU C 277 28.61 -10.27 -3.69
N SER C 278 28.40 -11.51 -4.11
CA SER C 278 29.27 -12.23 -5.03
C SER C 278 28.83 -12.07 -6.49
N GLY C 279 27.83 -11.24 -6.76
CA GLY C 279 27.40 -10.94 -8.11
C GLY C 279 26.30 -11.82 -8.66
N ILE C 280 25.62 -12.59 -7.82
CA ILE C 280 24.56 -13.49 -8.23
C ILE C 280 23.30 -13.06 -7.51
N GLY C 281 22.39 -12.40 -8.22
CA GLY C 281 21.12 -11.96 -7.68
C GLY C 281 20.33 -11.13 -8.67
N PRO C 282 19.27 -10.47 -8.20
CA PRO C 282 18.48 -9.61 -9.09
C PRO C 282 19.31 -8.42 -9.53
N THR C 283 19.52 -8.30 -10.84
CA THR C 283 20.54 -7.38 -11.34
C THR C 283 20.29 -5.95 -10.89
N ARG C 284 19.03 -5.51 -10.87
CA ARG C 284 18.76 -4.14 -10.45
C ARG C 284 19.07 -3.91 -8.97
N GLU C 285 18.88 -4.92 -8.13
CA GLU C 285 19.27 -4.80 -6.74
C GLU C 285 20.78 -4.68 -6.58
N LEU C 286 21.54 -5.51 -7.31
CA LEU C 286 22.99 -5.42 -7.25
C LEU C 286 23.48 -4.06 -7.74
N SER C 287 22.94 -3.59 -8.86
CA SER C 287 23.41 -2.33 -9.43
C SER C 287 23.25 -1.15 -8.46
N ARG C 288 22.08 -0.98 -7.87
CA ARG C 288 21.97 0.24 -7.07
C ARG C 288 22.72 0.11 -5.73
N HIS C 289 23.41 -1.00 -5.50
CA HIS C 289 24.42 -1.06 -4.45
C HIS C 289 25.81 -1.22 -5.03
N GLY C 290 25.99 -0.87 -6.31
CA GLY C 290 27.32 -0.83 -6.90
C GLY C 290 28.01 -2.17 -7.08
N ILE C 291 27.26 -3.26 -7.10
CA ILE C 291 27.79 -4.61 -7.32
C ILE C 291 27.53 -5.01 -8.76
N ASN C 292 28.57 -5.51 -9.45
CA ASN C 292 28.42 -5.88 -10.84
C ASN C 292 27.66 -7.22 -10.91
N THR C 293 26.77 -7.38 -11.90
CA THR C 293 26.00 -8.61 -12.04
C THR C 293 26.75 -9.66 -12.87
N ILE C 294 27.00 -10.82 -12.27
CA ILE C 294 27.58 -11.98 -12.97
C ILE C 294 26.52 -12.91 -13.53
N VAL C 295 25.46 -13.18 -12.75
CA VAL C 295 24.28 -13.89 -13.22
C VAL C 295 23.06 -13.20 -12.62
N ASP C 296 22.12 -12.84 -13.47
CA ASP C 296 20.86 -12.24 -13.08
C ASP C 296 19.96 -13.34 -12.53
N SER C 297 19.94 -13.48 -11.20
CA SER C 297 19.18 -14.55 -10.54
C SER C 297 18.08 -13.88 -9.73
N ARG C 298 16.92 -13.70 -10.36
CA ARG C 298 15.91 -12.81 -9.82
C ARG C 298 15.31 -13.30 -8.50
N HIS C 299 15.43 -14.58 -8.19
CA HIS C 299 14.81 -15.14 -7.00
C HIS C 299 15.70 -15.08 -5.75
N VAL C 300 16.95 -14.64 -5.87
CA VAL C 300 17.87 -14.61 -4.73
C VAL C 300 17.38 -13.61 -3.69
N GLY C 301 17.12 -14.10 -2.48
CA GLY C 301 16.56 -13.29 -1.42
C GLY C 301 15.05 -13.15 -1.47
N GLN C 302 14.43 -13.52 -2.59
CA GLN C 302 12.99 -13.56 -2.72
C GLN C 302 12.45 -14.86 -2.11
N ASN C 303 11.12 -14.93 -1.96
CA ASN C 303 10.41 -16.12 -1.51
C ASN C 303 10.72 -16.49 -0.06
N LEU C 304 11.15 -15.51 0.73
CA LEU C 304 11.29 -15.68 2.16
C LEU C 304 9.96 -16.08 2.77
N MET C 305 9.92 -17.27 3.38
CA MET C 305 8.70 -17.74 4.01
C MET C 305 8.99 -18.21 5.43
N ASP C 306 8.14 -17.79 6.36
CA ASP C 306 8.29 -18.11 7.77
C ASP C 306 6.90 -18.34 8.34
N HIS C 307 6.87 -18.93 9.48
CA HIS C 307 5.64 -19.14 10.20
C HIS C 307 5.41 -18.02 11.19
N PRO C 308 4.22 -17.42 11.22
CA PRO C 308 3.90 -16.50 12.31
C PRO C 308 3.40 -17.22 13.53
N GLY C 309 3.70 -16.67 14.68
CA GLY C 309 3.19 -17.19 15.93
C GLY C 309 2.69 -16.07 16.81
N VAL C 310 1.55 -16.32 17.44
CA VAL C 310 1.07 -15.45 18.53
C VAL C 310 1.14 -16.27 19.81
N PRO C 311 2.17 -16.12 20.63
CA PRO C 311 2.16 -16.79 21.92
C PRO C 311 1.27 -16.06 22.91
N PHE C 312 0.77 -16.82 23.89
CA PHE C 312 0.07 -16.19 25.00
C PHE C 312 0.36 -16.97 26.26
N VAL C 313 0.28 -16.27 27.38
CA VAL C 313 0.70 -16.80 28.67
C VAL C 313 -0.52 -16.87 29.58
N LEU C 314 -0.74 -18.04 30.15
CA LEU C 314 -1.73 -18.23 31.19
C LEU C 314 -1.00 -18.50 32.51
N ARG C 315 -1.46 -17.85 33.58
CA ARG C 315 -1.03 -18.21 34.92
C ARG C 315 -1.81 -19.43 35.38
N VAL C 316 -1.10 -20.44 35.87
CA VAL C 316 -1.74 -21.71 36.23
C VAL C 316 -1.51 -21.98 37.71
N LYS C 317 -2.34 -22.88 38.26
CA LYS C 317 -2.16 -23.31 39.64
C LYS C 317 -0.71 -23.69 39.90
N ASP C 318 -0.23 -23.41 41.12
CA ASP C 318 1.12 -23.75 41.50
C ASP C 318 1.37 -25.24 41.27
N GLY C 319 2.61 -25.59 40.93
CA GLY C 319 2.95 -26.96 40.65
C GLY C 319 2.51 -27.46 39.27
N PHE C 320 1.87 -26.62 38.48
CA PHE C 320 1.54 -26.96 37.10
C PHE C 320 2.36 -26.15 36.11
N GLY C 321 3.40 -25.46 36.59
CA GLY C 321 4.41 -24.91 35.72
C GLY C 321 5.74 -24.95 36.44
N MET C 322 6.80 -24.73 35.68
CA MET C 322 8.16 -24.86 36.20
C MET C 322 8.75 -23.54 36.64
N ASP C 323 7.96 -22.47 36.68
CA ASP C 323 8.54 -21.14 36.88
C ASP C 323 9.43 -21.07 38.13
N ASP C 324 8.90 -21.43 39.30
CA ASP C 324 9.75 -21.24 40.48
C ASP C 324 10.85 -22.29 40.64
N VAL C 325 10.83 -23.37 39.86
CA VAL C 325 11.96 -24.32 39.90
C VAL C 325 13.11 -23.79 39.06
N LEU C 326 12.83 -23.38 37.82
CA LEU C 326 13.89 -23.03 36.90
C LEU C 326 14.05 -21.52 36.70
N LEU C 327 12.94 -20.77 36.68
CA LEU C 327 13.04 -19.35 36.32
C LEU C 327 13.48 -18.48 37.48
N ARG C 328 13.04 -18.81 38.69
CA ARG C 328 13.30 -17.99 39.86
C ARG C 328 14.38 -18.62 40.73
N HIS C 329 15.23 -17.77 41.29
CA HIS C 329 16.33 -18.24 42.10
C HIS C 329 15.85 -18.62 43.51
N GLY C 330 16.57 -19.55 44.13
CA GLY C 330 16.20 -20.03 45.44
C GLY C 330 16.61 -21.47 45.67
N PRO C 331 16.15 -22.05 46.78
CA PRO C 331 16.51 -23.45 47.06
C PRO C 331 16.07 -24.45 45.99
N LYS C 332 14.83 -24.34 45.50
CA LYS C 332 14.33 -25.27 44.48
C LYS C 332 15.23 -25.26 43.25
N ARG C 333 15.65 -24.07 42.81
CA ARG C 333 16.53 -23.98 41.63
C ARG C 333 17.93 -24.49 41.93
N ASP C 334 18.51 -24.03 43.04
CA ASP C 334 19.85 -24.47 43.43
C ASP C 334 19.94 -25.98 43.54
N ALA C 335 18.92 -26.63 44.11
CA ALA C 335 18.91 -28.08 44.20
C ALA C 335 18.94 -28.69 42.81
N VAL C 336 18.02 -28.25 41.97
CA VAL C 336 17.84 -28.80 40.63
C VAL C 336 19.04 -28.46 39.75
N VAL C 337 19.70 -27.33 40.02
CA VAL C 337 20.98 -27.06 39.35
C VAL C 337 22.05 -28.03 39.82
N SER C 338 22.06 -28.34 41.13
CA SER C 338 23.08 -29.22 41.68
C SER C 338 23.00 -30.62 41.07
N ALA C 339 21.78 -31.16 40.96
CA ALA C 339 21.59 -32.45 40.33
C ALA C 339 22.12 -32.46 38.89
N TYR C 340 21.87 -31.41 38.13
CA TYR C 340 22.33 -31.38 36.74
C TYR C 340 23.85 -31.38 36.66
N ASN C 341 24.50 -30.56 37.49
CA ASN C 341 25.95 -30.45 37.42
C ASN C 341 26.66 -31.74 37.77
N LYS C 342 26.00 -32.65 38.49
CA LYS C 342 26.59 -33.90 38.93
C LYS C 342 26.30 -35.08 38.00
N ASN C 343 25.09 -35.18 37.49
CA ASN C 343 24.76 -36.28 36.60
C ASN C 343 23.90 -35.86 35.42
N ARG C 344 23.57 -34.57 35.28
CA ARG C 344 22.75 -34.06 34.19
C ARG C 344 21.37 -34.71 34.13
N SER C 345 20.79 -34.98 35.30
CA SER C 345 19.40 -35.35 35.44
C SER C 345 18.61 -34.13 35.90
N GLY C 346 17.30 -34.29 36.01
CA GLY C 346 16.46 -33.22 36.48
C GLY C 346 16.01 -32.29 35.36
N PRO C 347 15.20 -31.29 35.71
CA PRO C 347 14.56 -30.48 34.67
C PRO C 347 15.49 -29.49 33.99
N VAL C 348 16.64 -29.18 34.56
CA VAL C 348 17.63 -28.36 33.86
C VAL C 348 18.00 -28.97 32.51
N GLY C 349 17.83 -30.28 32.35
CA GLY C 349 18.03 -30.98 31.09
C GLY C 349 16.82 -31.06 30.19
N SER C 350 15.75 -30.33 30.50
CA SER C 350 14.54 -30.35 29.71
C SER C 350 14.48 -29.14 28.79
N GLY C 351 13.85 -29.32 27.63
CA GLY C 351 13.52 -28.26 26.70
C GLY C 351 12.19 -27.60 26.99
N LEU C 352 11.49 -28.09 28.02
CA LEU C 352 10.28 -27.50 28.58
C LEU C 352 9.09 -27.58 27.66
N LEU C 353 9.14 -28.43 26.63
CA LEU C 353 8.01 -28.62 25.72
C LEU C 353 7.88 -30.11 25.46
N GLU C 354 6.77 -30.69 25.94
CA GLU C 354 6.62 -32.16 25.95
C GLU C 354 5.36 -32.66 25.25
N LEU C 355 4.29 -31.87 25.25
CA LEU C 355 3.12 -32.15 24.43
C LEU C 355 2.97 -31.06 23.38
N VAL C 356 2.70 -31.47 22.14
CA VAL C 356 2.54 -30.56 21.00
C VAL C 356 1.31 -30.99 20.23
N GLY C 357 0.43 -30.03 19.94
CA GLY C 357 -0.80 -30.29 19.19
C GLY C 357 -0.66 -29.79 17.76
N PHE C 358 -1.23 -30.57 16.83
CA PHE C 358 -1.25 -30.23 15.41
C PHE C 358 -2.68 -30.33 14.89
N PRO C 359 -3.56 -29.41 15.28
CA PRO C 359 -4.96 -29.52 14.90
C PRO C 359 -5.26 -28.87 13.56
N ARG C 360 -6.41 -29.24 13.01
CA ARG C 360 -7.11 -28.43 12.03
C ARG C 360 -8.25 -27.73 12.76
N ILE C 361 -8.67 -26.57 12.24
CA ILE C 361 -9.69 -25.78 12.93
C ILE C 361 -10.81 -25.41 11.96
N ASP C 362 -11.09 -26.31 11.04
CA ASP C 362 -12.12 -26.08 10.04
C ASP C 362 -13.41 -25.56 10.64
N LYS C 363 -13.84 -26.14 11.77
CA LYS C 363 -15.15 -25.74 12.30
C LYS C 363 -15.13 -24.32 12.84
N TYR C 364 -13.97 -23.83 13.27
CA TYR C 364 -13.85 -22.43 13.67
C TYR C 364 -13.83 -21.51 12.45
N LEU C 365 -13.01 -21.87 11.44
CA LEU C 365 -12.93 -21.08 10.23
C LEU C 365 -14.28 -20.93 9.57
N GLU C 366 -15.09 -21.99 9.57
CA GLU C 366 -16.37 -21.96 8.86
C GLU C 366 -17.33 -20.95 9.45
N LYS C 367 -17.12 -20.54 10.71
CA LYS C 367 -18.00 -19.56 11.34
C LYS C 367 -17.73 -18.15 10.88
N ASP C 368 -16.63 -17.90 10.15
CA ASP C 368 -16.27 -16.56 9.74
C ASP C 368 -16.67 -16.34 8.29
N ALA C 369 -17.46 -15.29 8.06
CA ALA C 369 -18.03 -15.04 6.73
C ALA C 369 -16.94 -14.88 5.68
N GLU C 370 -15.86 -14.17 6.00
CA GLU C 370 -14.82 -13.96 5.03
C GLU C 370 -14.13 -15.27 4.67
N TYR C 371 -13.91 -16.14 5.65
CA TYR C 371 -13.35 -17.43 5.33
C TYR C 371 -14.24 -18.20 4.36
N ARG C 372 -15.56 -18.17 4.57
CA ARG C 372 -16.45 -18.93 3.69
C ARG C 372 -16.38 -18.40 2.27
N LYS C 373 -16.42 -17.09 2.12
CA LYS C 373 -16.28 -16.46 0.81
C LYS C 373 -14.97 -16.91 0.13
N ALA C 374 -13.87 -16.96 0.89
CA ALA C 374 -12.56 -17.30 0.31
C ALA C 374 -12.46 -18.77 -0.04
N LYS C 375 -13.01 -19.64 0.81
CA LYS C 375 -13.00 -21.07 0.51
C LYS C 375 -13.84 -21.36 -0.72
N ALA C 376 -15.05 -20.79 -0.77
CA ALA C 376 -15.87 -20.92 -1.96
C ALA C 376 -15.16 -20.34 -3.18
N ALA C 377 -14.49 -19.19 -3.01
CA ALA C 377 -13.79 -18.60 -4.14
C ALA C 377 -12.62 -19.47 -4.58
N ASN C 378 -12.14 -20.37 -3.73
CA ASN C 378 -11.10 -21.31 -4.11
C ASN C 378 -11.68 -22.64 -4.60
N GLY C 379 -12.89 -22.63 -5.14
CA GLY C 379 -13.49 -23.86 -5.63
C GLY C 379 -13.87 -24.85 -4.55
N GLY C 380 -14.16 -24.35 -3.33
CA GLY C 380 -14.57 -25.17 -2.22
C GLY C 380 -13.43 -25.81 -1.45
N LYS C 381 -12.19 -25.53 -1.80
CA LYS C 381 -11.01 -26.08 -1.15
C LYS C 381 -10.50 -25.12 -0.09
N ASP C 382 -10.21 -25.67 1.09
CA ASP C 382 -9.60 -24.90 2.16
C ASP C 382 -8.33 -24.22 1.66
N PRO C 383 -8.25 -22.88 1.72
CA PRO C 383 -7.04 -22.22 1.19
C PRO C 383 -5.78 -22.54 1.96
N PHE C 384 -5.88 -22.81 3.25
CA PHE C 384 -4.68 -23.00 4.04
C PHE C 384 -4.05 -24.36 3.79
N SER C 385 -4.83 -25.42 3.94
CA SER C 385 -4.34 -26.79 3.88
C SER C 385 -5.31 -27.62 3.07
N PRO C 386 -5.31 -27.46 1.74
CA PRO C 386 -6.30 -28.17 0.92
C PRO C 386 -6.11 -29.66 0.91
N LEU C 387 -4.93 -30.16 1.29
CA LEU C 387 -4.63 -31.58 1.20
C LEU C 387 -4.60 -32.26 2.58
N GLY C 388 -5.35 -31.71 3.54
CA GLY C 388 -5.58 -32.29 4.85
C GLY C 388 -4.51 -32.04 5.91
N GLN C 389 -3.43 -31.30 5.59
CA GLN C 389 -2.38 -31.06 6.58
C GLN C 389 -2.91 -30.23 7.75
N PRO C 390 -2.17 -30.16 8.86
CA PRO C 390 -2.63 -29.32 9.98
C PRO C 390 -2.73 -27.85 9.61
N HIS C 391 -3.50 -27.12 10.41
CA HIS C 391 -3.53 -25.66 10.33
C HIS C 391 -2.54 -25.03 11.30
N PHE C 392 -2.37 -25.63 12.49
CA PHE C 392 -1.53 -25.09 13.54
C PHE C 392 -0.56 -26.12 14.11
N GLU C 393 0.54 -25.60 14.66
CA GLU C 393 1.34 -26.28 15.65
C GLU C 393 1.18 -25.52 16.96
N LEU C 394 0.63 -26.17 17.98
CA LEU C 394 0.45 -25.56 19.28
C LEU C 394 1.48 -26.12 20.23
N ASP C 395 2.44 -25.28 20.61
CA ASP C 395 3.46 -25.66 21.58
C ASP C 395 2.97 -25.28 22.96
N PHE C 396 2.86 -26.29 23.84
CA PHE C 396 2.45 -26.07 25.24
C PHE C 396 3.70 -26.08 26.10
N VAL C 397 4.33 -24.92 26.19
CA VAL C 397 5.55 -24.72 26.97
C VAL C 397 5.16 -24.55 28.44
N CYS C 398 5.72 -25.38 29.31
CA CYS C 398 5.23 -25.46 30.67
C CYS C 398 5.96 -24.51 31.62
N MET C 399 6.06 -23.25 31.20
CA MET C 399 6.75 -22.19 31.93
C MET C 399 6.54 -20.89 31.18
N PHE C 400 6.74 -19.75 31.85
CA PHE C 400 6.81 -18.48 31.14
C PHE C 400 8.04 -18.48 30.24
N GLY C 401 7.82 -18.27 28.93
CA GLY C 401 8.92 -18.24 27.97
C GLY C 401 9.26 -16.85 27.45
N THR C 402 10.35 -16.29 27.97
CA THR C 402 10.75 -14.94 27.58
C THR C 402 10.96 -14.81 26.09
N ALA C 403 11.38 -15.90 25.43
CA ALA C 403 11.61 -15.90 23.99
C ALA C 403 10.32 -15.83 23.19
N PHE C 404 9.16 -15.88 23.84
CA PHE C 404 7.87 -15.78 23.18
C PHE C 404 7.04 -14.63 23.73
N GLN C 405 7.62 -13.76 24.55
CA GLN C 405 6.92 -12.59 25.07
C GLN C 405 7.89 -11.41 24.94
N TRP C 406 8.02 -10.89 23.72
CA TRP C 406 9.06 -9.92 23.40
C TRP C 406 8.85 -8.53 24.04
N HIS C 407 7.64 -8.19 24.49
CA HIS C 407 7.37 -6.84 25.00
C HIS C 407 6.75 -6.85 26.38
N PHE C 408 6.62 -8.00 27.01
CA PHE C 408 6.12 -8.03 28.37
C PHE C 408 7.24 -8.46 29.32
N PRO C 409 7.26 -7.93 30.54
CA PRO C 409 8.25 -8.38 31.53
C PRO C 409 7.90 -9.75 32.07
N THR C 410 8.92 -10.43 32.61
CA THR C 410 8.67 -11.70 33.30
C THR C 410 7.78 -11.47 34.50
N PRO C 411 6.70 -12.23 34.66
CA PRO C 411 5.87 -12.11 35.87
C PRO C 411 6.72 -12.41 37.10
N LYS C 412 6.57 -11.60 38.12
CA LYS C 412 7.44 -11.78 39.28
C LYS C 412 6.97 -12.93 40.19
N THR C 413 5.72 -13.38 40.07
CA THR C 413 5.22 -14.49 40.88
C THR C 413 4.54 -15.50 39.97
N GLY C 414 4.34 -16.69 40.51
CA GLY C 414 3.40 -17.63 39.94
C GLY C 414 4.01 -18.59 38.93
N ASP C 415 3.28 -19.66 38.66
CA ASP C 415 3.61 -20.60 37.59
C ASP C 415 2.75 -20.32 36.36
N HIS C 416 3.33 -20.49 35.19
CA HIS C 416 2.64 -20.13 33.96
C HIS C 416 2.78 -21.22 32.92
N LEU C 417 1.86 -21.19 31.94
CA LEU C 417 1.95 -21.94 30.69
C LEU C 417 2.03 -20.97 29.53
N THR C 418 3.05 -21.12 28.68
CA THR C 418 3.21 -20.36 27.45
C THR C 418 2.74 -21.22 26.28
N VAL C 419 1.68 -20.78 25.61
CA VAL C 419 1.15 -21.47 24.43
C VAL C 419 1.60 -20.72 23.19
N VAL C 420 2.38 -21.35 22.33
CA VAL C 420 2.82 -20.72 21.10
C VAL C 420 1.88 -21.21 20.01
N VAL C 421 0.94 -20.35 19.60
CA VAL C 421 -0.01 -20.64 18.53
C VAL C 421 0.66 -20.30 17.20
N ASP C 422 1.09 -21.33 16.53
CA ASP C 422 1.98 -21.21 15.38
C ASP C 422 1.16 -21.54 14.14
N LEU C 423 0.84 -20.50 13.34
CA LEU C 423 0.13 -20.71 12.09
C LEU C 423 1.11 -21.37 11.14
N VAL C 424 0.87 -22.66 10.90
CA VAL C 424 1.86 -23.48 10.25
C VAL C 424 1.62 -23.59 8.74
N ARG C 425 0.43 -23.23 8.26
CA ARG C 425 0.10 -23.24 6.84
C ARG C 425 -0.47 -21.89 6.43
N PRO C 426 0.32 -20.81 6.51
CA PRO C 426 -0.19 -19.51 6.09
C PRO C 426 -0.35 -19.45 4.58
N ILE C 427 -1.15 -18.47 4.12
CA ILE C 427 -1.28 -18.21 2.70
C ILE C 427 -0.78 -16.84 2.30
N SER C 428 -0.26 -16.04 3.24
CA SER C 428 0.29 -14.74 2.89
C SER C 428 1.46 -14.89 1.92
N ASP C 429 1.57 -13.96 0.99
CA ASP C 429 2.71 -13.92 0.09
C ASP C 429 4.01 -13.85 0.87
N PRO C 430 5.11 -14.32 0.29
CA PRO C 430 6.40 -14.29 0.98
C PRO C 430 6.96 -12.87 1.08
N GLY C 431 7.94 -12.73 1.96
CA GLY C 431 8.77 -11.54 2.06
C GLY C 431 10.03 -11.65 1.22
N GLU C 432 11.08 -10.94 1.64
CA GLU C 432 12.31 -10.85 0.87
C GLU C 432 13.49 -10.51 1.76
N VAL C 433 14.68 -10.94 1.32
CA VAL C 433 15.95 -10.54 1.92
C VAL C 433 16.68 -9.65 0.93
N THR C 434 16.88 -8.39 1.28
CA THR C 434 17.54 -7.48 0.35
C THR C 434 18.82 -6.95 0.97
N LEU C 435 19.68 -6.41 0.12
CA LEU C 435 20.92 -5.79 0.61
C LEU C 435 20.60 -4.44 1.21
N ASN C 436 21.22 -4.17 2.36
CA ASN C 436 21.24 -2.80 2.86
C ASN C 436 22.39 -2.02 2.23
N SER C 437 23.46 -2.70 1.84
CA SER C 437 24.65 -2.07 1.26
C SER C 437 25.52 -3.18 0.71
N ALA C 438 26.69 -2.80 0.19
CA ALA C 438 27.68 -3.75 -0.28
C ALA C 438 28.63 -4.20 0.81
N ASP C 439 28.40 -3.79 2.06
CA ASP C 439 29.30 -4.12 3.16
C ASP C 439 29.04 -5.55 3.63
N PRO C 440 29.99 -6.46 3.49
CA PRO C 440 29.73 -7.83 3.92
C PRO C 440 29.52 -7.98 5.40
N PHE C 441 29.81 -6.96 6.20
CA PHE C 441 29.70 -7.06 7.65
C PHE C 441 28.39 -6.48 8.20
N GLN C 442 27.54 -5.95 7.33
CA GLN C 442 26.23 -5.44 7.69
C GLN C 442 25.16 -6.49 7.43
N GLN C 443 24.19 -6.56 8.34
CA GLN C 443 23.12 -7.52 8.15
C GLN C 443 22.31 -7.15 6.91
N PRO C 444 21.70 -8.12 6.25
CA PRO C 444 20.77 -7.80 5.18
C PRO C 444 19.49 -7.20 5.75
N ASN C 445 18.74 -6.55 4.88
CA ASN C 445 17.40 -6.08 5.22
C ASN C 445 16.45 -7.26 5.09
N ILE C 446 15.58 -7.43 6.08
CA ILE C 446 14.79 -8.64 6.24
C ILE C 446 13.35 -8.25 6.46
N ASN C 447 12.47 -8.68 5.57
CA ASN C 447 11.04 -8.45 5.74
C ASN C 447 10.33 -9.79 5.66
N LEU C 448 9.78 -10.24 6.79
CA LEU C 448 9.08 -11.51 6.85
C LEU C 448 7.68 -11.42 6.27
N ASN C 449 7.12 -10.22 6.19
CA ASN C 449 5.82 -9.98 5.54
C ASN C 449 4.73 -10.89 6.10
N PHE C 450 4.71 -11.03 7.43
CA PHE C 450 3.65 -11.80 8.08
C PHE C 450 2.30 -11.12 7.88
N PHE C 451 1.27 -11.93 7.65
CA PHE C 451 -0.12 -11.46 7.65
C PHE C 451 -0.42 -10.48 6.52
N ALA C 452 0.34 -10.52 5.43
CA ALA C 452 -0.03 -9.73 4.26
C ALA C 452 -1.48 -10.03 3.84
N ASN C 453 -1.89 -11.29 3.91
CA ASN C 453 -3.25 -11.68 3.56
C ASN C 453 -4.09 -11.69 4.84
N ASP C 454 -5.19 -10.91 4.84
CA ASP C 454 -6.08 -10.85 5.99
C ASP C 454 -6.52 -12.23 6.46
N LEU C 455 -6.62 -13.21 5.55
CA LEU C 455 -7.09 -14.53 5.96
C LEU C 455 -6.18 -15.17 7.00
N ASP C 456 -4.87 -14.88 6.94
CA ASP C 456 -3.97 -15.38 7.97
C ASP C 456 -4.35 -14.82 9.33
N ILE C 457 -4.78 -13.55 9.37
CA ILE C 457 -5.24 -12.96 10.65
C ILE C 457 -6.45 -13.71 11.17
N ILE C 458 -7.38 -14.08 10.27
CA ILE C 458 -8.56 -14.82 10.67
C ILE C 458 -8.19 -16.20 11.20
N ALA C 459 -7.31 -16.90 10.47
CA ALA C 459 -6.85 -18.22 10.90
C ALA C 459 -6.18 -18.16 12.26
N MET C 460 -5.21 -17.25 12.42
CA MET C 460 -4.51 -17.12 13.69
C MET C 460 -5.47 -16.75 14.82
N ARG C 461 -6.40 -15.82 14.57
CA ARG C 461 -7.41 -15.50 15.56
C ARG C 461 -8.16 -16.75 16.03
N GLU C 462 -8.60 -17.58 15.08
CA GLU C 462 -9.36 -18.75 15.48
C GLU C 462 -8.47 -19.83 16.09
N GLY C 463 -7.19 -19.88 15.72
CA GLY C 463 -6.28 -20.78 16.41
C GLY C 463 -6.12 -20.39 17.87
N ILE C 464 -6.19 -19.09 18.15
CA ILE C 464 -6.18 -18.66 19.53
C ILE C 464 -7.47 -19.05 20.21
N ARG C 465 -8.59 -18.90 19.50
CA ARG C 465 -9.87 -19.23 20.11
C ARG C 465 -9.92 -20.71 20.46
N PHE C 466 -9.51 -21.57 19.51
CA PHE C 466 -9.37 -22.99 19.77
C PHE C 466 -8.51 -23.24 21.01
N SER C 467 -7.30 -22.67 21.03
CA SER C 467 -6.40 -22.89 22.16
C SER C 467 -7.04 -22.40 23.46
N TYR C 468 -7.76 -21.27 23.43
CA TYR C 468 -8.45 -20.81 24.62
C TYR C 468 -9.58 -21.75 25.00
N ASP C 469 -10.39 -22.16 24.00
CA ASP C 469 -11.40 -23.17 24.23
C ASP C 469 -10.81 -24.43 24.83
N LEU C 470 -9.62 -24.82 24.38
CA LEU C 470 -8.97 -26.01 24.89
C LEU C 470 -8.60 -25.86 26.37
N LEU C 471 -7.97 -24.74 26.73
CA LEU C 471 -7.44 -24.61 28.07
C LEU C 471 -8.46 -24.10 29.07
N PHE C 472 -9.50 -23.41 28.60
CA PHE C 472 -10.51 -22.86 29.48
C PHE C 472 -11.75 -23.71 29.62
N LYS C 473 -12.09 -24.53 28.62
CA LYS C 473 -13.28 -25.35 28.73
C LYS C 473 -13.02 -26.85 28.86
N GLY C 474 -11.92 -27.36 28.32
CA GLY C 474 -11.66 -28.78 28.36
C GLY C 474 -11.51 -29.32 29.78
N GLU C 475 -11.63 -30.64 29.92
CA GLU C 475 -11.75 -31.17 31.26
C GLU C 475 -10.39 -31.26 31.95
N GLY C 476 -10.44 -31.16 33.27
CA GLY C 476 -9.24 -31.11 34.08
C GLY C 476 -8.47 -29.81 34.00
N PHE C 477 -8.05 -29.44 32.78
CA PHE C 477 -7.20 -28.27 32.64
C PHE C 477 -7.97 -27.00 32.99
N LYS C 478 -9.26 -26.93 32.65
CA LYS C 478 -10.05 -25.76 32.95
C LYS C 478 -9.94 -25.36 34.43
N ASP C 479 -9.79 -26.35 35.30
CA ASP C 479 -9.62 -26.08 36.73
C ASP C 479 -8.24 -25.52 37.05
N LEU C 480 -7.26 -25.59 36.12
CA LEU C 480 -5.90 -25.15 36.41
C LEU C 480 -5.64 -23.69 36.09
N VAL C 481 -6.49 -23.04 35.29
CA VAL C 481 -6.19 -21.69 34.82
C VAL C 481 -6.60 -20.66 35.87
N GLU C 482 -5.63 -19.87 36.34
CA GLU C 482 -5.91 -18.77 37.25
C GLU C 482 -6.23 -17.46 36.52
N SER C 483 -5.35 -17.00 35.63
CA SER C 483 -5.59 -15.72 34.97
C SER C 483 -4.78 -15.63 33.69
N GLU C 484 -5.09 -14.60 32.90
CA GLU C 484 -4.36 -14.31 31.67
C GLU C 484 -3.28 -13.28 31.93
N TYR C 485 -2.15 -13.46 31.25
CA TYR C 485 -1.05 -12.53 31.39
C TYR C 485 -0.67 -11.97 30.03
N PRO C 486 -0.40 -10.64 29.90
CA PRO C 486 -0.45 -9.62 30.95
C PRO C 486 -1.82 -8.95 31.08
N TRP C 487 -2.75 -9.30 30.18
CA TRP C 487 -4.12 -8.83 30.24
C TRP C 487 -4.97 -9.80 29.43
N GLU C 488 -6.28 -9.51 29.34
CA GLU C 488 -7.21 -10.41 28.68
C GLU C 488 -7.00 -10.43 27.16
N MET C 489 -7.08 -11.63 26.57
CA MET C 489 -7.07 -11.76 25.12
C MET C 489 -8.44 -11.38 24.58
N PRO C 490 -8.55 -10.34 23.76
CA PRO C 490 -9.88 -9.75 23.44
C PRO C 490 -10.65 -10.61 22.43
N LEU C 491 -10.85 -11.86 22.78
CA LEU C 491 -11.45 -12.84 21.89
C LEU C 491 -12.90 -12.51 21.56
N ASP C 492 -13.53 -11.59 22.28
CA ASP C 492 -14.91 -11.21 22.04
C ASP C 492 -15.08 -10.17 20.95
N SER C 493 -13.99 -9.65 20.39
CA SER C 493 -14.06 -8.59 19.40
C SER C 493 -13.15 -8.93 18.24
N ASP C 494 -13.74 -9.12 17.05
CA ASP C 494 -12.95 -9.41 15.86
C ASP C 494 -11.97 -8.29 15.57
N LYS C 495 -12.42 -7.04 15.70
CA LYS C 495 -11.57 -5.89 15.40
C LYS C 495 -10.39 -5.80 16.37
N GLU C 496 -10.63 -6.08 17.66
CA GLU C 496 -9.51 -6.04 18.60
C GLU C 496 -8.54 -7.20 18.35
N MET C 497 -9.06 -8.37 17.99
CA MET C 497 -8.19 -9.50 17.66
C MET C 497 -7.33 -9.17 16.45
N HIS C 498 -7.91 -8.47 15.47
CA HIS C 498 -7.14 -7.97 14.36
C HIS C 498 -5.89 -7.25 14.84
N ARG C 499 -6.08 -6.28 15.74
CA ARG C 499 -4.96 -5.54 16.29
C ARG C 499 -4.07 -6.43 17.15
N ALA C 500 -4.68 -7.29 17.96
CA ALA C 500 -3.93 -8.16 18.85
C ALA C 500 -3.02 -9.11 18.08
N VAL C 501 -3.52 -9.70 16.99
CA VAL C 501 -2.69 -10.62 16.22
C VAL C 501 -1.50 -9.87 15.61
N LEU C 502 -1.76 -8.73 14.96
CA LEU C 502 -0.65 -8.00 14.35
C LEU C 502 0.36 -7.52 15.40
N ASP C 503 -0.12 -7.03 16.54
CA ASP C 503 0.78 -6.40 17.51
C ASP C 503 1.50 -7.40 18.42
N ARG C 504 1.00 -8.63 18.59
CA ARG C 504 1.65 -9.57 19.47
C ARG C 504 2.34 -10.71 18.74
N CYS C 505 2.15 -10.83 17.43
CA CYS C 505 2.75 -11.94 16.70
C CYS C 505 4.26 -11.81 16.70
N GLN C 506 4.91 -12.91 16.35
CA GLN C 506 6.36 -12.93 16.22
C GLN C 506 6.71 -14.06 15.27
N THR C 507 8.00 -14.14 14.90
CA THR C 507 8.45 -15.28 14.14
C THR C 507 8.37 -16.56 14.98
N ALA C 508 7.94 -17.65 14.35
CA ALA C 508 8.08 -18.96 14.98
C ALA C 508 9.47 -19.51 14.83
N PHE C 509 10.38 -18.70 14.29
CA PHE C 509 11.79 -19.03 14.11
C PHE C 509 12.01 -20.07 13.01
N HIS C 510 11.17 -20.07 11.97
CA HIS C 510 11.35 -21.05 10.90
C HIS C 510 11.53 -20.42 9.50
N PRO C 511 12.34 -19.38 9.32
CA PRO C 511 12.42 -18.75 8.00
C PRO C 511 13.05 -19.67 6.97
N THR C 512 12.54 -19.59 5.73
CA THR C 512 12.97 -20.49 4.66
C THR C 512 12.95 -19.76 3.34
N GLY C 513 13.56 -20.38 2.32
CA GLY C 513 13.12 -20.22 0.95
C GLY C 513 13.87 -19.23 0.09
N THR C 514 14.90 -18.56 0.61
CA THR C 514 15.51 -17.43 -0.09
C THR C 514 16.44 -17.83 -1.21
N ALA C 515 16.74 -19.11 -1.40
CA ALA C 515 17.58 -19.57 -2.51
C ALA C 515 17.02 -20.88 -3.06
N ARG C 516 15.72 -20.91 -3.34
CA ARG C 516 14.97 -22.16 -3.35
C ARG C 516 15.36 -23.08 -4.51
N LEU C 517 15.23 -24.38 -4.25
CA LEU C 517 15.37 -25.38 -5.30
C LEU C 517 14.23 -25.22 -6.30
N SER C 518 14.51 -25.56 -7.54
CA SER C 518 13.66 -25.22 -8.66
C SER C 518 14.19 -25.95 -9.88
N LYS C 519 13.41 -25.91 -10.96
CA LYS C 519 13.82 -26.58 -12.19
C LYS C 519 14.61 -25.67 -13.13
N ASN C 520 14.58 -24.37 -12.92
CA ASN C 520 15.27 -23.42 -13.80
C ASN C 520 15.42 -22.12 -13.05
N ILE C 521 16.27 -21.24 -13.57
CA ILE C 521 16.59 -20.01 -12.86
C ILE C 521 15.42 -19.02 -12.86
N ASP C 522 14.45 -19.18 -13.75
CA ASP C 522 13.26 -18.34 -13.67
C ASP C 522 12.30 -18.79 -12.58
N GLN C 523 12.49 -19.98 -12.02
CA GLN C 523 11.66 -20.46 -10.92
C GLN C 523 12.32 -20.31 -9.56
N GLY C 524 13.64 -20.49 -9.48
CA GLY C 524 14.35 -20.40 -8.22
C GLY C 524 15.83 -20.22 -8.49
N VAL C 525 16.65 -20.42 -7.46
CA VAL C 525 18.07 -20.11 -7.61
C VAL C 525 18.98 -21.35 -7.65
N VAL C 526 18.57 -22.50 -7.11
CA VAL C 526 19.35 -23.72 -7.31
C VAL C 526 18.46 -24.82 -7.91
N ASP C 527 19.12 -25.80 -8.57
CA ASP C 527 18.43 -26.88 -9.30
C ASP C 527 18.22 -28.09 -8.40
N PRO C 528 17.57 -29.18 -8.86
CA PRO C 528 17.31 -30.30 -7.94
C PRO C 528 18.56 -30.92 -7.35
N LYS C 529 19.72 -30.72 -7.97
CA LYS C 529 20.97 -31.14 -7.38
C LYS C 529 21.56 -30.09 -6.45
N LEU C 530 20.80 -29.02 -6.17
CA LEU C 530 21.18 -27.92 -5.30
C LEU C 530 22.36 -27.12 -5.86
N LYS C 531 22.60 -27.23 -7.17
CA LYS C 531 23.60 -26.41 -7.86
C LYS C 531 23.02 -25.05 -8.22
N VAL C 532 23.80 -24.00 -8.00
CA VAL C 532 23.35 -22.65 -8.30
C VAL C 532 23.19 -22.48 -9.81
N HIS C 533 21.98 -22.09 -10.24
CA HIS C 533 21.74 -21.88 -11.67
C HIS C 533 22.72 -20.85 -12.21
N GLY C 534 23.48 -21.21 -13.23
CA GLY C 534 24.42 -20.30 -13.86
C GLY C 534 25.83 -20.30 -13.31
N ILE C 535 26.10 -21.09 -12.28
CA ILE C 535 27.42 -21.16 -11.67
C ILE C 535 27.82 -22.61 -11.52
N LYS C 536 29.08 -22.91 -11.86
CA LYS C 536 29.60 -24.25 -11.65
C LYS C 536 30.31 -24.36 -10.30
N LYS C 537 30.24 -25.56 -9.71
CA LYS C 537 30.96 -25.90 -8.47
C LYS C 537 30.49 -25.09 -7.26
N LEU C 538 29.21 -24.69 -7.25
CA LEU C 538 28.63 -23.95 -6.14
C LEU C 538 27.26 -24.54 -5.81
N ARG C 539 27.11 -25.06 -4.59
CA ARG C 539 25.85 -25.60 -4.11
C ARG C 539 25.39 -24.82 -2.89
N VAL C 540 24.09 -24.86 -2.65
CA VAL C 540 23.50 -24.27 -1.44
C VAL C 540 22.79 -25.37 -0.67
N ALA C 541 23.06 -25.46 0.64
CA ALA C 541 22.43 -26.43 1.53
C ALA C 541 22.14 -25.75 2.86
N ASP C 542 20.92 -25.26 3.02
CA ASP C 542 20.39 -24.71 4.28
C ASP C 542 18.89 -24.48 4.08
N ALA C 543 18.25 -23.83 5.06
CA ALA C 543 16.80 -23.61 4.99
C ALA C 543 16.39 -22.74 3.80
N SER C 544 17.34 -22.03 3.19
CA SER C 544 17.02 -21.16 2.06
C SER C 544 16.65 -21.94 0.83
N VAL C 545 16.94 -23.24 0.81
CA VAL C 545 16.64 -24.07 -0.34
C VAL C 545 15.19 -24.57 -0.31
N ILE C 546 14.57 -24.59 0.86
CA ILE C 546 13.23 -25.15 1.08
C ILE C 546 12.18 -24.41 0.24
N PRO C 547 11.52 -25.06 -0.72
CA PRO C 547 10.63 -24.30 -1.61
C PRO C 547 9.23 -24.11 -1.03
N ILE C 548 8.81 -25.01 -0.13
CA ILE C 548 7.52 -24.90 0.56
C ILE C 548 7.75 -25.27 2.02
N ILE C 549 7.40 -24.36 2.93
CA ILE C 549 7.77 -24.53 4.33
C ILE C 549 6.98 -25.69 4.95
N PRO C 550 7.62 -26.60 5.67
CA PRO C 550 6.91 -27.70 6.34
C PRO C 550 5.84 -27.21 7.31
N ASP C 551 5.01 -28.17 7.74
CA ASP C 551 3.81 -27.95 8.54
C ASP C 551 4.09 -27.98 10.04
N CYS C 552 5.29 -27.59 10.45
CA CYS C 552 5.75 -27.80 11.80
C CYS C 552 7.12 -27.17 11.90
N LYS C 553 7.77 -27.27 13.06
CA LYS C 553 9.15 -26.85 13.17
C LYS C 553 10.01 -27.56 12.13
N ILE C 554 11.06 -26.91 11.66
CA ILE C 554 11.66 -27.22 10.36
C ILE C 554 13.08 -27.78 10.45
N GLN C 555 13.66 -27.94 11.64
CA GLN C 555 15.06 -28.38 11.72
C GLN C 555 15.23 -29.78 11.14
N ASN C 556 14.20 -30.62 11.23
CA ASN C 556 14.27 -31.97 10.68
C ASN C 556 14.48 -31.91 9.17
N SER C 557 13.68 -31.07 8.49
CA SER C 557 13.85 -30.90 7.05
C SER C 557 15.20 -30.29 6.70
N VAL C 558 15.74 -29.44 7.57
CA VAL C 558 17.03 -28.80 7.25
C VAL C 558 18.14 -29.85 7.24
N TYR C 559 18.15 -30.75 8.23
CA TYR C 559 19.09 -31.88 8.20
C TYR C 559 18.88 -32.73 6.95
N ALA C 560 17.61 -33.00 6.60
CA ALA C 560 17.37 -33.80 5.41
C ALA C 560 17.95 -33.12 4.17
N VAL C 561 17.85 -31.79 4.08
CA VAL C 561 18.45 -31.10 2.93
C VAL C 561 19.96 -31.31 2.92
N GLY C 562 20.59 -31.21 4.10
CA GLY C 562 22.03 -31.41 4.17
C GLY C 562 22.45 -32.80 3.76
N GLU C 563 21.73 -33.84 4.23
CA GLU C 563 22.07 -35.21 3.87
C GLU C 563 21.97 -35.44 2.37
N LYS C 564 20.87 -34.99 1.77
CA LYS C 564 20.65 -35.21 0.34
C LYS C 564 21.68 -34.44 -0.49
N CYS C 565 22.02 -33.22 -0.08
CA CYS C 565 23.10 -32.49 -0.74
C CYS C 565 24.38 -33.32 -0.74
N ALA C 566 24.71 -33.91 0.41
CA ALA C 566 25.91 -34.72 0.53
C ALA C 566 25.87 -35.93 -0.41
N ASP C 567 24.73 -36.63 -0.47
CA ASP C 567 24.62 -37.78 -1.36
C ASP C 567 24.87 -37.38 -2.81
N MET C 568 24.17 -36.32 -3.27
CA MET C 568 24.28 -35.91 -4.66
C MET C 568 25.71 -35.47 -5.00
N ILE C 569 26.44 -34.94 -4.03
CA ILE C 569 27.85 -34.65 -4.26
C ILE C 569 28.63 -35.95 -4.44
N LYS C 570 28.39 -36.91 -3.55
CA LYS C 570 29.07 -38.20 -3.64
C LYS C 570 28.75 -38.90 -4.96
N ALA C 571 27.49 -38.83 -5.40
CA ALA C 571 27.09 -39.51 -6.62
C ALA C 571 27.76 -38.89 -7.86
N GLU C 572 28.11 -37.61 -7.82
CA GLU C 572 28.73 -36.97 -8.97
C GLU C 572 30.22 -37.27 -9.02
N HIS C 573 30.85 -37.35 -7.85
CA HIS C 573 32.28 -37.61 -7.74
C HIS C 573 32.47 -39.10 -7.46
N LYS C 574 32.23 -39.89 -8.50
CA LYS C 574 32.34 -41.34 -8.40
C LYS C 574 33.78 -41.75 -8.06
N ASP C 575 34.75 -40.94 -8.50
CA ASP C 575 36.15 -41.22 -8.21
C ASP C 575 36.51 -41.03 -6.73
N LEU C 576 35.66 -40.41 -5.93
CA LEU C 576 35.94 -40.28 -4.50
C LEU C 576 35.01 -41.08 -3.61
N TYR C 577 33.85 -41.51 -4.12
CA TYR C 577 32.87 -42.23 -3.32
C TYR C 577 32.32 -43.44 -4.10
P FAY D . -13.74 -0.14 -23.95
N1 FAY D . -19.72 2.63 -30.76
C2 FAY D . -20.85 2.08 -31.36
O2 FAY D . -20.85 0.92 -31.77
N3 FAY D . -22.00 2.83 -31.44
C4 FAY D . -21.98 4.19 -31.25
O4 FAY D . -22.84 4.89 -31.77
N5 FAY D . -20.61 6.08 -30.65
C6 FAY D . -19.63 7.92 -29.48
C7 FAY D . -18.79 8.41 -28.50
C8 FAY D . -17.82 7.57 -27.95
O8 FAY D . -16.21 7.31 -26.25
C9 FAY D . -17.91 6.19 -28.18
PA FAY D . -14.27 2.04 -22.25
C1' FAY D . -17.51 3.51 -29.48
C10 FAY D . -19.84 3.87 -30.21
N10 FAY D . -18.72 4.39 -29.59
N1A FAY D . -8.26 4.65 -13.40
O1A FAY D . -13.96 3.49 -22.39
C1B FAY D . -12.01 3.39 -16.91
O1P FAY D . -14.26 -1.13 -22.95
C2' FAY D . -17.63 2.65 -28.21
O2' FAY D . -18.43 3.27 -27.22
C2A FAY D . -9.47 4.07 -13.14
O2A FAY D . -15.72 1.72 -22.52
C2B FAY D . -12.89 4.41 -17.61
O2B FAY D . -13.55 5.30 -16.71
O2P FAY D . -12.60 -0.60 -24.84
C3' FAY D . -16.26 2.38 -27.61
O3' FAY D . -15.32 1.92 -28.58
N3A FAY D . -10.37 3.79 -14.17
C3B FAY D . -13.84 3.51 -18.37
O3B FAY D . -14.84 3.14 -17.47
O3P FAY D . -13.30 1.23 -23.23
C4' FAY D . -16.35 1.36 -26.48
O4' FAY D . -17.30 1.79 -25.51
C4A FAY D . -10.03 4.10 -15.44
C4B FAY D . -13.03 2.24 -18.63
O4B FAY D . -11.85 2.36 -17.87
C4X FAY D . -20.86 4.73 -30.59
C5' FAY D . -14.96 1.21 -25.90
O5' FAY D . -14.98 0.20 -24.91
C5A FAY D . -8.80 4.70 -15.72
C5B FAY D . -12.71 1.99 -20.09
O5B FAY D . -13.88 1.56 -20.75
C5X FAY D . -19.58 6.58 -29.88
C6A FAY D . -7.91 4.98 -14.70
N6A FAY D . -6.86 5.77 -14.96
N7A FAY D . -8.73 4.89 -17.04
C7M FAY D . -18.86 9.90 -28.22
C8A FAY D . -9.86 4.45 -17.63
C8M FAY D . -17.04 8.04 -26.79
C9A FAY D . -18.76 5.70 -29.17
N9A FAY D . -10.68 3.95 -16.66
C1 MPD E . -22.27 21.56 -55.43
C2 MPD E . -23.64 21.45 -54.75
O2 MPD E . -23.47 21.18 -53.34
CM MPD E . -24.32 22.80 -54.86
C3 MPD E . -24.62 20.44 -55.36
C4 MPD E . -24.10 19.02 -55.63
O4 MPD E . -25.20 18.16 -55.72
C5 MPD E . -23.15 18.45 -54.59
C1 MPD F . -3.88 -17.32 -2.13
C2 MPD F . -5.04 -18.31 -2.22
O2 MPD F . -4.88 -19.08 -3.44
CM MPD F . -4.98 -19.26 -1.03
C3 MPD F . -6.39 -17.57 -2.26
C4 MPD F . -6.88 -16.92 -0.95
O4 MPD F . -6.97 -15.49 -1.04
C5 MPD F . -8.23 -17.52 -0.55
C1 MPD G . 0.37 13.34 -8.50
C2 MPD G . 0.93 12.19 -9.32
O2 MPD G . 0.06 12.37 -10.46
CM MPD G . 2.35 12.38 -9.84
C3 MPD G . 0.47 10.84 -8.70
C4 MPD G . 1.31 9.63 -8.24
O4 MPD G . 0.43 8.53 -8.21
C5 MPD G . 2.62 9.17 -8.92
C ACT H . -5.84 10.80 -16.72
O ACT H . -5.40 9.99 -15.85
OXT ACT H . -5.77 10.69 -17.97
CH3 ACT H . -6.57 12.11 -16.14
P FAY I . 1.59 23.46 11.29
N1 FAY I . 0.75 21.50 20.60
C2 FAY I . 0.31 22.34 21.59
O2 FAY I . 0.93 23.38 21.82
N3 FAY I . -0.47 21.82 22.59
C4 FAY I . -1.10 20.61 22.40
O4 FAY I . -1.84 20.24 23.31
N5 FAY I . -1.28 18.55 21.12
C6 FAY I . -1.31 16.51 19.86
C7 FAY I . -1.47 15.97 18.58
C8 FAY I . -0.98 16.69 17.47
O8 FAY I . -0.52 16.56 15.16
C9 FAY I . -0.27 17.88 17.67
PA FAY I . -0.32 21.63 10.43
C1' FAY I . 1.29 20.30 18.20
C10 FAY I . -0.01 20.39 20.31
N10 FAY I . 0.30 19.70 19.16
N1A FAY I . -1.74 18.52 -0.01
O1A FAY I . -0.36 20.12 10.51
C1B FAY I . -2.12 20.18 4.97
O1P FAY I . 0.99 24.63 10.55
C2' FAY I . 0.63 21.35 17.30
O2' FAY I . -0.72 21.06 17.03
C2A FAY I . -2.68 19.38 0.55
O2A FAY I . -1.13 22.30 11.50
C2B FAY I . -2.60 19.39 6.17
O2B FAY I . -3.83 18.74 5.90
O2P FAY I . 3.09 23.53 11.40
C3' FAY I . 1.38 21.36 15.98
O3' FAY I . 2.75 21.42 16.27
N3A FAY I . -2.64 19.71 1.89
C3B FAY I . -2.68 20.49 7.23
O3B FAY I . -3.95 21.08 7.25
O3P FAY I . 1.19 22.11 10.51
C4' FAY I . 0.92 22.51 15.08
O4' FAY I . -0.49 22.44 14.96
C4A FAY I . -1.67 19.19 2.69
C4B FAY I . -1.64 21.53 6.81
O4B FAY I . -1.25 21.17 5.49
C4X FAY I . -0.70 19.79 21.34
C5' FAY I . 1.60 22.46 13.71
O5' FAY I . 0.95 23.29 12.76
C5A FAY I . -0.72 18.32 2.15
C5B FAY I . -0.44 21.60 7.75
O5B FAY I . -0.83 22.13 8.99
C5X FAY I . -0.90 17.82 20.01
C6A FAY I . -0.76 17.98 0.79
N6A FAY I . 0.10 17.12 0.27
N7A FAY I . 0.11 17.98 3.15
C7M FAY I . -2.24 14.69 18.42
C8A FAY I . -0.27 18.58 4.29
C8M FAY I . -1.14 16.13 16.11
C9A FAY I . -0.25 18.45 18.94
N9A FAY I . -1.40 19.32 4.03
C1 MPD J . -21.15 26.81 30.38
C2 MPD J . -20.02 27.16 29.41
O2 MPD J . -20.41 26.64 28.13
CM MPD J . -19.87 28.67 29.36
C3 MPD J . -18.68 26.57 29.87
C4 MPD J . -18.19 27.39 31.07
O4 MPD J . -18.80 27.02 32.30
C5 MPD J . -16.68 27.29 31.20
P FAY K . 20.48 -23.54 8.64
N1 FAY K . 13.58 -25.85 14.56
C2 FAY K . 13.07 -27.01 15.10
O2 FAY K . 12.58 -27.85 14.36
N3 FAY K . 12.89 -27.10 16.48
C4 FAY K . 12.89 -25.97 17.27
O4 FAY K . 12.29 -26.02 18.35
N5 FAY K . 13.03 -23.57 17.37
C6 FAY K . 14.26 -21.63 17.99
C7 FAY K . 15.07 -20.56 17.61
C8 FAY K . 15.80 -20.64 16.43
O8 FAY K . 17.45 -19.52 15.22
C9 FAY K . 15.55 -21.64 15.50
PA FAY K . 22.08 -21.99 10.41
C1' FAY K . 14.67 -23.59 13.47
C10 FAY K . 13.58 -24.71 15.33
N10 FAY K . 14.40 -23.68 14.93
N1A FAY K . 30.27 -15.37 7.56
O1A FAY K . 21.82 -20.67 11.09
C1B FAY K . 27.04 -18.98 9.57
O1P FAY K . 21.63 -24.40 8.24
C2' FAY K . 15.98 -24.28 13.14
O2' FAY K . 16.88 -24.11 14.20
C2A FAY K . 30.61 -16.57 8.15
O2A FAY K . 22.01 -23.17 11.35
C2B FAY K . 26.23 -18.85 10.85
O2B FAY K . 27.02 -18.41 11.93
O2P FAY K . 19.53 -23.25 7.49
C3' FAY K . 16.57 -23.62 11.89
O3' FAY K . 15.55 -23.65 10.93
N3A FAY K . 29.63 -17.42 8.63
C3B FAY K . 25.69 -20.25 11.03
O3B FAY K . 26.58 -21.07 11.76
O3P FAY K . 21.04 -22.14 9.20
C4' FAY K . 17.80 -24.35 11.37
O4' FAY K . 18.81 -24.43 12.35
C4A FAY K . 28.32 -17.07 8.53
C4B FAY K . 25.57 -20.77 9.60
O4B FAY K . 26.31 -19.88 8.77
C4X FAY K . 13.02 -24.74 16.62
C5' FAY K . 18.36 -23.65 10.14
O5' FAY K . 19.63 -24.19 9.83
C5A FAY K . 27.96 -15.87 7.94
C5B FAY K . 24.11 -20.82 9.17
O5B FAY K . 23.55 -21.96 9.78
C5X FAY K . 13.97 -22.61 17.06
C6A FAY K . 28.93 -15.00 7.44
N6A FAY K . 28.55 -14.06 6.57
N7A FAY K . 26.62 -15.78 7.97
C7M FAY K . 15.24 -19.38 18.52
C8A FAY K . 26.11 -16.89 8.55
C8M FAY K . 16.53 -19.44 15.99
C9A FAY K . 14.59 -22.61 15.79
N9A FAY K . 27.17 -17.69 8.91
C1 MPD L . -13.15 -14.76 28.84
C2 MPD L . -12.20 -15.80 28.27
O2 MPD L . -11.42 -15.20 27.19
CM MPD L . -11.22 -16.29 29.34
C3 MPD L . -13.01 -16.98 27.75
C4 MPD L . -12.12 -18.01 27.06
O4 MPD L . -12.77 -19.25 27.12
C5 MPD L . -11.90 -17.65 25.60
#